data_7Z9S
# 
_entry.id   7Z9S 
# 
_audit_conform.dict_name       mmcif_pdbx.dic 
_audit_conform.dict_version    5.406 
_audit_conform.dict_location   http://mmcif.pdb.org/dictionaries/ascii/mmcif_pdbx.dic 
# 
loop_
_database_2.database_id 
_database_2.database_code 
_database_2.pdbx_database_accession 
_database_2.pdbx_DOI 
PDB   7Z9S         pdb_00007z9s 10.2210/pdb7z9s/pdb 
WWPDB D_1292121845 ?            ?                   
# 
loop_
_pdbx_audit_revision_history.ordinal 
_pdbx_audit_revision_history.data_content_type 
_pdbx_audit_revision_history.major_revision 
_pdbx_audit_revision_history.minor_revision 
_pdbx_audit_revision_history.revision_date 
_pdbx_audit_revision_history.part_number 
1 'Structure model' 1 0 2022-11-23 ? 
2 'Structure model' 1 1 2022-12-07 ? 
3 'Structure model' 1 2 2024-01-31 ? 
4 'Structure model' 1 3 2025-10-01 ? 
# 
_pdbx_audit_revision_details.ordinal             1 
_pdbx_audit_revision_details.revision_ordinal    1 
_pdbx_audit_revision_details.data_content_type   'Structure model' 
_pdbx_audit_revision_details.provider            repository 
_pdbx_audit_revision_details.type                'Initial release' 
_pdbx_audit_revision_details.description         ? 
_pdbx_audit_revision_details.details             ? 
# 
loop_
_pdbx_audit_revision_group.ordinal 
_pdbx_audit_revision_group.revision_ordinal 
_pdbx_audit_revision_group.data_content_type 
_pdbx_audit_revision_group.group 
1 2 'Structure model' 'Database references'    
2 3 'Structure model' 'Data collection'        
3 3 'Structure model' 'Refinement description' 
4 4 'Structure model' Advisory                 
5 4 'Structure model' 'Derived calculations'   
6 4 'Structure model' 'Structure summary'      
# 
loop_
_pdbx_audit_revision_category.ordinal 
_pdbx_audit_revision_category.revision_ordinal 
_pdbx_audit_revision_category.data_content_type 
_pdbx_audit_revision_category.category 
1 2 'Structure model' citation                      
2 2 'Structure model' citation_author               
3 3 'Structure model' chem_comp_atom                
4 3 'Structure model' chem_comp_bond                
5 3 'Structure model' pdbx_initial_refinement_model 
6 4 'Structure model' pdbx_entry_details            
7 4 'Structure model' pdbx_validate_close_contact   
8 4 'Structure model' struct_conn                   
# 
loop_
_pdbx_audit_revision_item.ordinal 
_pdbx_audit_revision_item.revision_ordinal 
_pdbx_audit_revision_item.data_content_type 
_pdbx_audit_revision_item.item 
1 2 'Structure model' '_citation.journal_volume'                     
2 2 'Structure model' '_citation.page_first'                         
3 2 'Structure model' '_citation.page_last'                          
4 2 'Structure model' '_citation_author.identifier_ORCID'            
5 4 'Structure model' '_pdbx_entry_details.has_protein_modification' 
# 
_pdbx_database_status.status_code                     REL 
_pdbx_database_status.status_code_sf                  REL 
_pdbx_database_status.status_code_mr                  ? 
_pdbx_database_status.entry_id                        7Z9S 
_pdbx_database_status.recvd_initial_deposition_date   2022-03-21 
_pdbx_database_status.SG_entry                        N 
_pdbx_database_status.deposit_site                    PDBE 
_pdbx_database_status.process_site                    PDBE 
_pdbx_database_status.status_code_cs                  ? 
_pdbx_database_status.status_code_nmr_data            ? 
_pdbx_database_status.methods_development_category    ? 
_pdbx_database_status.pdb_format_compatible           N 
# 
_pdbx_contact_author.id                 2 
_pdbx_contact_author.email              martin.noble@ncl.ac.uk 
_pdbx_contact_author.name_first         Martin 
_pdbx_contact_author.name_last          Noble 
_pdbx_contact_author.name_mi            E.M 
_pdbx_contact_author.role               'principal investigator/group leader' 
_pdbx_contact_author.identifier_ORCID   0000-0002-3595-9807 
# 
loop_
_audit_author.name 
_audit_author.pdbx_ordinal 
_audit_author.identifier_ORCID 
'Turberville, S.' 1 0000-0003-2173-9675 
'Martin, M.P.'    2 0000-0003-4810-3351 
'Hope, I.'        3 ?                   
'Noble, M.E.M.'   4 0000-0002-3595-9807 
# 
_citation.abstract                  ? 
_citation.abstract_id_CAS           ? 
_citation.book_id_ISBN              ? 
_citation.book_publisher            ? 
_citation.book_publisher_city       ? 
_citation.book_title                ? 
_citation.coordinate_linkage        ? 
_citation.country                   US 
_citation.database_id_Medline       ? 
_citation.details                   ? 
_citation.id                        primary 
_citation.journal_abbrev            J.Med.Chem. 
_citation.journal_id_ASTM           JMCMAR 
_citation.journal_id_CSD            0151 
_citation.journal_id_ISSN           0022-2623 
_citation.journal_full              ? 
_citation.journal_issue             ? 
_citation.journal_volume            65 
_citation.language                  ? 
_citation.page_first                15416 
_citation.page_last                 15432 
_citation.title                     
;Mapping Ligand Interactions of Bromodomains BRD4 and ATAD2 with FragLites and PepLites&#9472;Halogenated Probes of Druglike and Peptide-like Molecular Interactions.
;
_citation.year                      2022 
_citation.database_id_CSD           ? 
_citation.pdbx_database_id_DOI      10.1021/acs.jmedchem.2c01357 
_citation.pdbx_database_id_PubMed   36367089 
_citation.pdbx_database_id_patent   ? 
_citation.unpublished_flag          ? 
# 
loop_
_citation_author.citation_id 
_citation_author.name 
_citation_author.ordinal 
_citation_author.identifier_ORCID 
primary 'Davison, G.'       1  ? 
primary 'Martin, M.P.'      2  ? 
primary 'Turberville, S.'   3  ? 
primary 'Dormen, S.'        4  ? 
primary 'Heath, R.'         5  ? 
primary 'Heptinstall, A.B.' 6  ? 
primary 'Lawson, M.'        7  ? 
primary 'Miller, D.C.'      8  ? 
primary 'Ng, Y.M.'          9  ? 
primary 'Sanderson, J.N.'   10 ? 
primary 'Hope, I.'          11 ? 
primary 'Wood, D.J.'        12 ? 
primary 'Cano, C.'          13 ? 
primary 'Endicott, J.A.'    14 ? 
primary 'Hardcastle, I.R.'  15 ? 
primary 'Noble, M.E.M.'     16 ? 
primary 'Waring, M.J.'      17 ? 
# 
loop_
_entity.id 
_entity.type 
_entity.src_method 
_entity.pdbx_description 
_entity.formula_weight 
_entity.pdbx_number_of_molecules 
_entity.pdbx_ec 
_entity.pdbx_mutation 
_entity.pdbx_fragment 
_entity.details 
1 polymer     man 'ATPase family AAA domain-containing protein 2'                      15453.514 1   3.6.1.3 ? bromodomain ? 
2 non-polymer syn 'SULFATE ION'                                                        96.063    2   ?       ? ?           ? 
3 non-polymer syn 'CHLORIDE ION'                                                       35.453    1   ?       ? ?           ? 
4 non-polymer syn '(2~{S})-2-acetamido-5-carbamimidamido-~{N}-prop-2-enyl-pentanamide' 253.301   1   ?       ? ?           ? 
5 non-polymer syn 1,2-ETHANEDIOL                                                       62.068    6   ?       ? ?           ? 
6 water       nat water                                                                18.015    197 ?       ? ?           ? 
# 
_entity_name_com.entity_id   1 
_entity_name_com.name        'AAA nuclear coregulator cancer-associated protein,ANCCA' 
# 
_entity_poly.entity_id                      1 
_entity_poly.type                           'polypeptide(L)' 
_entity_poly.nstd_linkage                   no 
_entity_poly.nstd_monomer                   no 
_entity_poly.pdbx_seq_one_letter_code       
;SMQEEDTFRELRIFLRNVTHRLAIDKRFRVFTKPVDPDEVPDYVTVIKQPMDLSSVISKIDLHKYLTVKDYLRDIDLICS
NALEYNPDRDPGDRLIRHRACALRDTAYAIIKEELDEDFEQLCEEIQESR
;
_entity_poly.pdbx_seq_one_letter_code_can   
;SMQEEDTFRELRIFLRNVTHRLAIDKRFRVFTKPVDPDEVPDYVTVIKQPMDLSSVISKIDLHKYLTVKDYLRDIDLICS
NALEYNPDRDPGDRLIRHRACALRDTAYAIIKEELDEDFEQLCEEIQESR
;
_entity_poly.pdbx_strand_id                 AAA 
_entity_poly.pdbx_target_identifier         ? 
# 
loop_
_pdbx_entity_nonpoly.entity_id 
_pdbx_entity_nonpoly.name 
_pdbx_entity_nonpoly.comp_id 
2 'SULFATE ION'                                                        SO4 
3 'CHLORIDE ION'                                                       CL  
4 '(2~{S})-2-acetamido-5-carbamimidamido-~{N}-prop-2-enyl-pentanamide' IJI 
5 1,2-ETHANEDIOL                                                       EDO 
6 water                                                                HOH 
# 
loop_
_entity_poly_seq.entity_id 
_entity_poly_seq.num 
_entity_poly_seq.mon_id 
_entity_poly_seq.hetero 
1 1   SER n 
1 2   MET n 
1 3   GLN n 
1 4   GLU n 
1 5   GLU n 
1 6   ASP n 
1 7   THR n 
1 8   PHE n 
1 9   ARG n 
1 10  GLU n 
1 11  LEU n 
1 12  ARG n 
1 13  ILE n 
1 14  PHE n 
1 15  LEU n 
1 16  ARG n 
1 17  ASN n 
1 18  VAL n 
1 19  THR n 
1 20  HIS n 
1 21  ARG n 
1 22  LEU n 
1 23  ALA n 
1 24  ILE n 
1 25  ASP n 
1 26  LYS n 
1 27  ARG n 
1 28  PHE n 
1 29  ARG n 
1 30  VAL n 
1 31  PHE n 
1 32  THR n 
1 33  LYS n 
1 34  PRO n 
1 35  VAL n 
1 36  ASP n 
1 37  PRO n 
1 38  ASP n 
1 39  GLU n 
1 40  VAL n 
1 41  PRO n 
1 42  ASP n 
1 43  TYR n 
1 44  VAL n 
1 45  THR n 
1 46  VAL n 
1 47  ILE n 
1 48  LYS n 
1 49  GLN n 
1 50  PRO n 
1 51  MET n 
1 52  ASP n 
1 53  LEU n 
1 54  SER n 
1 55  SER n 
1 56  VAL n 
1 57  ILE n 
1 58  SER n 
1 59  LYS n 
1 60  ILE n 
1 61  ASP n 
1 62  LEU n 
1 63  HIS n 
1 64  LYS n 
1 65  TYR n 
1 66  LEU n 
1 67  THR n 
1 68  VAL n 
1 69  LYS n 
1 70  ASP n 
1 71  TYR n 
1 72  LEU n 
1 73  ARG n 
1 74  ASP n 
1 75  ILE n 
1 76  ASP n 
1 77  LEU n 
1 78  ILE n 
1 79  CYS n 
1 80  SER n 
1 81  ASN n 
1 82  ALA n 
1 83  LEU n 
1 84  GLU n 
1 85  TYR n 
1 86  ASN n 
1 87  PRO n 
1 88  ASP n 
1 89  ARG n 
1 90  ASP n 
1 91  PRO n 
1 92  GLY n 
1 93  ASP n 
1 94  ARG n 
1 95  LEU n 
1 96  ILE n 
1 97  ARG n 
1 98  HIS n 
1 99  ARG n 
1 100 ALA n 
1 101 CYS n 
1 102 ALA n 
1 103 LEU n 
1 104 ARG n 
1 105 ASP n 
1 106 THR n 
1 107 ALA n 
1 108 TYR n 
1 109 ALA n 
1 110 ILE n 
1 111 ILE n 
1 112 LYS n 
1 113 GLU n 
1 114 GLU n 
1 115 LEU n 
1 116 ASP n 
1 117 GLU n 
1 118 ASP n 
1 119 PHE n 
1 120 GLU n 
1 121 GLN n 
1 122 LEU n 
1 123 CYS n 
1 124 GLU n 
1 125 GLU n 
1 126 ILE n 
1 127 GLN n 
1 128 GLU n 
1 129 SER n 
1 130 ARG n 
# 
_entity_src_gen.entity_id                          1 
_entity_src_gen.pdbx_src_id                        1 
_entity_src_gen.pdbx_alt_source_flag               sample 
_entity_src_gen.pdbx_seq_type                      'Biological sequence' 
_entity_src_gen.pdbx_beg_seq_num                   1 
_entity_src_gen.pdbx_end_seq_num                   130 
_entity_src_gen.gene_src_common_name               human 
_entity_src_gen.gene_src_genus                     ? 
_entity_src_gen.pdbx_gene_src_gene                 'ATAD2, L16, PRO2000' 
_entity_src_gen.gene_src_species                   ? 
_entity_src_gen.gene_src_strain                    ? 
_entity_src_gen.gene_src_tissue                    ? 
_entity_src_gen.gene_src_tissue_fraction           ? 
_entity_src_gen.gene_src_details                   ? 
_entity_src_gen.pdbx_gene_src_fragment             ? 
_entity_src_gen.pdbx_gene_src_scientific_name      'Homo sapiens' 
_entity_src_gen.pdbx_gene_src_ncbi_taxonomy_id     9606 
_entity_src_gen.pdbx_gene_src_variant              ? 
_entity_src_gen.pdbx_gene_src_cell_line            ? 
_entity_src_gen.pdbx_gene_src_atcc                 ? 
_entity_src_gen.pdbx_gene_src_organ                ? 
_entity_src_gen.pdbx_gene_src_organelle            ? 
_entity_src_gen.pdbx_gene_src_cell                 ? 
_entity_src_gen.pdbx_gene_src_cellular_location    ? 
_entity_src_gen.host_org_common_name               ? 
_entity_src_gen.pdbx_host_org_scientific_name      'Escherichia coli BL21(DE3)' 
_entity_src_gen.pdbx_host_org_ncbi_taxonomy_id     469008 
_entity_src_gen.host_org_genus                     ? 
_entity_src_gen.pdbx_host_org_gene                 ? 
_entity_src_gen.pdbx_host_org_organ                ? 
_entity_src_gen.host_org_species                   ? 
_entity_src_gen.pdbx_host_org_tissue               ? 
_entity_src_gen.pdbx_host_org_tissue_fraction      ? 
_entity_src_gen.pdbx_host_org_strain               ? 
_entity_src_gen.pdbx_host_org_variant              ? 
_entity_src_gen.pdbx_host_org_cell_line            ? 
_entity_src_gen.pdbx_host_org_atcc                 ? 
_entity_src_gen.pdbx_host_org_culture_collection   ? 
_entity_src_gen.pdbx_host_org_cell                 ? 
_entity_src_gen.pdbx_host_org_organelle            ? 
_entity_src_gen.pdbx_host_org_cellular_location    ? 
_entity_src_gen.pdbx_host_org_vector_type          ? 
_entity_src_gen.pdbx_host_org_vector               ? 
_entity_src_gen.host_org_details                   ? 
_entity_src_gen.expression_system_id               ? 
_entity_src_gen.plasmid_name                       pET28b 
_entity_src_gen.plasmid_details                    ? 
_entity_src_gen.pdbx_description                   ? 
# 
loop_
_chem_comp.id 
_chem_comp.type 
_chem_comp.mon_nstd_flag 
_chem_comp.name 
_chem_comp.pdbx_synonyms 
_chem_comp.formula 
_chem_comp.formula_weight 
ALA 'L-peptide linking' y ALANINE                                                              ?                 'C3 H7 N O2'     
89.093  
ARG 'L-peptide linking' y ARGININE                                                             ?                 'C6 H15 N4 O2 1' 
175.209 
ASN 'L-peptide linking' y ASPARAGINE                                                           ?                 'C4 H8 N2 O3'    
132.118 
ASP 'L-peptide linking' y 'ASPARTIC ACID'                                                      ?                 'C4 H7 N O4'     
133.103 
CL  non-polymer         . 'CHLORIDE ION'                                                       ?                 'Cl -1'          
35.453  
CYS 'L-peptide linking' y CYSTEINE                                                             ?                 'C3 H7 N O2 S'   
121.158 
EDO non-polymer         . 1,2-ETHANEDIOL                                                       'ETHYLENE GLYCOL' 'C2 H6 O2'       
62.068  
GLN 'L-peptide linking' y GLUTAMINE                                                            ?                 'C5 H10 N2 O3'   
146.144 
GLU 'L-peptide linking' y 'GLUTAMIC ACID'                                                      ?                 'C5 H9 N O4'     
147.129 
GLY 'peptide linking'   y GLYCINE                                                              ?                 'C2 H5 N O2'     
75.067  
HIS 'L-peptide linking' y HISTIDINE                                                            ?                 'C6 H10 N3 O2 1' 
156.162 
HOH non-polymer         . WATER                                                                ?                 'H2 O'           
18.015  
IJI non-polymer         . '(2~{S})-2-acetamido-5-carbamimidamido-~{N}-prop-2-enyl-pentanamide' ?                 'C11 H19 N5 O2'  
253.301 
ILE 'L-peptide linking' y ISOLEUCINE                                                           ?                 'C6 H13 N O2'    
131.173 
LEU 'L-peptide linking' y LEUCINE                                                              ?                 'C6 H13 N O2'    
131.173 
LYS 'L-peptide linking' y LYSINE                                                               ?                 'C6 H15 N2 O2 1' 
147.195 
MET 'L-peptide linking' y METHIONINE                                                           ?                 'C5 H11 N O2 S'  
149.211 
PHE 'L-peptide linking' y PHENYLALANINE                                                        ?                 'C9 H11 N O2'    
165.189 
PRO 'L-peptide linking' y PROLINE                                                              ?                 'C5 H9 N O2'     
115.130 
SER 'L-peptide linking' y SERINE                                                               ?                 'C3 H7 N O3'     
105.093 
SO4 non-polymer         . 'SULFATE ION'                                                        ?                 'O4 S -2'        
96.063  
THR 'L-peptide linking' y THREONINE                                                            ?                 'C4 H9 N O3'     
119.119 
TYR 'L-peptide linking' y TYROSINE                                                             ?                 'C9 H11 N O3'    
181.189 
VAL 'L-peptide linking' y VALINE                                                               ?                 'C5 H11 N O2'    
117.146 
# 
loop_
_pdbx_poly_seq_scheme.asym_id 
_pdbx_poly_seq_scheme.entity_id 
_pdbx_poly_seq_scheme.seq_id 
_pdbx_poly_seq_scheme.mon_id 
_pdbx_poly_seq_scheme.ndb_seq_num 
_pdbx_poly_seq_scheme.pdb_seq_num 
_pdbx_poly_seq_scheme.auth_seq_num 
_pdbx_poly_seq_scheme.pdb_mon_id 
_pdbx_poly_seq_scheme.auth_mon_id 
_pdbx_poly_seq_scheme.pdb_strand_id 
_pdbx_poly_seq_scheme.pdb_ins_code 
_pdbx_poly_seq_scheme.hetero 
A 1 1   SER 1   979  979  SER SER AAA . n 
A 1 2   MET 2   980  980  MET MET AAA . n 
A 1 3   GLN 3   981  981  GLN GLN AAA . n 
A 1 4   GLU 4   982  982  GLU GLU AAA . n 
A 1 5   GLU 5   983  983  GLU GLU AAA . n 
A 1 6   ASP 6   984  984  ASP ASP AAA . n 
A 1 7   THR 7   985  985  THR THR AAA . n 
A 1 8   PHE 8   986  986  PHE PHE AAA . n 
A 1 9   ARG 9   987  987  ARG ARG AAA . n 
A 1 10  GLU 10  988  988  GLU GLU AAA . n 
A 1 11  LEU 11  989  989  LEU LEU AAA . n 
A 1 12  ARG 12  990  990  ARG ARG AAA . n 
A 1 13  ILE 13  991  991  ILE ILE AAA . n 
A 1 14  PHE 14  992  992  PHE PHE AAA . n 
A 1 15  LEU 15  993  993  LEU LEU AAA . n 
A 1 16  ARG 16  994  994  ARG ARG AAA . n 
A 1 17  ASN 17  995  995  ASN ASN AAA . n 
A 1 18  VAL 18  996  996  VAL VAL AAA . n 
A 1 19  THR 19  997  997  THR THR AAA . n 
A 1 20  HIS 20  998  998  HIS HIS AAA . n 
A 1 21  ARG 21  999  999  ARG ARG AAA . n 
A 1 22  LEU 22  1000 1000 LEU LEU AAA . n 
A 1 23  ALA 23  1001 1001 ALA ALA AAA . n 
A 1 24  ILE 24  1002 1002 ILE ILE AAA . n 
A 1 25  ASP 25  1003 1003 ASP ASP AAA . n 
A 1 26  LYS 26  1004 1004 LYS LYS AAA . n 
A 1 27  ARG 27  1005 1005 ARG ARG AAA . n 
A 1 28  PHE 28  1006 1006 PHE PHE AAA . n 
A 1 29  ARG 29  1007 1007 ARG ARG AAA . n 
A 1 30  VAL 30  1008 1008 VAL VAL AAA . n 
A 1 31  PHE 31  1009 1009 PHE PHE AAA . n 
A 1 32  THR 32  1010 1010 THR THR AAA . n 
A 1 33  LYS 33  1011 1011 LYS LYS AAA . n 
A 1 34  PRO 34  1012 1012 PRO PRO AAA . n 
A 1 35  VAL 35  1013 1013 VAL VAL AAA . n 
A 1 36  ASP 36  1014 1014 ASP ASP AAA . n 
A 1 37  PRO 37  1015 1015 PRO PRO AAA . n 
A 1 38  ASP 38  1016 1016 ASP ASP AAA . n 
A 1 39  GLU 39  1017 1017 GLU GLU AAA . n 
A 1 40  VAL 40  1018 1018 VAL VAL AAA . n 
A 1 41  PRO 41  1019 1019 PRO PRO AAA . n 
A 1 42  ASP 42  1020 1020 ASP ASP AAA . n 
A 1 43  TYR 43  1021 1021 TYR TYR AAA . n 
A 1 44  VAL 44  1022 1022 VAL VAL AAA . n 
A 1 45  THR 45  1023 1023 THR THR AAA . n 
A 1 46  VAL 46  1024 1024 VAL VAL AAA . n 
A 1 47  ILE 47  1025 1025 ILE ILE AAA . n 
A 1 48  LYS 48  1026 1026 LYS LYS AAA . n 
A 1 49  GLN 49  1027 1027 GLN GLN AAA . n 
A 1 50  PRO 50  1028 1028 PRO PRO AAA . n 
A 1 51  MET 51  1029 1029 MET MET AAA . n 
A 1 52  ASP 52  1030 1030 ASP ASP AAA . n 
A 1 53  LEU 53  1031 1031 LEU LEU AAA . n 
A 1 54  SER 54  1032 1032 SER SER AAA . n 
A 1 55  SER 55  1033 1033 SER SER AAA . n 
A 1 56  VAL 56  1034 1034 VAL VAL AAA . n 
A 1 57  ILE 57  1035 1035 ILE ILE AAA . n 
A 1 58  SER 58  1036 1036 SER SER AAA . n 
A 1 59  LYS 59  1037 1037 LYS LYS AAA . n 
A 1 60  ILE 60  1038 1038 ILE ILE AAA . n 
A 1 61  ASP 61  1039 1039 ASP ASP AAA . n 
A 1 62  LEU 62  1040 1040 LEU LEU AAA . n 
A 1 63  HIS 63  1041 1041 HIS HIS AAA . n 
A 1 64  LYS 64  1042 1042 LYS LYS AAA . n 
A 1 65  TYR 65  1043 1043 TYR TYR AAA . n 
A 1 66  LEU 66  1044 1044 LEU LEU AAA . n 
A 1 67  THR 67  1045 1045 THR THR AAA . n 
A 1 68  VAL 68  1046 1046 VAL VAL AAA . n 
A 1 69  LYS 69  1047 1047 LYS LYS AAA . n 
A 1 70  ASP 70  1048 1048 ASP ASP AAA . n 
A 1 71  TYR 71  1049 1049 TYR TYR AAA . n 
A 1 72  LEU 72  1050 1050 LEU LEU AAA . n 
A 1 73  ARG 73  1051 1051 ARG ARG AAA . n 
A 1 74  ASP 74  1052 1052 ASP ASP AAA . n 
A 1 75  ILE 75  1053 1053 ILE ILE AAA . n 
A 1 76  ASP 76  1054 1054 ASP ASP AAA . n 
A 1 77  LEU 77  1055 1055 LEU LEU AAA . n 
A 1 78  ILE 78  1056 1056 ILE ILE AAA . n 
A 1 79  CYS 79  1057 1057 CYS CYS AAA . n 
A 1 80  SER 80  1058 1058 SER SER AAA . n 
A 1 81  ASN 81  1059 1059 ASN ASN AAA . n 
A 1 82  ALA 82  1060 1060 ALA ALA AAA . n 
A 1 83  LEU 83  1061 1061 LEU LEU AAA . n 
A 1 84  GLU 84  1062 1062 GLU GLU AAA . n 
A 1 85  TYR 85  1063 1063 TYR TYR AAA . n 
A 1 86  ASN 86  1064 1064 ASN ASN AAA . n 
A 1 87  PRO 87  1065 1065 PRO PRO AAA . n 
A 1 88  ASP 88  1066 1066 ASP ASP AAA . n 
A 1 89  ARG 89  1067 1067 ARG ARG AAA . n 
A 1 90  ASP 90  1068 1068 ASP ASP AAA . n 
A 1 91  PRO 91  1069 1069 PRO PRO AAA . n 
A 1 92  GLY 92  1070 1070 GLY GLY AAA . n 
A 1 93  ASP 93  1071 1071 ASP ASP AAA . n 
A 1 94  ARG 94  1072 1072 ARG ARG AAA . n 
A 1 95  LEU 95  1073 1073 LEU LEU AAA . n 
A 1 96  ILE 96  1074 1074 ILE ILE AAA . n 
A 1 97  ARG 97  1075 1075 ARG ARG AAA . n 
A 1 98  HIS 98  1076 1076 HIS HIS AAA . n 
A 1 99  ARG 99  1077 1077 ARG ARG AAA . n 
A 1 100 ALA 100 1078 1078 ALA ALA AAA . n 
A 1 101 CYS 101 1079 1079 CYS CYS AAA . n 
A 1 102 ALA 102 1080 1080 ALA ALA AAA . n 
A 1 103 LEU 103 1081 1081 LEU LEU AAA . n 
A 1 104 ARG 104 1082 1082 ARG ARG AAA . n 
A 1 105 ASP 105 1083 1083 ASP ASP AAA . n 
A 1 106 THR 106 1084 1084 THR THR AAA . n 
A 1 107 ALA 107 1085 1085 ALA ALA AAA . n 
A 1 108 TYR 108 1086 1086 TYR TYR AAA . n 
A 1 109 ALA 109 1087 1087 ALA ALA AAA . n 
A 1 110 ILE 110 1088 1088 ILE ILE AAA . n 
A 1 111 ILE 111 1089 1089 ILE ILE AAA . n 
A 1 112 LYS 112 1090 1090 LYS LYS AAA . n 
A 1 113 GLU 113 1091 1091 GLU GLU AAA . n 
A 1 114 GLU 114 1092 1092 GLU GLU AAA . n 
A 1 115 LEU 115 1093 1093 LEU LEU AAA . n 
A 1 116 ASP 116 1094 1094 ASP ASP AAA . n 
A 1 117 GLU 117 1095 1095 GLU GLU AAA . n 
A 1 118 ASP 118 1096 1096 ASP ASP AAA . n 
A 1 119 PHE 119 1097 1097 PHE PHE AAA . n 
A 1 120 GLU 120 1098 1098 GLU GLU AAA . n 
A 1 121 GLN 121 1099 1099 GLN GLN AAA . n 
A 1 122 LEU 122 1100 1100 LEU LEU AAA . n 
A 1 123 CYS 123 1101 1101 CYS CYS AAA . n 
A 1 124 GLU 124 1102 1102 GLU GLU AAA . n 
A 1 125 GLU 125 1103 1103 GLU GLU AAA . n 
A 1 126 ILE 126 1104 1104 ILE ILE AAA . n 
A 1 127 GLN 127 1105 1105 GLN GLN AAA . n 
A 1 128 GLU 128 1106 1106 GLU GLU AAA . n 
A 1 129 SER 129 1107 1107 SER SER AAA . n 
A 1 130 ARG 130 1108 1108 ARG ARG AAA . n 
# 
_pdbx_entity_instance_feature.ordinal        1 
_pdbx_entity_instance_feature.comp_id        IJI 
_pdbx_entity_instance_feature.asym_id        ? 
_pdbx_entity_instance_feature.seq_num        ? 
_pdbx_entity_instance_feature.auth_comp_id   IJI 
_pdbx_entity_instance_feature.auth_asym_id   ? 
_pdbx_entity_instance_feature.auth_seq_num   ? 
_pdbx_entity_instance_feature.feature_type   'SUBJECT OF INVESTIGATION' 
_pdbx_entity_instance_feature.details        ? 
# 
loop_
_pdbx_nonpoly_scheme.asym_id 
_pdbx_nonpoly_scheme.entity_id 
_pdbx_nonpoly_scheme.mon_id 
_pdbx_nonpoly_scheme.ndb_seq_num 
_pdbx_nonpoly_scheme.pdb_seq_num 
_pdbx_nonpoly_scheme.auth_seq_num 
_pdbx_nonpoly_scheme.pdb_mon_id 
_pdbx_nonpoly_scheme.auth_mon_id 
_pdbx_nonpoly_scheme.pdb_strand_id 
_pdbx_nonpoly_scheme.pdb_ins_code 
B 2 SO4 1   1201 1    SO4 SO4 AAA . 
C 3 CL  1   1202 1109 CL  CL  AAA . 
D 4 IJI 1   1203 1110 IJI DRG AAA . 
E 5 EDO 1   1204 1    EDO EDO AAA . 
F 5 EDO 1   1205 2    EDO EDO AAA . 
G 5 EDO 1   1206 3    EDO EDO AAA . 
H 5 EDO 1   1207 4    EDO EDO AAA . 
I 5 EDO 1   1208 5    EDO EDO AAA . 
J 5 EDO 1   1209 6    EDO EDO AAA . 
K 2 SO4 1   1210 1    SO4 SO4 AAA . 
L 6 HOH 1   1301 144  HOH HOH AAA . 
L 6 HOH 2   1302 213  HOH HOH AAA . 
L 6 HOH 3   1303 178  HOH HOH AAA . 
L 6 HOH 4   1304 164  HOH HOH AAA . 
L 6 HOH 5   1305 166  HOH HOH AAA . 
L 6 HOH 6   1306 158  HOH HOH AAA . 
L 6 HOH 7   1307 67   HOH HOH AAA . 
L 6 HOH 8   1308 159  HOH HOH AAA . 
L 6 HOH 9   1309 65   HOH HOH AAA . 
L 6 HOH 10  1310 237  HOH HOH AAA . 
L 6 HOH 11  1311 100  HOH HOH AAA . 
L 6 HOH 12  1312 150  HOH HOH AAA . 
L 6 HOH 13  1313 215  HOH HOH AAA . 
L 6 HOH 14  1314 47   HOH HOH AAA . 
L 6 HOH 15  1315 124  HOH HOH AAA . 
L 6 HOH 16  1316 49   HOH HOH AAA . 
L 6 HOH 17  1317 147  HOH HOH AAA . 
L 6 HOH 18  1318 175  HOH HOH AAA . 
L 6 HOH 19  1319 95   HOH HOH AAA . 
L 6 HOH 20  1320 23   HOH HOH AAA . 
L 6 HOH 21  1321 69   HOH HOH AAA . 
L 6 HOH 22  1322 55   HOH HOH AAA . 
L 6 HOH 23  1323 14   HOH HOH AAA . 
L 6 HOH 24  1324 77   HOH HOH AAA . 
L 6 HOH 25  1325 149  HOH HOH AAA . 
L 6 HOH 26  1326 42   HOH HOH AAA . 
L 6 HOH 27  1327 54   HOH HOH AAA . 
L 6 HOH 28  1328 240  HOH HOH AAA . 
L 6 HOH 29  1329 51   HOH HOH AAA . 
L 6 HOH 30  1330 13   HOH HOH AAA . 
L 6 HOH 31  1331 98   HOH HOH AAA . 
L 6 HOH 32  1332 22   HOH HOH AAA . 
L 6 HOH 33  1333 32   HOH HOH AAA . 
L 6 HOH 34  1334 12   HOH HOH AAA . 
L 6 HOH 35  1335 235  HOH HOH AAA . 
L 6 HOH 36  1336 176  HOH HOH AAA . 
L 6 HOH 37  1337 1    HOH HOH AAA . 
L 6 HOH 38  1338 33   HOH HOH AAA . 
L 6 HOH 39  1339 17   HOH HOH AAA . 
L 6 HOH 40  1340 15   HOH HOH AAA . 
L 6 HOH 41  1341 241  HOH HOH AAA . 
L 6 HOH 42  1342 170  HOH HOH AAA . 
L 6 HOH 43  1343 8    HOH HOH AAA . 
L 6 HOH 44  1344 126  HOH HOH AAA . 
L 6 HOH 45  1345 114  HOH HOH AAA . 
L 6 HOH 46  1346 193  HOH HOH AAA . 
L 6 HOH 47  1347 71   HOH HOH AAA . 
L 6 HOH 48  1348 93   HOH HOH AAA . 
L 6 HOH 49  1349 220  HOH HOH AAA . 
L 6 HOH 50  1350 120  HOH HOH AAA . 
L 6 HOH 51  1351 234  HOH HOH AAA . 
L 6 HOH 52  1352 226  HOH HOH AAA . 
L 6 HOH 53  1353 61   HOH HOH AAA . 
L 6 HOH 54  1354 107  HOH HOH AAA . 
L 6 HOH 55  1355 37   HOH HOH AAA . 
L 6 HOH 56  1356 87   HOH HOH AAA . 
L 6 HOH 57  1357 121  HOH HOH AAA . 
L 6 HOH 58  1358 91   HOH HOH AAA . 
L 6 HOH 59  1359 73   HOH HOH AAA . 
L 6 HOH 60  1360 72   HOH HOH AAA . 
L 6 HOH 61  1361 78   HOH HOH AAA . 
L 6 HOH 62  1362 238  HOH HOH AAA . 
L 6 HOH 63  1363 118  HOH HOH AAA . 
L 6 HOH 64  1364 36   HOH HOH AAA . 
L 6 HOH 65  1365 2    HOH HOH AAA . 
L 6 HOH 66  1366 129  HOH HOH AAA . 
L 6 HOH 67  1367 29   HOH HOH AAA . 
L 6 HOH 68  1368 39   HOH HOH AAA . 
L 6 HOH 69  1369 19   HOH HOH AAA . 
L 6 HOH 70  1370 38   HOH HOH AAA . 
L 6 HOH 71  1371 243  HOH HOH AAA . 
L 6 HOH 72  1372 11   HOH HOH AAA . 
L 6 HOH 73  1373 34   HOH HOH AAA . 
L 6 HOH 74  1374 113  HOH HOH AAA . 
L 6 HOH 75  1375 123  HOH HOH AAA . 
L 6 HOH 76  1376 160  HOH HOH AAA . 
L 6 HOH 77  1377 53   HOH HOH AAA . 
L 6 HOH 78  1378 24   HOH HOH AAA . 
L 6 HOH 79  1379 244  HOH HOH AAA . 
L 6 HOH 80  1380 40   HOH HOH AAA . 
L 6 HOH 81  1381 128  HOH HOH AAA . 
L 6 HOH 82  1382 18   HOH HOH AAA . 
L 6 HOH 83  1383 110  HOH HOH AAA . 
L 6 HOH 84  1384 97   HOH HOH AAA . 
L 6 HOH 85  1385 89   HOH HOH AAA . 
L 6 HOH 86  1386 21   HOH HOH AAA . 
L 6 HOH 87  1387 58   HOH HOH AAA . 
L 6 HOH 88  1388 239  HOH HOH AAA . 
L 6 HOH 89  1389 48   HOH HOH AAA . 
L 6 HOH 90  1390 197  HOH HOH AAA . 
L 6 HOH 91  1391 173  HOH HOH AAA . 
L 6 HOH 92  1392 108  HOH HOH AAA . 
L 6 HOH 93  1393 125  HOH HOH AAA . 
L 6 HOH 94  1394 222  HOH HOH AAA . 
L 6 HOH 95  1395 145  HOH HOH AAA . 
L 6 HOH 96  1396 161  HOH HOH AAA . 
L 6 HOH 97  1397 20   HOH HOH AAA . 
L 6 HOH 98  1398 75   HOH HOH AAA . 
L 6 HOH 99  1399 3    HOH HOH AAA . 
L 6 HOH 100 1400 50   HOH HOH AAA . 
L 6 HOH 101 1401 52   HOH HOH AAA . 
L 6 HOH 102 1402 4    HOH HOH AAA . 
L 6 HOH 103 1403 26   HOH HOH AAA . 
L 6 HOH 104 1404 35   HOH HOH AAA . 
L 6 HOH 105 1405 242  HOH HOH AAA . 
L 6 HOH 106 1406 57   HOH HOH AAA . 
L 6 HOH 107 1407 79   HOH HOH AAA . 
L 6 HOH 108 1408 236  HOH HOH AAA . 
L 6 HOH 109 1409 117  HOH HOH AAA . 
L 6 HOH 110 1410 86   HOH HOH AAA . 
L 6 HOH 111 1411 153  HOH HOH AAA . 
L 6 HOH 112 1412 224  HOH HOH AAA . 
L 6 HOH 113 1413 133  HOH HOH AAA . 
L 6 HOH 114 1414 6    HOH HOH AAA . 
L 6 HOH 115 1415 84   HOH HOH AAA . 
L 6 HOH 116 1416 76   HOH HOH AAA . 
L 6 HOH 117 1417 106  HOH HOH AAA . 
L 6 HOH 118 1418 105  HOH HOH AAA . 
L 6 HOH 119 1419 122  HOH HOH AAA . 
L 6 HOH 120 1420 88   HOH HOH AAA . 
L 6 HOH 121 1421 221  HOH HOH AAA . 
L 6 HOH 122 1422 169  HOH HOH AAA . 
L 6 HOH 123 1423 43   HOH HOH AAA . 
L 6 HOH 124 1424 25   HOH HOH AAA . 
L 6 HOH 125 1425 139  HOH HOH AAA . 
L 6 HOH 126 1426 64   HOH HOH AAA . 
L 6 HOH 127 1427 66   HOH HOH AAA . 
L 6 HOH 128 1428 59   HOH HOH AAA . 
L 6 HOH 129 1429 90   HOH HOH AAA . 
L 6 HOH 130 1430 188  HOH HOH AAA . 
L 6 HOH 131 1431 74   HOH HOH AAA . 
L 6 HOH 132 1432 9    HOH HOH AAA . 
L 6 HOH 133 1433 195  HOH HOH AAA . 
L 6 HOH 134 1434 127  HOH HOH AAA . 
L 6 HOH 135 1435 189  HOH HOH AAA . 
L 6 HOH 136 1436 135  HOH HOH AAA . 
L 6 HOH 137 1437 94   HOH HOH AAA . 
L 6 HOH 138 1438 225  HOH HOH AAA . 
L 6 HOH 139 1439 174  HOH HOH AAA . 
L 6 HOH 140 1440 217  HOH HOH AAA . 
L 6 HOH 141 1441 151  HOH HOH AAA . 
L 6 HOH 142 1442 131  HOH HOH AAA . 
L 6 HOH 143 1443 171  HOH HOH AAA . 
L 6 HOH 144 1444 186  HOH HOH AAA . 
L 6 HOH 145 1445 155  HOH HOH AAA . 
L 6 HOH 146 1446 202  HOH HOH AAA . 
L 6 HOH 147 1447 80   HOH HOH AAA . 
L 6 HOH 148 1448 172  HOH HOH AAA . 
L 6 HOH 149 1449 208  HOH HOH AAA . 
L 6 HOH 150 1450 92   HOH HOH AAA . 
L 6 HOH 151 1451 16   HOH HOH AAA . 
L 6 HOH 152 1452 28   HOH HOH AAA . 
L 6 HOH 153 1453 112  HOH HOH AAA . 
L 6 HOH 154 1454 7    HOH HOH AAA . 
L 6 HOH 155 1455 81   HOH HOH AAA . 
L 6 HOH 156 1456 168  HOH HOH AAA . 
L 6 HOH 157 1457 204  HOH HOH AAA . 
L 6 HOH 158 1458 68   HOH HOH AAA . 
L 6 HOH 159 1459 27   HOH HOH AAA . 
L 6 HOH 160 1460 119  HOH HOH AAA . 
L 6 HOH 161 1461 82   HOH HOH AAA . 
L 6 HOH 162 1462 219  HOH HOH AAA . 
L 6 HOH 163 1463 184  HOH HOH AAA . 
L 6 HOH 164 1464 137  HOH HOH AAA . 
L 6 HOH 165 1465 218  HOH HOH AAA . 
L 6 HOH 166 1466 227  HOH HOH AAA . 
L 6 HOH 167 1467 63   HOH HOH AAA . 
L 6 HOH 168 1468 198  HOH HOH AAA . 
L 6 HOH 169 1469 30   HOH HOH AAA . 
L 6 HOH 170 1470 190  HOH HOH AAA . 
L 6 HOH 171 1471 46   HOH HOH AAA . 
L 6 HOH 172 1472 99   HOH HOH AAA . 
L 6 HOH 173 1473 141  HOH HOH AAA . 
L 6 HOH 174 1474 115  HOH HOH AAA . 
L 6 HOH 175 1475 5    HOH HOH AAA . 
L 6 HOH 176 1476 191  HOH HOH AAA . 
L 6 HOH 177 1477 62   HOH HOH AAA . 
L 6 HOH 178 1478 56   HOH HOH AAA . 
L 6 HOH 179 1479 103  HOH HOH AAA . 
L 6 HOH 180 1480 136  HOH HOH AAA . 
L 6 HOH 181 1481 165  HOH HOH AAA . 
L 6 HOH 182 1482 101  HOH HOH AAA . 
L 6 HOH 183 1483 140  HOH HOH AAA . 
L 6 HOH 184 1484 177  HOH HOH AAA . 
L 6 HOH 185 1485 60   HOH HOH AAA . 
L 6 HOH 186 1486 45   HOH HOH AAA . 
L 6 HOH 187 1487 143  HOH HOH AAA . 
L 6 HOH 188 1488 233  HOH HOH AAA . 
L 6 HOH 189 1489 205  HOH HOH AAA . 
L 6 HOH 190 1490 44   HOH HOH AAA . 
L 6 HOH 191 1491 148  HOH HOH AAA . 
L 6 HOH 192 1492 138  HOH HOH AAA . 
L 6 HOH 193 1493 232  HOH HOH AAA . 
L 6 HOH 194 1494 70   HOH HOH AAA . 
L 6 HOH 195 1495 154  HOH HOH AAA . 
L 6 HOH 196 1496 216  HOH HOH AAA . 
L 6 HOH 197 1497 116  HOH HOH AAA . 
# 
loop_
_software.citation_id 
_software.classification 
_software.compiler_name 
_software.compiler_version 
_software.contact_author 
_software.contact_author_email 
_software.date 
_software.description 
_software.dependencies 
_software.hardware 
_software.language 
_software.location 
_software.mods 
_software.name 
_software.os 
_software.os_version 
_software.type 
_software.version 
_software.pdbx_ordinal 
? refinement       ? ? ? ? ? ? ? ? ? ? ? REFMAC  ? ? ? 5.8.0258 1 
? refinement       ? ? ? ? ? ? ? ? ? ? ? REFMAC  ? ? ? 5.8.0258 2 
? 'data scaling'   ? ? ? ? ? ? ? ? ? ? ? Aimless ? ? ? 0.7.4    3 
? 'data reduction' ? ? ? ? ? ? ? ? ? ? ? xia2    ? ? ? .        4 
? phasing          ? ? ? ? ? ? ? ? ? ? ? PHASER  ? ? ? .        5 
# 
_cell.angle_alpha                  90.000 
_cell.angle_alpha_esd              ? 
_cell.angle_beta                   90.000 
_cell.angle_beta_esd               ? 
_cell.angle_gamma                  120.000 
_cell.angle_gamma_esd              ? 
_cell.entry_id                     7Z9S 
_cell.details                      ? 
_cell.formula_units_Z              ? 
_cell.length_a                     79.370 
_cell.length_a_esd                 ? 
_cell.length_b                     79.370 
_cell.length_b_esd                 ? 
_cell.length_c                     137.288 
_cell.length_c_esd                 ? 
_cell.volume                       ? 
_cell.volume_esd                   ? 
_cell.Z_PDB                        12 
_cell.reciprocal_angle_alpha       ? 
_cell.reciprocal_angle_beta        ? 
_cell.reciprocal_angle_gamma       ? 
_cell.reciprocal_angle_alpha_esd   ? 
_cell.reciprocal_angle_beta_esd    ? 
_cell.reciprocal_angle_gamma_esd   ? 
_cell.reciprocal_length_a          ? 
_cell.reciprocal_length_b          ? 
_cell.reciprocal_length_c          ? 
_cell.reciprocal_length_a_esd      ? 
_cell.reciprocal_length_b_esd      ? 
_cell.reciprocal_length_c_esd      ? 
_cell.pdbx_unique_axis             ? 
# 
_symmetry.entry_id                         7Z9S 
_symmetry.cell_setting                     ? 
_symmetry.Int_Tables_number                179 
_symmetry.space_group_name_Hall            ? 
_symmetry.space_group_name_H-M             'P 65 2 2' 
_symmetry.pdbx_full_space_group_name_H-M   ? 
# 
_exptl.absorpt_coefficient_mu     ? 
_exptl.absorpt_correction_T_max   ? 
_exptl.absorpt_correction_T_min   ? 
_exptl.absorpt_correction_type    ? 
_exptl.absorpt_process_details    ? 
_exptl.entry_id                   7Z9S 
_exptl.crystals_number            1 
_exptl.details                    ? 
_exptl.method                     'X-RAY DIFFRACTION' 
_exptl.method_details             ? 
# 
_exptl_crystal.colour                      ? 
_exptl_crystal.density_diffrn              ? 
_exptl_crystal.density_Matthews            ? 
_exptl_crystal.density_method              ? 
_exptl_crystal.density_percent_sol         ? 
_exptl_crystal.description                 ? 
_exptl_crystal.F_000                       ? 
_exptl_crystal.id                          1 
_exptl_crystal.preparation                 ? 
_exptl_crystal.size_max                    ? 
_exptl_crystal.size_mid                    ? 
_exptl_crystal.size_min                    ? 
_exptl_crystal.size_rad                    ? 
_exptl_crystal.colour_lustre               ? 
_exptl_crystal.colour_modifier             ? 
_exptl_crystal.colour_primary              ? 
_exptl_crystal.density_meas                ? 
_exptl_crystal.density_meas_esd            ? 
_exptl_crystal.density_meas_gt             ? 
_exptl_crystal.density_meas_lt             ? 
_exptl_crystal.density_meas_temp           ? 
_exptl_crystal.density_meas_temp_esd       ? 
_exptl_crystal.density_meas_temp_gt        ? 
_exptl_crystal.density_meas_temp_lt        ? 
_exptl_crystal.pdbx_crystal_image_url      ? 
_exptl_crystal.pdbx_crystal_image_format   ? 
_exptl_crystal.pdbx_mosaicity              ? 
_exptl_crystal.pdbx_mosaicity_esd          ? 
# 
_exptl_crystal_grow.apparatus       ? 
_exptl_crystal_grow.atmosphere      ? 
_exptl_crystal_grow.crystal_id      1 
_exptl_crystal_grow.details         ? 
_exptl_crystal_grow.method          'VAPOR DIFFUSION, HANGING DROP' 
_exptl_crystal_grow.method_ref      ? 
_exptl_crystal_grow.pH              6.5 
_exptl_crystal_grow.pressure        ? 
_exptl_crystal_grow.pressure_esd    ? 
_exptl_crystal_grow.seeding         ? 
_exptl_crystal_grow.seeding_ref     ? 
_exptl_crystal_grow.temp            293 
_exptl_crystal_grow.temp_details    ? 
_exptl_crystal_grow.temp_esd        ? 
_exptl_crystal_grow.time            ? 
_exptl_crystal_grow.pdbx_details    '0.1M BisTris pH 6-7, 1.7-2.1M Ammonium sulphate' 
_exptl_crystal_grow.pdbx_pH_range   6-7 
# 
_diffrn.ambient_environment              ? 
_diffrn.ambient_temp                     100 
_diffrn.ambient_temp_details             ? 
_diffrn.ambient_temp_esd                 ? 
_diffrn.crystal_id                       1 
_diffrn.crystal_support                  ? 
_diffrn.crystal_treatment                ? 
_diffrn.details                          ? 
_diffrn.id                               1 
_diffrn.ambient_pressure                 ? 
_diffrn.ambient_pressure_esd             ? 
_diffrn.ambient_pressure_gt              ? 
_diffrn.ambient_pressure_lt              ? 
_diffrn.ambient_temp_gt                  ? 
_diffrn.ambient_temp_lt                  ? 
_diffrn.pdbx_serial_crystal_experiment   N 
# 
_diffrn_detector.details                      ? 
_diffrn_detector.detector                     PIXEL 
_diffrn_detector.diffrn_id                    1 
_diffrn_detector.type                         'DECTRIS PILATUS 6M' 
_diffrn_detector.area_resol_mean              ? 
_diffrn_detector.dtime                        ? 
_diffrn_detector.pdbx_frames_total            ? 
_diffrn_detector.pdbx_collection_time_total   ? 
_diffrn_detector.pdbx_collection_date         2019-09-25 
_diffrn_detector.pdbx_frequency               ? 
# 
_diffrn_radiation.collimation                      ? 
_diffrn_radiation.diffrn_id                        1 
_diffrn_radiation.filter_edge                      ? 
_diffrn_radiation.inhomogeneity                    ? 
_diffrn_radiation.monochromator                    ? 
_diffrn_radiation.polarisn_norm                    ? 
_diffrn_radiation.polarisn_ratio                   ? 
_diffrn_radiation.probe                            ? 
_diffrn_radiation.type                             ? 
_diffrn_radiation.xray_symbol                      ? 
_diffrn_radiation.wavelength_id                    1 
_diffrn_radiation.pdbx_monochromatic_or_laue_m_l   M 
_diffrn_radiation.pdbx_wavelength_list             ? 
_diffrn_radiation.pdbx_wavelength                  ? 
_diffrn_radiation.pdbx_diffrn_protocol             'SINGLE WAVELENGTH' 
_diffrn_radiation.pdbx_analyzer                    ? 
_diffrn_radiation.pdbx_scattering_type             x-ray 
# 
_diffrn_radiation_wavelength.id           1 
_diffrn_radiation_wavelength.wavelength   0.91162 
_diffrn_radiation_wavelength.wt           1.0 
# 
_diffrn_source.current                     ? 
_diffrn_source.details                     ? 
_diffrn_source.diffrn_id                   1 
_diffrn_source.power                       ? 
_diffrn_source.size                        ? 
_diffrn_source.source                      SYNCHROTRON 
_diffrn_source.target                      ? 
_diffrn_source.type                        'DIAMOND BEAMLINE I04-1' 
_diffrn_source.voltage                     ? 
_diffrn_source.take-off_angle              ? 
_diffrn_source.pdbx_wavelength_list        0.91162 
_diffrn_source.pdbx_wavelength             ? 
_diffrn_source.pdbx_synchrotron_beamline   I04-1 
_diffrn_source.pdbx_synchrotron_site       Diamond 
# 
_reflns.B_iso_Wilson_estimate                          ? 
_reflns.entry_id                                       7Z9S 
_reflns.data_reduction_details                         ? 
_reflns.data_reduction_method                          ? 
_reflns.d_resolution_high                              1.50 
_reflns.d_resolution_low                               48.57 
_reflns.details                                        ? 
_reflns.limit_h_max                                    ? 
_reflns.limit_h_min                                    ? 
_reflns.limit_k_max                                    ? 
_reflns.limit_k_min                                    ? 
_reflns.limit_l_max                                    ? 
_reflns.limit_l_min                                    ? 
_reflns.number_all                                     ? 
_reflns.number_obs                                     41696 
_reflns.observed_criterion                             ? 
_reflns.observed_criterion_F_max                       ? 
_reflns.observed_criterion_F_min                       ? 
_reflns.observed_criterion_I_max                       ? 
_reflns.observed_criterion_I_min                       ? 
_reflns.observed_criterion_sigma_F                     ? 
_reflns.observed_criterion_sigma_I                     ? 
_reflns.percent_possible_obs                           100.0 
_reflns.R_free_details                                 ? 
_reflns.Rmerge_F_all                                   ? 
_reflns.Rmerge_F_obs                                   ? 
_reflns.Friedel_coverage                               ? 
_reflns.number_gt                                      ? 
_reflns.threshold_expression                           ? 
_reflns.pdbx_redundancy                                39.6 
_reflns.pdbx_Rmerge_I_obs                              0.115 
_reflns.pdbx_Rmerge_I_all                              ? 
_reflns.pdbx_Rsym_value                                ? 
_reflns.pdbx_netI_over_av_sigmaI                       ? 
_reflns.pdbx_netI_over_sigmaI                          19.0 
_reflns.pdbx_res_netI_over_av_sigmaI_2                 ? 
_reflns.pdbx_res_netI_over_sigmaI_2                    ? 
_reflns.pdbx_chi_squared                               ? 
_reflns.pdbx_scaling_rejects                           ? 
_reflns.pdbx_d_res_high_opt                            ? 
_reflns.pdbx_d_res_low_opt                             ? 
_reflns.pdbx_d_res_opt_method                          ? 
_reflns.phase_calculation_details                      ? 
_reflns.pdbx_Rrim_I_all                                0.118 
_reflns.pdbx_Rpim_I_all                                0.025 
_reflns.pdbx_d_opt                                     ? 
_reflns.pdbx_number_measured_all                       ? 
_reflns.pdbx_diffrn_id                                 1 
_reflns.pdbx_ordinal                                   1 
_reflns.pdbx_CC_half                                   1.000 
_reflns.pdbx_CC_star                                   ? 
_reflns.pdbx_R_split                                   ? 
_reflns.pdbx_aniso_diffraction_limit_axis_1_ortho[1]   ? 
_reflns.pdbx_aniso_diffraction_limit_axis_1_ortho[2]   ? 
_reflns.pdbx_aniso_diffraction_limit_axis_1_ortho[3]   ? 
_reflns.pdbx_aniso_diffraction_limit_axis_2_ortho[1]   ? 
_reflns.pdbx_aniso_diffraction_limit_axis_2_ortho[2]   ? 
_reflns.pdbx_aniso_diffraction_limit_axis_2_ortho[3]   ? 
_reflns.pdbx_aniso_diffraction_limit_axis_3_ortho[1]   ? 
_reflns.pdbx_aniso_diffraction_limit_axis_3_ortho[2]   ? 
_reflns.pdbx_aniso_diffraction_limit_axis_3_ortho[3]   ? 
_reflns.pdbx_aniso_diffraction_limit_1                 ? 
_reflns.pdbx_aniso_diffraction_limit_2                 ? 
_reflns.pdbx_aniso_diffraction_limit_3                 ? 
_reflns.pdbx_aniso_B_tensor_eigenvector_1_ortho[1]     ? 
_reflns.pdbx_aniso_B_tensor_eigenvector_1_ortho[2]     ? 
_reflns.pdbx_aniso_B_tensor_eigenvector_1_ortho[3]     ? 
_reflns.pdbx_aniso_B_tensor_eigenvector_2_ortho[1]     ? 
_reflns.pdbx_aniso_B_tensor_eigenvector_2_ortho[2]     ? 
_reflns.pdbx_aniso_B_tensor_eigenvector_2_ortho[3]     ? 
_reflns.pdbx_aniso_B_tensor_eigenvector_3_ortho[1]     ? 
_reflns.pdbx_aniso_B_tensor_eigenvector_3_ortho[2]     ? 
_reflns.pdbx_aniso_B_tensor_eigenvector_3_ortho[3]     ? 
_reflns.pdbx_aniso_B_tensor_eigenvalue_1               ? 
_reflns.pdbx_aniso_B_tensor_eigenvalue_2               ? 
_reflns.pdbx_aniso_B_tensor_eigenvalue_3               ? 
_reflns.pdbx_orthogonalization_convention              ? 
_reflns.pdbx_percent_possible_ellipsoidal              ? 
_reflns.pdbx_percent_possible_spherical                ? 
_reflns.pdbx_percent_possible_ellipsoidal_anomalous    ? 
_reflns.pdbx_percent_possible_spherical_anomalous      ? 
_reflns.pdbx_redundancy_anomalous                      ? 
_reflns.pdbx_CC_half_anomalous                         ? 
_reflns.pdbx_absDiff_over_sigma_anomalous              ? 
_reflns.pdbx_percent_possible_anomalous                ? 
_reflns.pdbx_observed_signal_threshold                 ? 
_reflns.pdbx_signal_type                               ? 
_reflns.pdbx_signal_details                            ? 
_reflns.pdbx_signal_software_id                        ? 
# 
loop_
_reflns_shell.d_res_high 
_reflns_shell.d_res_low 
_reflns_shell.meanI_over_sigI_all 
_reflns_shell.meanI_over_sigI_obs 
_reflns_shell.number_measured_all 
_reflns_shell.number_measured_obs 
_reflns_shell.number_possible 
_reflns_shell.number_unique_all 
_reflns_shell.number_unique_obs 
_reflns_shell.percent_possible_all 
_reflns_shell.percent_possible_obs 
_reflns_shell.Rmerge_F_all 
_reflns_shell.Rmerge_F_obs 
_reflns_shell.Rmerge_I_all 
_reflns_shell.Rmerge_I_obs 
_reflns_shell.meanI_over_sigI_gt 
_reflns_shell.meanI_over_uI_all 
_reflns_shell.meanI_over_uI_gt 
_reflns_shell.number_measured_gt 
_reflns_shell.number_unique_gt 
_reflns_shell.percent_possible_gt 
_reflns_shell.Rmerge_F_gt 
_reflns_shell.Rmerge_I_gt 
_reflns_shell.pdbx_redundancy 
_reflns_shell.pdbx_Rsym_value 
_reflns_shell.pdbx_chi_squared 
_reflns_shell.pdbx_netI_over_sigmaI_all 
_reflns_shell.pdbx_netI_over_sigmaI_obs 
_reflns_shell.pdbx_Rrim_I_all 
_reflns_shell.pdbx_Rpim_I_all 
_reflns_shell.pdbx_rejects 
_reflns_shell.pdbx_ordinal 
_reflns_shell.pdbx_diffrn_id 
_reflns_shell.pdbx_CC_half 
_reflns_shell.pdbx_CC_star 
_reflns_shell.pdbx_R_split 
_reflns_shell.pdbx_percent_possible_ellipsoidal 
_reflns_shell.pdbx_percent_possible_spherical 
_reflns_shell.pdbx_percent_possible_ellipsoidal_anomalous 
_reflns_shell.pdbx_percent_possible_spherical_anomalous 
_reflns_shell.pdbx_redundancy_anomalous 
_reflns_shell.pdbx_CC_half_anomalous 
_reflns_shell.pdbx_absDiff_over_sigma_anomalous 
_reflns_shell.pdbx_percent_possible_anomalous 
8.22 48.57 ? ? ? ? ? ? 340  ? ? ? ? ? 0.028 ? ? ? ? ? ? ? ? 29.5 ? ? ? ? 0.028 0.006 ? 1 1 1.000 ? ? ? ? ? ? ? ? ? ? 
1.50 1.53  ? ? ? ? ? ? 2033 ? ? ? ? ? 9.075 ? ? ? ? ? ? ? ? 40.2 ? ? ? ? 9.295 2.005 ? 2 1 0.458 ? ? ? ? ? ? ? ? ? ? 
# 
_refine.aniso_B[1][1]                            -0.291 
_refine.aniso_B[1][2]                            -0.146 
_refine.aniso_B[1][3]                            -0.000 
_refine.aniso_B[2][2]                            -0.291 
_refine.aniso_B[2][3]                            -0.000 
_refine.aniso_B[3][3]                            0.945 
_refine.B_iso_max                                ? 
_refine.B_iso_mean                               35.981 
_refine.B_iso_min                                ? 
_refine.correlation_coeff_Fo_to_Fc               0.967 
_refine.correlation_coeff_Fo_to_Fc_free          0.960 
_refine.details                                  'Hydrogens have been added in their riding positions' 
_refine.diff_density_max                         ? 
_refine.diff_density_max_esd                     ? 
_refine.diff_density_min                         ? 
_refine.diff_density_min_esd                     ? 
_refine.diff_density_rms                         ? 
_refine.diff_density_rms_esd                     ? 
_refine.entry_id                                 7Z9S 
_refine.pdbx_refine_id                           'X-RAY DIFFRACTION' 
_refine.ls_abs_structure_details                 ? 
_refine.ls_abs_structure_Flack                   ? 
_refine.ls_abs_structure_Flack_esd               ? 
_refine.ls_abs_structure_Rogers                  ? 
_refine.ls_abs_structure_Rogers_esd              ? 
_refine.ls_d_res_high                            1.500 
_refine.ls_d_res_low                             48.57 
_refine.ls_extinction_coef                       ? 
_refine.ls_extinction_coef_esd                   ? 
_refine.ls_extinction_expression                 ? 
_refine.ls_extinction_method                     ? 
_refine.ls_goodness_of_fit_all                   ? 
_refine.ls_goodness_of_fit_all_esd               ? 
_refine.ls_goodness_of_fit_obs                   ? 
_refine.ls_goodness_of_fit_obs_esd               ? 
_refine.ls_hydrogen_treatment                    ? 
_refine.ls_matrix_type                           ? 
_refine.ls_number_constraints                    ? 
_refine.ls_number_parameters                     ? 
_refine.ls_number_reflns_all                     ? 
_refine.ls_number_reflns_obs                     41617 
_refine.ls_number_reflns_R_free                  2028 
_refine.ls_number_reflns_R_work                  39589 
_refine.ls_number_restraints                     ? 
_refine.ls_percent_reflns_obs                    99.957 
_refine.ls_percent_reflns_R_free                 4.873 
_refine.ls_R_factor_all                          0.206 
_refine.ls_R_factor_obs                          ? 
_refine.ls_R_factor_R_free                       0.2362 
_refine.ls_R_factor_R_free_error                 ? 
_refine.ls_R_factor_R_free_error_details         ? 
_refine.ls_R_factor_R_work                       0.2039 
_refine.ls_R_Fsqd_factor_obs                     ? 
_refine.ls_R_I_factor_obs                        ? 
_refine.ls_redundancy_reflns_all                 ? 
_refine.ls_redundancy_reflns_obs                 ? 
_refine.ls_restrained_S_all                      ? 
_refine.ls_restrained_S_obs                      ? 
_refine.ls_shift_over_esd_max                    ? 
_refine.ls_shift_over_esd_mean                   ? 
_refine.ls_structure_factor_coef                 ? 
_refine.ls_weighting_details                     ? 
_refine.ls_weighting_scheme                      ? 
_refine.ls_wR_factor_all                         ? 
_refine.ls_wR_factor_obs                         ? 
_refine.ls_wR_factor_R_free                      ? 
_refine.ls_wR_factor_R_work                      ? 
_refine.occupancy_max                            ? 
_refine.occupancy_min                            ? 
_refine.solvent_model_details                    'MASK BULK SOLVENT' 
_refine.solvent_model_param_bsol                 ? 
_refine.solvent_model_param_ksol                 ? 
_refine.pdbx_R_complete                          ? 
_refine.ls_R_factor_gt                           ? 
_refine.ls_goodness_of_fit_gt                    ? 
_refine.ls_goodness_of_fit_ref                   ? 
_refine.ls_shift_over_su_max                     ? 
_refine.ls_shift_over_su_max_lt                  ? 
_refine.ls_shift_over_su_mean                    ? 
_refine.ls_shift_over_su_mean_lt                 ? 
_refine.pdbx_ls_sigma_I                          ? 
_refine.pdbx_ls_sigma_F                          ? 
_refine.pdbx_ls_sigma_Fsqd                       ? 
_refine.pdbx_data_cutoff_high_absF               ? 
_refine.pdbx_data_cutoff_high_rms_absF           ? 
_refine.pdbx_data_cutoff_low_absF                ? 
_refine.pdbx_isotropic_thermal_model             ? 
_refine.pdbx_ls_cross_valid_method               'FREE R-VALUE' 
_refine.pdbx_method_to_determine_struct          'MOLECULAR REPLACEMENT' 
_refine.pdbx_starting_model                      3DAI 
_refine.pdbx_stereochemistry_target_values       ? 
_refine.pdbx_R_Free_selection_details            ? 
_refine.pdbx_stereochem_target_val_spec_case     ? 
_refine.pdbx_overall_ESU_R                       0.062 
_refine.pdbx_overall_ESU_R_Free                  0.067 
_refine.pdbx_solvent_vdw_probe_radii             1.200 
_refine.pdbx_solvent_ion_probe_radii             0.800 
_refine.pdbx_solvent_shrinkage_radii             0.800 
_refine.pdbx_real_space_R                        ? 
_refine.pdbx_density_correlation                 ? 
_refine.pdbx_pd_number_of_powder_patterns        ? 
_refine.pdbx_pd_number_of_points                 ? 
_refine.pdbx_pd_meas_number_of_points            ? 
_refine.pdbx_pd_proc_ls_prof_R_factor            ? 
_refine.pdbx_pd_proc_ls_prof_wR_factor           ? 
_refine.pdbx_pd_Marquardt_correlation_coeff      ? 
_refine.pdbx_pd_Fsqrd_R_factor                   ? 
_refine.pdbx_pd_ls_matrix_band_width             ? 
_refine.pdbx_overall_phase_error                 ? 
_refine.pdbx_overall_SU_R_free_Cruickshank_DPI   ? 
_refine.pdbx_overall_SU_R_free_Blow_DPI          ? 
_refine.pdbx_overall_SU_R_Blow_DPI               ? 
_refine.pdbx_TLS_residual_ADP_flag               ? 
_refine.pdbx_diffrn_id                           1 
_refine.overall_SU_B                             1.504 
_refine.overall_SU_ML                            0.053 
_refine.overall_SU_R_Cruickshank_DPI             ? 
_refine.overall_SU_R_free                        ? 
_refine.overall_FOM_free_R_set                   ? 
_refine.overall_FOM_work_R_set                   ? 
_refine.pdbx_average_fsc_overall                 ? 
_refine.pdbx_average_fsc_work                    ? 
_refine.pdbx_average_fsc_free                    ? 
# 
_refine_hist.pdbx_refine_id                   'X-RAY DIFFRACTION' 
_refine_hist.cycle_id                         LAST 
_refine_hist.details                          ? 
_refine_hist.d_res_high                       1.500 
_refine_hist.d_res_low                        48.57 
_refine_hist.number_atoms_solvent             197 
_refine_hist.number_atoms_total               1334 
_refine_hist.number_reflns_all                ? 
_refine_hist.number_reflns_obs                ? 
_refine_hist.number_reflns_R_free             ? 
_refine_hist.number_reflns_R_work             ? 
_refine_hist.R_factor_all                     ? 
_refine_hist.R_factor_obs                     ? 
_refine_hist.R_factor_R_free                  ? 
_refine_hist.R_factor_R_work                  ? 
_refine_hist.pdbx_number_residues_total       ? 
_refine_hist.pdbx_B_iso_mean_ligand           ? 
_refine_hist.pdbx_B_iso_mean_solvent          ? 
_refine_hist.pdbx_number_atoms_protein        1084 
_refine_hist.pdbx_number_atoms_nucleic_acid   0 
_refine_hist.pdbx_number_atoms_ligand         53 
_refine_hist.pdbx_number_atoms_lipid          ? 
_refine_hist.pdbx_number_atoms_carb           ? 
_refine_hist.pdbx_pseudo_atom_details         ? 
# 
loop_
_refine_ls_restr.pdbx_refine_id 
_refine_ls_restr.criterion 
_refine_ls_restr.dev_ideal 
_refine_ls_restr.dev_ideal_target 
_refine_ls_restr.number 
_refine_ls_restr.rejects 
_refine_ls_restr.type 
_refine_ls_restr.weight 
_refine_ls_restr.pdbx_restraint_function 
'X-RAY DIFFRACTION' ? 0.014  0.012  1189 ? r_bond_refined_d               ? ? 
'X-RAY DIFFRACTION' ? 2.131  1.668  1597 ? r_angle_refined_deg            ? ? 
'X-RAY DIFFRACTION' ? 4.738  5.000  137  ? r_dihedral_angle_1_deg         ? ? 
'X-RAY DIFFRACTION' ? 33.186 20.119 84   ? r_dihedral_angle_2_deg         ? ? 
'X-RAY DIFFRACTION' ? 15.452 15.000 218  ? r_dihedral_angle_3_deg         ? ? 
'X-RAY DIFFRACTION' ? 18.072 15.000 15   ? r_dihedral_angle_4_deg         ? ? 
'X-RAY DIFFRACTION' ? 0.138  0.200  151  ? r_chiral_restr                 ? ? 
'X-RAY DIFFRACTION' ? 0.011  0.020  923  ? r_gen_planes_refined           ? ? 
'X-RAY DIFFRACTION' ? 0.232  0.200  625  ? r_nbd_refined                  ? ? 
'X-RAY DIFFRACTION' ? 0.320  0.200  800  ? r_nbtor_refined                ? ? 
'X-RAY DIFFRACTION' ? 0.213  0.200  141  ? r_xyhbond_nbd_refined          ? ? 
'X-RAY DIFFRACTION' ? 0.424  0.200  59   ? r_symmetry_nbd_refined         ? ? 
'X-RAY DIFFRACTION' ? 0.300  0.200  24   ? r_symmetry_xyhbond_nbd_refined ? ? 
'X-RAY DIFFRACTION' ? 3.069  2.960  539  ? r_mcbond_it                    ? ? 
'X-RAY DIFFRACTION' ? 4.286  4.405  679  ? r_mcangle_it                   ? ? 
'X-RAY DIFFRACTION' ? 6.569  3.676  650  ? r_scbond_it                    ? ? 
'X-RAY DIFFRACTION' ? 8.953  5.265  918  ? r_scangle_it                   ? ? 
'X-RAY DIFFRACTION' ? 12.222 44.172 1944 ? r_lrange_it                    ? ? 
# 
loop_
_refine_ls_shell.pdbx_refine_id 
_refine_ls_shell.d_res_high 
_refine_ls_shell.d_res_low 
_refine_ls_shell.number_reflns_all 
_refine_ls_shell.number_reflns_obs 
_refine_ls_shell.number_reflns_R_free 
_refine_ls_shell.number_reflns_R_work 
_refine_ls_shell.percent_reflns_obs 
_refine_ls_shell.percent_reflns_R_free 
_refine_ls_shell.R_factor_all 
_refine_ls_shell.R_factor_obs 
_refine_ls_shell.R_factor_R_free 
_refine_ls_shell.R_factor_R_free_error 
_refine_ls_shell.R_factor_R_work 
_refine_ls_shell.redundancy_reflns_all 
_refine_ls_shell.redundancy_reflns_obs 
_refine_ls_shell.wR_factor_all 
_refine_ls_shell.wR_factor_obs 
_refine_ls_shell.wR_factor_R_free 
_refine_ls_shell.wR_factor_R_work 
_refine_ls_shell.pdbx_R_complete 
_refine_ls_shell.pdbx_total_number_of_bins_used 
_refine_ls_shell.pdbx_phase_error 
_refine_ls_shell.pdbx_fsc_work 
_refine_ls_shell.pdbx_fsc_free 
'X-RAY DIFFRACTION' 1.500 1.539 . . 138 2872 99.9336  . . . 0.324 . 0.349 . . . . . . . . . . . 
'X-RAY DIFFRACTION' 1.539 1.581 . . 137 2799 100.0000 . . . 0.321 . 0.348 . . . . . . . . . . . 
'X-RAY DIFFRACTION' 1.581 1.627 . . 140 2720 100.0000 . . . 0.311 . 0.328 . . . . . . . . . . . 
'X-RAY DIFFRACTION' 1.627 1.677 . . 132 2652 100.0000 . . . 0.318 . 0.280 . . . . . . . . . . . 
'X-RAY DIFFRACTION' 1.677 1.732 . . 148 2563 100.0000 . . . 0.268 . 0.257 . . . . . . . . . . . 
'X-RAY DIFFRACTION' 1.732 1.793 . . 129 2479 99.9617  . . . 0.234 . 0.254 . . . . . . . . . . . 
'X-RAY DIFFRACTION' 1.793 1.860 . . 119 2410 99.9605  . . . 0.275 . 0.229 . . . . . . . . . . . 
'X-RAY DIFFRACTION' 1.860 1.936 . . 105 2354 100.0000 . . . 0.276 . 0.226 . . . . . . . . . . . 
'X-RAY DIFFRACTION' 1.936 2.023 . . 121 2227 99.9574  . . . 0.224 . 0.213 . . . . . . . . . . . 
'X-RAY DIFFRACTION' 2.023 2.121 . . 104 2125 100.0000 . . . 0.244 . 0.209 . . . . . . . . . . . 
'X-RAY DIFFRACTION' 2.121 2.236 . . 111 2043 100.0000 . . . 0.206 . 0.198 . . . . . . . . . . . 
'X-RAY DIFFRACTION' 2.236 2.372 . . 98  1943 100.0000 . . . 0.257 . 0.202 . . . . . . . . . . . 
'X-RAY DIFFRACTION' 2.372 2.535 . . 103 1810 100.0000 . . . 0.246 . 0.205 . . . . . . . . . . . 
'X-RAY DIFFRACTION' 2.535 2.738 . . 67  1745 100.0000 . . . 0.231 . 0.204 . . . . . . . . . . . 
'X-RAY DIFFRACTION' 2.738 2.999 . . 83  1579 100.0000 . . . 0.232 . 0.197 . . . . . . . . . . . 
'X-RAY DIFFRACTION' 2.999 3.353 . . 74  1450 100.0000 . . . 0.262 . 0.203 . . . . . . . . . . . 
'X-RAY DIFFRACTION' 3.353 3.872 . . 69  1294 100.0000 . . . 0.209 . 0.164 . . . . . . . . . . . 
'X-RAY DIFFRACTION' 3.872 4.741 . . 63  1104 100.0000 . . . 0.143 . 0.136 . . . . . . . . . . . 
'X-RAY DIFFRACTION' 4.741 6.701 . . 54  883  100.0000 . . . 0.257 . 0.210 . . . . . . . . . . . 
'X-RAY DIFFRACTION' 6.701 48.57 . . 33  537  99.6503  . . . 0.289 . 0.243 . . . . . . . . . . . 
# 
_struct.entry_id                     7Z9S 
_struct.title                        'ATAD2 in complex with PepLite-Arg' 
_struct.pdbx_model_details           ? 
_struct.pdbx_formula_weight          ? 
_struct.pdbx_formula_weight_method   ? 
_struct.pdbx_model_type_details      ? 
_struct.pdbx_CASP_flag               N 
# 
_struct_keywords.entry_id        7Z9S 
_struct_keywords.text            'ATAD2, INHIBITOR, FRAGMENT, BROMODOMAIN, FRAGLITE, TRANSCRIPTION' 
_struct_keywords.pdbx_keywords   TRANSCRIPTION 
# 
loop_
_struct_asym.id 
_struct_asym.pdbx_blank_PDB_chainid_flag 
_struct_asym.pdbx_modified 
_struct_asym.entity_id 
_struct_asym.details 
A N N 1 ? 
B N N 2 ? 
C N N 3 ? 
D N N 4 ? 
E N N 5 ? 
F N N 5 ? 
G N N 5 ? 
H N N 5 ? 
I N N 5 ? 
J N N 5 ? 
K N N 2 ? 
L N N 6 ? 
# 
_struct_ref.id                         1 
_struct_ref.db_name                    UNP 
_struct_ref.db_code                    ATAD2_HUMAN 
_struct_ref.pdbx_db_accession          Q6PL18 
_struct_ref.pdbx_db_isoform            ? 
_struct_ref.entity_id                  1 
_struct_ref.pdbx_seq_one_letter_code   
;QEEDTFRELRIFLRNVTHRLAIDKRFRVFTKPVDPDEVPDYVTVIKQPMDLSSVISKIDLHKYLTVKDYLRDIDLICSNA
LEYNPDRDPGDRLIRHRACALRDTAYAIIKEELDEDFEQLCEEIQESR
;
_struct_ref.pdbx_align_begin           981 
# 
_struct_ref_seq.align_id                      1 
_struct_ref_seq.ref_id                        1 
_struct_ref_seq.pdbx_PDB_id_code              7Z9S 
_struct_ref_seq.pdbx_strand_id                AAA 
_struct_ref_seq.seq_align_beg                 3 
_struct_ref_seq.pdbx_seq_align_beg_ins_code   ? 
_struct_ref_seq.seq_align_end                 130 
_struct_ref_seq.pdbx_seq_align_end_ins_code   ? 
_struct_ref_seq.pdbx_db_accession             Q6PL18 
_struct_ref_seq.db_align_beg                  981 
_struct_ref_seq.pdbx_db_align_beg_ins_code    ? 
_struct_ref_seq.db_align_end                  1108 
_struct_ref_seq.pdbx_db_align_end_ins_code    ? 
_struct_ref_seq.pdbx_auth_seq_align_beg       981 
_struct_ref_seq.pdbx_auth_seq_align_end       1108 
# 
loop_
_struct_ref_seq_dif.align_id 
_struct_ref_seq_dif.pdbx_pdb_id_code 
_struct_ref_seq_dif.mon_id 
_struct_ref_seq_dif.pdbx_pdb_strand_id 
_struct_ref_seq_dif.seq_num 
_struct_ref_seq_dif.pdbx_pdb_ins_code 
_struct_ref_seq_dif.pdbx_seq_db_name 
_struct_ref_seq_dif.pdbx_seq_db_accession_code 
_struct_ref_seq_dif.db_mon_id 
_struct_ref_seq_dif.pdbx_seq_db_seq_num 
_struct_ref_seq_dif.details 
_struct_ref_seq_dif.pdbx_auth_seq_num 
_struct_ref_seq_dif.pdbx_ordinal 
1 7Z9S SER AAA 1 ? UNP Q6PL18 ? ? 'expression tag' 979 1 
1 7Z9S MET AAA 2 ? UNP Q6PL18 ? ? 'expression tag' 980 2 
# 
_pdbx_struct_assembly.id                   1 
_pdbx_struct_assembly.details              author_defined_assembly 
_pdbx_struct_assembly.method_details       ? 
_pdbx_struct_assembly.oligomeric_details   monomeric 
_pdbx_struct_assembly.oligomeric_count     1 
# 
_pdbx_struct_assembly_gen.assembly_id       1 
_pdbx_struct_assembly_gen.oper_expression   1 
_pdbx_struct_assembly_gen.asym_id_list      A,B,C,D,E,F,G,H,I,J,K,L 
# 
_pdbx_struct_assembly_auth_evidence.id                     1 
_pdbx_struct_assembly_auth_evidence.assembly_id            1 
_pdbx_struct_assembly_auth_evidence.experimental_support   'gel filtration' 
_pdbx_struct_assembly_auth_evidence.details                ? 
# 
_pdbx_struct_oper_list.id                   1 
_pdbx_struct_oper_list.type                 'identity operation' 
_pdbx_struct_oper_list.name                 1_555 
_pdbx_struct_oper_list.symmetry_operation   x,y,z 
_pdbx_struct_oper_list.matrix[1][1]         1.0000000000 
_pdbx_struct_oper_list.matrix[1][2]         0.0000000000 
_pdbx_struct_oper_list.matrix[1][3]         0.0000000000 
_pdbx_struct_oper_list.vector[1]            0.0000000000 
_pdbx_struct_oper_list.matrix[2][1]         0.0000000000 
_pdbx_struct_oper_list.matrix[2][2]         1.0000000000 
_pdbx_struct_oper_list.matrix[2][3]         0.0000000000 
_pdbx_struct_oper_list.vector[2]            0.0000000000 
_pdbx_struct_oper_list.matrix[3][1]         0.0000000000 
_pdbx_struct_oper_list.matrix[3][2]         0.0000000000 
_pdbx_struct_oper_list.matrix[3][3]         1.0000000000 
_pdbx_struct_oper_list.vector[3]            0.0000000000 
# 
loop_
_struct_conf.conf_type_id 
_struct_conf.id 
_struct_conf.pdbx_PDB_helix_id 
_struct_conf.beg_label_comp_id 
_struct_conf.beg_label_asym_id 
_struct_conf.beg_label_seq_id 
_struct_conf.pdbx_beg_PDB_ins_code 
_struct_conf.end_label_comp_id 
_struct_conf.end_label_asym_id 
_struct_conf.end_label_seq_id 
_struct_conf.pdbx_end_PDB_ins_code 
_struct_conf.beg_auth_comp_id 
_struct_conf.beg_auth_asym_id 
_struct_conf.beg_auth_seq_id 
_struct_conf.end_auth_comp_id 
_struct_conf.end_auth_asym_id 
_struct_conf.end_auth_seq_id 
_struct_conf.pdbx_PDB_helix_class 
_struct_conf.details 
_struct_conf.pdbx_PDB_helix_length 
HELX_P HELX_P1 AA1 SER A 1   ? ILE A 24  ? SER AAA 979  ILE AAA 1002 1 ? 24 
HELX_P HELX_P2 AA2 ASP A 25  ? THR A 32  ? ASP AAA 1003 THR AAA 1010 5 ? 8  
HELX_P HELX_P3 AA3 ASP A 42  ? ILE A 47  ? ASP AAA 1020 ILE AAA 1025 1 ? 6  
HELX_P HELX_P4 AA4 ASP A 52  ? LEU A 62  ? ASP AAA 1030 LEU AAA 1040 1 ? 11 
HELX_P HELX_P5 AA5 THR A 67  ? ASN A 86  ? THR AAA 1045 ASN AAA 1064 1 ? 20 
HELX_P HELX_P6 AA6 ASP A 90  ? LEU A 115 ? ASP AAA 1068 LEU AAA 1093 1 ? 26 
HELX_P HELX_P7 AA7 ASP A 116 ? SER A 129 ? ASP AAA 1094 SER AAA 1107 1 ? 14 
# 
_struct_conf_type.id          HELX_P 
_struct_conf_type.criteria    ? 
_struct_conf_type.reference   ? 
# 
_pdbx_entry_details.entry_id                   7Z9S 
_pdbx_entry_details.has_ligand_of_interest     Y 
_pdbx_entry_details.compound_details           ? 
_pdbx_entry_details.source_details             ? 
_pdbx_entry_details.nonpolymer_details         ? 
_pdbx_entry_details.sequence_details           ? 
_pdbx_entry_details.has_protein_modification   N 
# 
loop_
_pdbx_validate_close_contact.id 
_pdbx_validate_close_contact.PDB_model_num 
_pdbx_validate_close_contact.auth_atom_id_1 
_pdbx_validate_close_contact.auth_asym_id_1 
_pdbx_validate_close_contact.auth_comp_id_1 
_pdbx_validate_close_contact.auth_seq_id_1 
_pdbx_validate_close_contact.PDB_ins_code_1 
_pdbx_validate_close_contact.label_alt_id_1 
_pdbx_validate_close_contact.auth_atom_id_2 
_pdbx_validate_close_contact.auth_asym_id_2 
_pdbx_validate_close_contact.auth_comp_id_2 
_pdbx_validate_close_contact.auth_seq_id_2 
_pdbx_validate_close_contact.PDB_ins_code_2 
_pdbx_validate_close_contact.label_alt_id_2 
_pdbx_validate_close_contact.dist 
1 1 SG  AAA CYS 1079 ? ? C2 AAA IJI 1203 ? ? 1.67 
2 1 ND2 AAA ASN 995  ? ? O  AAA HOH 1301 ? ? 1.94 
3 1 C1  AAA IJI 1203 ? ? O  AAA HOH 1482 ? ? 2.03 
4 1 O   AAA HOH 1376 ? ? O  AAA HOH 1415 ? ? 2.03 
5 1 OE2 AAA GLU 983  ? ? O  AAA HOH 1302 ? ? 2.04 
6 1 OD2 AAA ASP 1020 ? ? O  AAA HOH 1303 ? ? 2.05 
7 1 OD1 AAA ASP 1066 ? ? O  AAA HOH 1304 ? ? 2.05 
8 1 O   AAA HOH 1391 ? ? O  AAA HOH 1470 ? ? 2.08 
# 
loop_
_pdbx_validate_symm_contact.id 
_pdbx_validate_symm_contact.PDB_model_num 
_pdbx_validate_symm_contact.auth_atom_id_1 
_pdbx_validate_symm_contact.auth_asym_id_1 
_pdbx_validate_symm_contact.auth_comp_id_1 
_pdbx_validate_symm_contact.auth_seq_id_1 
_pdbx_validate_symm_contact.PDB_ins_code_1 
_pdbx_validate_symm_contact.label_alt_id_1 
_pdbx_validate_symm_contact.site_symmetry_1 
_pdbx_validate_symm_contact.auth_atom_id_2 
_pdbx_validate_symm_contact.auth_asym_id_2 
_pdbx_validate_symm_contact.auth_comp_id_2 
_pdbx_validate_symm_contact.auth_seq_id_2 
_pdbx_validate_symm_contact.PDB_ins_code_2 
_pdbx_validate_symm_contact.label_alt_id_2 
_pdbx_validate_symm_contact.site_symmetry_2 
_pdbx_validate_symm_contact.dist 
1 1 C11 AAA IJI 1203 ? ? 1_555 O  AAA HOH 1390 ? ? 8_565 1.59 
2 1 CB  AAA GLN 981  ? ? 1_555 O2 AAA IJI 1203 ? ? 8_665 1.90 
# 
_pdbx_validate_rmsd_bond.id                        1 
_pdbx_validate_rmsd_bond.PDB_model_num             1 
_pdbx_validate_rmsd_bond.auth_atom_id_1            CD 
_pdbx_validate_rmsd_bond.auth_asym_id_1            AAA 
_pdbx_validate_rmsd_bond.auth_comp_id_1            GLU 
_pdbx_validate_rmsd_bond.auth_seq_id_1             1102 
_pdbx_validate_rmsd_bond.PDB_ins_code_1            ? 
_pdbx_validate_rmsd_bond.label_alt_id_1            ? 
_pdbx_validate_rmsd_bond.auth_atom_id_2            OE2 
_pdbx_validate_rmsd_bond.auth_asym_id_2            AAA 
_pdbx_validate_rmsd_bond.auth_comp_id_2            GLU 
_pdbx_validate_rmsd_bond.auth_seq_id_2             1102 
_pdbx_validate_rmsd_bond.PDB_ins_code_2            ? 
_pdbx_validate_rmsd_bond.label_alt_id_2            ? 
_pdbx_validate_rmsd_bond.bond_value                1.330 
_pdbx_validate_rmsd_bond.bond_target_value         1.252 
_pdbx_validate_rmsd_bond.bond_deviation            0.078 
_pdbx_validate_rmsd_bond.bond_standard_deviation   0.011 
_pdbx_validate_rmsd_bond.linker_flag               N 
# 
loop_
_pdbx_validate_rmsd_angle.id 
_pdbx_validate_rmsd_angle.PDB_model_num 
_pdbx_validate_rmsd_angle.auth_atom_id_1 
_pdbx_validate_rmsd_angle.auth_asym_id_1 
_pdbx_validate_rmsd_angle.auth_comp_id_1 
_pdbx_validate_rmsd_angle.auth_seq_id_1 
_pdbx_validate_rmsd_angle.PDB_ins_code_1 
_pdbx_validate_rmsd_angle.label_alt_id_1 
_pdbx_validate_rmsd_angle.auth_atom_id_2 
_pdbx_validate_rmsd_angle.auth_asym_id_2 
_pdbx_validate_rmsd_angle.auth_comp_id_2 
_pdbx_validate_rmsd_angle.auth_seq_id_2 
_pdbx_validate_rmsd_angle.PDB_ins_code_2 
_pdbx_validate_rmsd_angle.label_alt_id_2 
_pdbx_validate_rmsd_angle.auth_atom_id_3 
_pdbx_validate_rmsd_angle.auth_asym_id_3 
_pdbx_validate_rmsd_angle.auth_comp_id_3 
_pdbx_validate_rmsd_angle.auth_seq_id_3 
_pdbx_validate_rmsd_angle.PDB_ins_code_3 
_pdbx_validate_rmsd_angle.label_alt_id_3 
_pdbx_validate_rmsd_angle.angle_value 
_pdbx_validate_rmsd_angle.angle_target_value 
_pdbx_validate_rmsd_angle.angle_deviation 
_pdbx_validate_rmsd_angle.angle_standard_deviation 
_pdbx_validate_rmsd_angle.linker_flag 
1 1 NE AAA ARG 987  ? A CZ AAA ARG 987  ? A NH1 AAA ARG 987  ? A 123.53 120.30 3.23  0.50 N 
2 1 NE AAA ARG 987  ? A CZ AAA ARG 987  ? A NH2 AAA ARG 987  ? A 116.49 120.30 -3.81 0.50 N 
3 1 NE AAA ARG 1067 ? B CZ AAA ARG 1067 ? B NH1 AAA ARG 1067 ? B 116.29 120.30 -4.01 0.50 N 
4 1 NE AAA ARG 1067 ? B CZ AAA ARG 1067 ? B NH2 AAA ARG 1067 ? B 125.51 120.30 5.21  0.50 N 
# 
_pdbx_struct_special_symmetry.id              1 
_pdbx_struct_special_symmetry.PDB_model_num   1 
_pdbx_struct_special_symmetry.auth_asym_id    AAA 
_pdbx_struct_special_symmetry.auth_comp_id    HOH 
_pdbx_struct_special_symmetry.auth_seq_id     1344 
_pdbx_struct_special_symmetry.PDB_ins_code    ? 
_pdbx_struct_special_symmetry.label_asym_id   L 
_pdbx_struct_special_symmetry.label_comp_id   HOH 
_pdbx_struct_special_symmetry.label_seq_id    . 
# 
_pdbx_distant_solvent_atoms.id                                1 
_pdbx_distant_solvent_atoms.PDB_model_num                     1 
_pdbx_distant_solvent_atoms.auth_atom_id                      O 
_pdbx_distant_solvent_atoms.label_alt_id                      ? 
_pdbx_distant_solvent_atoms.auth_asym_id                      AAA 
_pdbx_distant_solvent_atoms.auth_comp_id                      HOH 
_pdbx_distant_solvent_atoms.auth_seq_id                       1497 
_pdbx_distant_solvent_atoms.PDB_ins_code                      ? 
_pdbx_distant_solvent_atoms.neighbor_macromolecule_distance   6.36 
_pdbx_distant_solvent_atoms.neighbor_ligand_distance          . 
# 
loop_
_chem_comp_atom.comp_id 
_chem_comp_atom.atom_id 
_chem_comp_atom.type_symbol 
_chem_comp_atom.pdbx_aromatic_flag 
_chem_comp_atom.pdbx_stereo_config 
_chem_comp_atom.pdbx_ordinal 
ALA N    N  N N 1   
ALA CA   C  N S 2   
ALA C    C  N N 3   
ALA O    O  N N 4   
ALA CB   C  N N 5   
ALA OXT  O  N N 6   
ALA H    H  N N 7   
ALA H2   H  N N 8   
ALA HA   H  N N 9   
ALA HB1  H  N N 10  
ALA HB2  H  N N 11  
ALA HB3  H  N N 12  
ALA HXT  H  N N 13  
ARG N    N  N N 14  
ARG CA   C  N S 15  
ARG C    C  N N 16  
ARG O    O  N N 17  
ARG CB   C  N N 18  
ARG CG   C  N N 19  
ARG CD   C  N N 20  
ARG NE   N  N N 21  
ARG CZ   C  N N 22  
ARG NH1  N  N N 23  
ARG NH2  N  N N 24  
ARG OXT  O  N N 25  
ARG H    H  N N 26  
ARG H2   H  N N 27  
ARG HA   H  N N 28  
ARG HB2  H  N N 29  
ARG HB3  H  N N 30  
ARG HG2  H  N N 31  
ARG HG3  H  N N 32  
ARG HD2  H  N N 33  
ARG HD3  H  N N 34  
ARG HE   H  N N 35  
ARG HH11 H  N N 36  
ARG HH12 H  N N 37  
ARG HH21 H  N N 38  
ARG HH22 H  N N 39  
ARG HXT  H  N N 40  
ASN N    N  N N 41  
ASN CA   C  N S 42  
ASN C    C  N N 43  
ASN O    O  N N 44  
ASN CB   C  N N 45  
ASN CG   C  N N 46  
ASN OD1  O  N N 47  
ASN ND2  N  N N 48  
ASN OXT  O  N N 49  
ASN H    H  N N 50  
ASN H2   H  N N 51  
ASN HA   H  N N 52  
ASN HB2  H  N N 53  
ASN HB3  H  N N 54  
ASN HD21 H  N N 55  
ASN HD22 H  N N 56  
ASN HXT  H  N N 57  
ASP N    N  N N 58  
ASP CA   C  N S 59  
ASP C    C  N N 60  
ASP O    O  N N 61  
ASP CB   C  N N 62  
ASP CG   C  N N 63  
ASP OD1  O  N N 64  
ASP OD2  O  N N 65  
ASP OXT  O  N N 66  
ASP H    H  N N 67  
ASP H2   H  N N 68  
ASP HA   H  N N 69  
ASP HB2  H  N N 70  
ASP HB3  H  N N 71  
ASP HD2  H  N N 72  
ASP HXT  H  N N 73  
CL  CL   CL N N 74  
CYS N    N  N N 75  
CYS CA   C  N R 76  
CYS C    C  N N 77  
CYS O    O  N N 78  
CYS CB   C  N N 79  
CYS SG   S  N N 80  
CYS OXT  O  N N 81  
CYS H    H  N N 82  
CYS H2   H  N N 83  
CYS HA   H  N N 84  
CYS HB2  H  N N 85  
CYS HB3  H  N N 86  
CYS HG   H  N N 87  
CYS HXT  H  N N 88  
EDO C1   C  N N 89  
EDO O1   O  N N 90  
EDO C2   C  N N 91  
EDO O2   O  N N 92  
EDO H11  H  N N 93  
EDO H12  H  N N 94  
EDO HO1  H  N N 95  
EDO H21  H  N N 96  
EDO H22  H  N N 97  
EDO HO2  H  N N 98  
GLN N    N  N N 99  
GLN CA   C  N S 100 
GLN C    C  N N 101 
GLN O    O  N N 102 
GLN CB   C  N N 103 
GLN CG   C  N N 104 
GLN CD   C  N N 105 
GLN OE1  O  N N 106 
GLN NE2  N  N N 107 
GLN OXT  O  N N 108 
GLN H    H  N N 109 
GLN H2   H  N N 110 
GLN HA   H  N N 111 
GLN HB2  H  N N 112 
GLN HB3  H  N N 113 
GLN HG2  H  N N 114 
GLN HG3  H  N N 115 
GLN HE21 H  N N 116 
GLN HE22 H  N N 117 
GLN HXT  H  N N 118 
GLU N    N  N N 119 
GLU CA   C  N S 120 
GLU C    C  N N 121 
GLU O    O  N N 122 
GLU CB   C  N N 123 
GLU CG   C  N N 124 
GLU CD   C  N N 125 
GLU OE1  O  N N 126 
GLU OE2  O  N N 127 
GLU OXT  O  N N 128 
GLU H    H  N N 129 
GLU H2   H  N N 130 
GLU HA   H  N N 131 
GLU HB2  H  N N 132 
GLU HB3  H  N N 133 
GLU HG2  H  N N 134 
GLU HG3  H  N N 135 
GLU HE2  H  N N 136 
GLU HXT  H  N N 137 
GLY N    N  N N 138 
GLY CA   C  N N 139 
GLY C    C  N N 140 
GLY O    O  N N 141 
GLY OXT  O  N N 142 
GLY H    H  N N 143 
GLY H2   H  N N 144 
GLY HA2  H  N N 145 
GLY HA3  H  N N 146 
GLY HXT  H  N N 147 
HIS N    N  N N 148 
HIS CA   C  N S 149 
HIS C    C  N N 150 
HIS O    O  N N 151 
HIS CB   C  N N 152 
HIS CG   C  Y N 153 
HIS ND1  N  Y N 154 
HIS CD2  C  Y N 155 
HIS CE1  C  Y N 156 
HIS NE2  N  Y N 157 
HIS OXT  O  N N 158 
HIS H    H  N N 159 
HIS H2   H  N N 160 
HIS HA   H  N N 161 
HIS HB2  H  N N 162 
HIS HB3  H  N N 163 
HIS HD1  H  N N 164 
HIS HD2  H  N N 165 
HIS HE1  H  N N 166 
HIS HE2  H  N N 167 
HIS HXT  H  N N 168 
HOH O    O  N N 169 
HOH H1   H  N N 170 
HOH H2   H  N N 171 
IJI C4   C  N N 172 
IJI C5   C  N S 173 
IJI C6   C  N N 174 
IJI C11  C  N N 175 
IJI C7   C  N N 176 
IJI C8   C  N N 177 
IJI C9   C  N N 178 
IJI C10  C  N N 179 
IJI N1   N  N N 180 
IJI N2   N  N N 181 
IJI C3   C  N N 182 
IJI N3   N  N N 183 
IJI C1   C  N N 184 
IJI C2   C  N N 185 
IJI O1   O  N N 186 
IJI N4   N  N N 187 
IJI N5   N  N N 188 
IJI O2   O  N N 189 
IJI H1   H  N N 190 
IJI H2   H  N N 191 
IJI H3   H  N N 192 
IJI H4   H  N N 193 
IJI H5   H  N N 194 
IJI H6   H  N N 195 
IJI H7   H  N N 196 
IJI H8   H  N N 197 
IJI H9   H  N N 198 
IJI H10  H  N N 199 
IJI H12  H  N N 200 
IJI H13  H  N N 201 
IJI H15  H  N N 202 
IJI H16  H  N N 203 
IJI H17  H  N N 204 
IJI H18  H  N N 205 
IJI H19  H  N N 206 
IJI H20  H  N N 207 
IJI H21  H  N N 208 
ILE N    N  N N 209 
ILE CA   C  N S 210 
ILE C    C  N N 211 
ILE O    O  N N 212 
ILE CB   C  N S 213 
ILE CG1  C  N N 214 
ILE CG2  C  N N 215 
ILE CD1  C  N N 216 
ILE OXT  O  N N 217 
ILE H    H  N N 218 
ILE H2   H  N N 219 
ILE HA   H  N N 220 
ILE HB   H  N N 221 
ILE HG12 H  N N 222 
ILE HG13 H  N N 223 
ILE HG21 H  N N 224 
ILE HG22 H  N N 225 
ILE HG23 H  N N 226 
ILE HD11 H  N N 227 
ILE HD12 H  N N 228 
ILE HD13 H  N N 229 
ILE HXT  H  N N 230 
LEU N    N  N N 231 
LEU CA   C  N S 232 
LEU C    C  N N 233 
LEU O    O  N N 234 
LEU CB   C  N N 235 
LEU CG   C  N N 236 
LEU CD1  C  N N 237 
LEU CD2  C  N N 238 
LEU OXT  O  N N 239 
LEU H    H  N N 240 
LEU H2   H  N N 241 
LEU HA   H  N N 242 
LEU HB2  H  N N 243 
LEU HB3  H  N N 244 
LEU HG   H  N N 245 
LEU HD11 H  N N 246 
LEU HD12 H  N N 247 
LEU HD13 H  N N 248 
LEU HD21 H  N N 249 
LEU HD22 H  N N 250 
LEU HD23 H  N N 251 
LEU HXT  H  N N 252 
LYS N    N  N N 253 
LYS CA   C  N S 254 
LYS C    C  N N 255 
LYS O    O  N N 256 
LYS CB   C  N N 257 
LYS CG   C  N N 258 
LYS CD   C  N N 259 
LYS CE   C  N N 260 
LYS NZ   N  N N 261 
LYS OXT  O  N N 262 
LYS H    H  N N 263 
LYS H2   H  N N 264 
LYS HA   H  N N 265 
LYS HB2  H  N N 266 
LYS HB3  H  N N 267 
LYS HG2  H  N N 268 
LYS HG3  H  N N 269 
LYS HD2  H  N N 270 
LYS HD3  H  N N 271 
LYS HE2  H  N N 272 
LYS HE3  H  N N 273 
LYS HZ1  H  N N 274 
LYS HZ2  H  N N 275 
LYS HZ3  H  N N 276 
LYS HXT  H  N N 277 
MET N    N  N N 278 
MET CA   C  N S 279 
MET C    C  N N 280 
MET O    O  N N 281 
MET CB   C  N N 282 
MET CG   C  N N 283 
MET SD   S  N N 284 
MET CE   C  N N 285 
MET OXT  O  N N 286 
MET H    H  N N 287 
MET H2   H  N N 288 
MET HA   H  N N 289 
MET HB2  H  N N 290 
MET HB3  H  N N 291 
MET HG2  H  N N 292 
MET HG3  H  N N 293 
MET HE1  H  N N 294 
MET HE2  H  N N 295 
MET HE3  H  N N 296 
MET HXT  H  N N 297 
PHE N    N  N N 298 
PHE CA   C  N S 299 
PHE C    C  N N 300 
PHE O    O  N N 301 
PHE CB   C  N N 302 
PHE CG   C  Y N 303 
PHE CD1  C  Y N 304 
PHE CD2  C  Y N 305 
PHE CE1  C  Y N 306 
PHE CE2  C  Y N 307 
PHE CZ   C  Y N 308 
PHE OXT  O  N N 309 
PHE H    H  N N 310 
PHE H2   H  N N 311 
PHE HA   H  N N 312 
PHE HB2  H  N N 313 
PHE HB3  H  N N 314 
PHE HD1  H  N N 315 
PHE HD2  H  N N 316 
PHE HE1  H  N N 317 
PHE HE2  H  N N 318 
PHE HZ   H  N N 319 
PHE HXT  H  N N 320 
PRO N    N  N N 321 
PRO CA   C  N S 322 
PRO C    C  N N 323 
PRO O    O  N N 324 
PRO CB   C  N N 325 
PRO CG   C  N N 326 
PRO CD   C  N N 327 
PRO OXT  O  N N 328 
PRO H    H  N N 329 
PRO HA   H  N N 330 
PRO HB2  H  N N 331 
PRO HB3  H  N N 332 
PRO HG2  H  N N 333 
PRO HG3  H  N N 334 
PRO HD2  H  N N 335 
PRO HD3  H  N N 336 
PRO HXT  H  N N 337 
SER N    N  N N 338 
SER CA   C  N S 339 
SER C    C  N N 340 
SER O    O  N N 341 
SER CB   C  N N 342 
SER OG   O  N N 343 
SER OXT  O  N N 344 
SER H    H  N N 345 
SER H2   H  N N 346 
SER HA   H  N N 347 
SER HB2  H  N N 348 
SER HB3  H  N N 349 
SER HG   H  N N 350 
SER HXT  H  N N 351 
SO4 S    S  N N 352 
SO4 O1   O  N N 353 
SO4 O2   O  N N 354 
SO4 O3   O  N N 355 
SO4 O4   O  N N 356 
THR N    N  N N 357 
THR CA   C  N S 358 
THR C    C  N N 359 
THR O    O  N N 360 
THR CB   C  N R 361 
THR OG1  O  N N 362 
THR CG2  C  N N 363 
THR OXT  O  N N 364 
THR H    H  N N 365 
THR H2   H  N N 366 
THR HA   H  N N 367 
THR HB   H  N N 368 
THR HG1  H  N N 369 
THR HG21 H  N N 370 
THR HG22 H  N N 371 
THR HG23 H  N N 372 
THR HXT  H  N N 373 
TYR N    N  N N 374 
TYR CA   C  N S 375 
TYR C    C  N N 376 
TYR O    O  N N 377 
TYR CB   C  N N 378 
TYR CG   C  Y N 379 
TYR CD1  C  Y N 380 
TYR CD2  C  Y N 381 
TYR CE1  C  Y N 382 
TYR CE2  C  Y N 383 
TYR CZ   C  Y N 384 
TYR OH   O  N N 385 
TYR OXT  O  N N 386 
TYR H    H  N N 387 
TYR H2   H  N N 388 
TYR HA   H  N N 389 
TYR HB2  H  N N 390 
TYR HB3  H  N N 391 
TYR HD1  H  N N 392 
TYR HD2  H  N N 393 
TYR HE1  H  N N 394 
TYR HE2  H  N N 395 
TYR HH   H  N N 396 
TYR HXT  H  N N 397 
VAL N    N  N N 398 
VAL CA   C  N S 399 
VAL C    C  N N 400 
VAL O    O  N N 401 
VAL CB   C  N N 402 
VAL CG1  C  N N 403 
VAL CG2  C  N N 404 
VAL OXT  O  N N 405 
VAL H    H  N N 406 
VAL H2   H  N N 407 
VAL HA   H  N N 408 
VAL HB   H  N N 409 
VAL HG11 H  N N 410 
VAL HG12 H  N N 411 
VAL HG13 H  N N 412 
VAL HG21 H  N N 413 
VAL HG22 H  N N 414 
VAL HG23 H  N N 415 
VAL HXT  H  N N 416 
# 
loop_
_chem_comp_bond.comp_id 
_chem_comp_bond.atom_id_1 
_chem_comp_bond.atom_id_2 
_chem_comp_bond.value_order 
_chem_comp_bond.pdbx_aromatic_flag 
_chem_comp_bond.pdbx_stereo_config 
_chem_comp_bond.pdbx_ordinal 
ALA N   CA   sing N N 1   
ALA N   H    sing N N 2   
ALA N   H2   sing N N 3   
ALA CA  C    sing N N 4   
ALA CA  CB   sing N N 5   
ALA CA  HA   sing N N 6   
ALA C   O    doub N N 7   
ALA C   OXT  sing N N 8   
ALA CB  HB1  sing N N 9   
ALA CB  HB2  sing N N 10  
ALA CB  HB3  sing N N 11  
ALA OXT HXT  sing N N 12  
ARG N   CA   sing N N 13  
ARG N   H    sing N N 14  
ARG N   H2   sing N N 15  
ARG CA  C    sing N N 16  
ARG CA  CB   sing N N 17  
ARG CA  HA   sing N N 18  
ARG C   O    doub N N 19  
ARG C   OXT  sing N N 20  
ARG CB  CG   sing N N 21  
ARG CB  HB2  sing N N 22  
ARG CB  HB3  sing N N 23  
ARG CG  CD   sing N N 24  
ARG CG  HG2  sing N N 25  
ARG CG  HG3  sing N N 26  
ARG CD  NE   sing N N 27  
ARG CD  HD2  sing N N 28  
ARG CD  HD3  sing N N 29  
ARG NE  CZ   sing N N 30  
ARG NE  HE   sing N N 31  
ARG CZ  NH1  sing N N 32  
ARG CZ  NH2  doub N N 33  
ARG NH1 HH11 sing N N 34  
ARG NH1 HH12 sing N N 35  
ARG NH2 HH21 sing N N 36  
ARG NH2 HH22 sing N N 37  
ARG OXT HXT  sing N N 38  
ASN N   CA   sing N N 39  
ASN N   H    sing N N 40  
ASN N   H2   sing N N 41  
ASN CA  C    sing N N 42  
ASN CA  CB   sing N N 43  
ASN CA  HA   sing N N 44  
ASN C   O    doub N N 45  
ASN C   OXT  sing N N 46  
ASN CB  CG   sing N N 47  
ASN CB  HB2  sing N N 48  
ASN CB  HB3  sing N N 49  
ASN CG  OD1  doub N N 50  
ASN CG  ND2  sing N N 51  
ASN ND2 HD21 sing N N 52  
ASN ND2 HD22 sing N N 53  
ASN OXT HXT  sing N N 54  
ASP N   CA   sing N N 55  
ASP N   H    sing N N 56  
ASP N   H2   sing N N 57  
ASP CA  C    sing N N 58  
ASP CA  CB   sing N N 59  
ASP CA  HA   sing N N 60  
ASP C   O    doub N N 61  
ASP C   OXT  sing N N 62  
ASP CB  CG   sing N N 63  
ASP CB  HB2  sing N N 64  
ASP CB  HB3  sing N N 65  
ASP CG  OD1  doub N N 66  
ASP CG  OD2  sing N N 67  
ASP OD2 HD2  sing N N 68  
ASP OXT HXT  sing N N 69  
CYS N   CA   sing N N 70  
CYS N   H    sing N N 71  
CYS N   H2   sing N N 72  
CYS CA  C    sing N N 73  
CYS CA  CB   sing N N 74  
CYS CA  HA   sing N N 75  
CYS C   O    doub N N 76  
CYS C   OXT  sing N N 77  
CYS CB  SG   sing N N 78  
CYS CB  HB2  sing N N 79  
CYS CB  HB3  sing N N 80  
CYS SG  HG   sing N N 81  
CYS OXT HXT  sing N N 82  
EDO C1  O1   sing N N 83  
EDO C1  C2   sing N N 84  
EDO C1  H11  sing N N 85  
EDO C1  H12  sing N N 86  
EDO O1  HO1  sing N N 87  
EDO C2  O2   sing N N 88  
EDO C2  H21  sing N N 89  
EDO C2  H22  sing N N 90  
EDO O2  HO2  sing N N 91  
GLN N   CA   sing N N 92  
GLN N   H    sing N N 93  
GLN N   H2   sing N N 94  
GLN CA  C    sing N N 95  
GLN CA  CB   sing N N 96  
GLN CA  HA   sing N N 97  
GLN C   O    doub N N 98  
GLN C   OXT  sing N N 99  
GLN CB  CG   sing N N 100 
GLN CB  HB2  sing N N 101 
GLN CB  HB3  sing N N 102 
GLN CG  CD   sing N N 103 
GLN CG  HG2  sing N N 104 
GLN CG  HG3  sing N N 105 
GLN CD  OE1  doub N N 106 
GLN CD  NE2  sing N N 107 
GLN NE2 HE21 sing N N 108 
GLN NE2 HE22 sing N N 109 
GLN OXT HXT  sing N N 110 
GLU N   CA   sing N N 111 
GLU N   H    sing N N 112 
GLU N   H2   sing N N 113 
GLU CA  C    sing N N 114 
GLU CA  CB   sing N N 115 
GLU CA  HA   sing N N 116 
GLU C   O    doub N N 117 
GLU C   OXT  sing N N 118 
GLU CB  CG   sing N N 119 
GLU CB  HB2  sing N N 120 
GLU CB  HB3  sing N N 121 
GLU CG  CD   sing N N 122 
GLU CG  HG2  sing N N 123 
GLU CG  HG3  sing N N 124 
GLU CD  OE1  doub N N 125 
GLU CD  OE2  sing N N 126 
GLU OE2 HE2  sing N N 127 
GLU OXT HXT  sing N N 128 
GLY N   CA   sing N N 129 
GLY N   H    sing N N 130 
GLY N   H2   sing N N 131 
GLY CA  C    sing N N 132 
GLY CA  HA2  sing N N 133 
GLY CA  HA3  sing N N 134 
GLY C   O    doub N N 135 
GLY C   OXT  sing N N 136 
GLY OXT HXT  sing N N 137 
HIS N   CA   sing N N 138 
HIS N   H    sing N N 139 
HIS N   H2   sing N N 140 
HIS CA  C    sing N N 141 
HIS CA  CB   sing N N 142 
HIS CA  HA   sing N N 143 
HIS C   O    doub N N 144 
HIS C   OXT  sing N N 145 
HIS CB  CG   sing N N 146 
HIS CB  HB2  sing N N 147 
HIS CB  HB3  sing N N 148 
HIS CG  ND1  sing Y N 149 
HIS CG  CD2  doub Y N 150 
HIS ND1 CE1  doub Y N 151 
HIS ND1 HD1  sing N N 152 
HIS CD2 NE2  sing Y N 153 
HIS CD2 HD2  sing N N 154 
HIS CE1 NE2  sing Y N 155 
HIS CE1 HE1  sing N N 156 
HIS NE2 HE2  sing N N 157 
HIS OXT HXT  sing N N 158 
HOH O   H1   sing N N 159 
HOH O   H2   sing N N 160 
IJI C11 C10  sing N N 161 
IJI N1  C3   doub N N 162 
IJI N1  C4   sing N N 163 
IJI C3  C2   sing N N 164 
IJI C10 O2   doub N N 165 
IJI C10 N5   sing N N 166 
IJI C5  C4   sing N N 167 
IJI C5  N5   sing N N 168 
IJI C5  C6   sing N N 169 
IJI C4  O1   doub N N 170 
IJI C2  C1   doub N N 171 
IJI C6  C7   sing N N 172 
IJI C7  C8   sing N N 173 
IJI C8  N2   sing N N 174 
IJI N2  C9   sing N N 175 
IJI N4  C9   doub N N 176 
IJI C9  N3   sing N N 177 
IJI C5  H1   sing N N 178 
IJI C6  H2   sing N N 179 
IJI C6  H3   sing N N 180 
IJI C11 H4   sing N N 181 
IJI C11 H5   sing N N 182 
IJI C11 H6   sing N N 183 
IJI C7  H7   sing N N 184 
IJI C7  H8   sing N N 185 
IJI C8  H9   sing N N 186 
IJI C8  H10  sing N N 187 
IJI N2  H12  sing N N 188 
IJI C3  H13  sing N N 189 
IJI N3  H15  sing N N 190 
IJI N3  H16  sing N N 191 
IJI C1  H17  sing N N 192 
IJI C1  H18  sing N N 193 
IJI C2  H19  sing N N 194 
IJI N4  H20  sing N N 195 
IJI N5  H21  sing N N 196 
ILE N   CA   sing N N 197 
ILE N   H    sing N N 198 
ILE N   H2   sing N N 199 
ILE CA  C    sing N N 200 
ILE CA  CB   sing N N 201 
ILE CA  HA   sing N N 202 
ILE C   O    doub N N 203 
ILE C   OXT  sing N N 204 
ILE CB  CG1  sing N N 205 
ILE CB  CG2  sing N N 206 
ILE CB  HB   sing N N 207 
ILE CG1 CD1  sing N N 208 
ILE CG1 HG12 sing N N 209 
ILE CG1 HG13 sing N N 210 
ILE CG2 HG21 sing N N 211 
ILE CG2 HG22 sing N N 212 
ILE CG2 HG23 sing N N 213 
ILE CD1 HD11 sing N N 214 
ILE CD1 HD12 sing N N 215 
ILE CD1 HD13 sing N N 216 
ILE OXT HXT  sing N N 217 
LEU N   CA   sing N N 218 
LEU N   H    sing N N 219 
LEU N   H2   sing N N 220 
LEU CA  C    sing N N 221 
LEU CA  CB   sing N N 222 
LEU CA  HA   sing N N 223 
LEU C   O    doub N N 224 
LEU C   OXT  sing N N 225 
LEU CB  CG   sing N N 226 
LEU CB  HB2  sing N N 227 
LEU CB  HB3  sing N N 228 
LEU CG  CD1  sing N N 229 
LEU CG  CD2  sing N N 230 
LEU CG  HG   sing N N 231 
LEU CD1 HD11 sing N N 232 
LEU CD1 HD12 sing N N 233 
LEU CD1 HD13 sing N N 234 
LEU CD2 HD21 sing N N 235 
LEU CD2 HD22 sing N N 236 
LEU CD2 HD23 sing N N 237 
LEU OXT HXT  sing N N 238 
LYS N   CA   sing N N 239 
LYS N   H    sing N N 240 
LYS N   H2   sing N N 241 
LYS CA  C    sing N N 242 
LYS CA  CB   sing N N 243 
LYS CA  HA   sing N N 244 
LYS C   O    doub N N 245 
LYS C   OXT  sing N N 246 
LYS CB  CG   sing N N 247 
LYS CB  HB2  sing N N 248 
LYS CB  HB3  sing N N 249 
LYS CG  CD   sing N N 250 
LYS CG  HG2  sing N N 251 
LYS CG  HG3  sing N N 252 
LYS CD  CE   sing N N 253 
LYS CD  HD2  sing N N 254 
LYS CD  HD3  sing N N 255 
LYS CE  NZ   sing N N 256 
LYS CE  HE2  sing N N 257 
LYS CE  HE3  sing N N 258 
LYS NZ  HZ1  sing N N 259 
LYS NZ  HZ2  sing N N 260 
LYS NZ  HZ3  sing N N 261 
LYS OXT HXT  sing N N 262 
MET N   CA   sing N N 263 
MET N   H    sing N N 264 
MET N   H2   sing N N 265 
MET CA  C    sing N N 266 
MET CA  CB   sing N N 267 
MET CA  HA   sing N N 268 
MET C   O    doub N N 269 
MET C   OXT  sing N N 270 
MET CB  CG   sing N N 271 
MET CB  HB2  sing N N 272 
MET CB  HB3  sing N N 273 
MET CG  SD   sing N N 274 
MET CG  HG2  sing N N 275 
MET CG  HG3  sing N N 276 
MET SD  CE   sing N N 277 
MET CE  HE1  sing N N 278 
MET CE  HE2  sing N N 279 
MET CE  HE3  sing N N 280 
MET OXT HXT  sing N N 281 
PHE N   CA   sing N N 282 
PHE N   H    sing N N 283 
PHE N   H2   sing N N 284 
PHE CA  C    sing N N 285 
PHE CA  CB   sing N N 286 
PHE CA  HA   sing N N 287 
PHE C   O    doub N N 288 
PHE C   OXT  sing N N 289 
PHE CB  CG   sing N N 290 
PHE CB  HB2  sing N N 291 
PHE CB  HB3  sing N N 292 
PHE CG  CD1  doub Y N 293 
PHE CG  CD2  sing Y N 294 
PHE CD1 CE1  sing Y N 295 
PHE CD1 HD1  sing N N 296 
PHE CD2 CE2  doub Y N 297 
PHE CD2 HD2  sing N N 298 
PHE CE1 CZ   doub Y N 299 
PHE CE1 HE1  sing N N 300 
PHE CE2 CZ   sing Y N 301 
PHE CE2 HE2  sing N N 302 
PHE CZ  HZ   sing N N 303 
PHE OXT HXT  sing N N 304 
PRO N   CA   sing N N 305 
PRO N   CD   sing N N 306 
PRO N   H    sing N N 307 
PRO CA  C    sing N N 308 
PRO CA  CB   sing N N 309 
PRO CA  HA   sing N N 310 
PRO C   O    doub N N 311 
PRO C   OXT  sing N N 312 
PRO CB  CG   sing N N 313 
PRO CB  HB2  sing N N 314 
PRO CB  HB3  sing N N 315 
PRO CG  CD   sing N N 316 
PRO CG  HG2  sing N N 317 
PRO CG  HG3  sing N N 318 
PRO CD  HD2  sing N N 319 
PRO CD  HD3  sing N N 320 
PRO OXT HXT  sing N N 321 
SER N   CA   sing N N 322 
SER N   H    sing N N 323 
SER N   H2   sing N N 324 
SER CA  C    sing N N 325 
SER CA  CB   sing N N 326 
SER CA  HA   sing N N 327 
SER C   O    doub N N 328 
SER C   OXT  sing N N 329 
SER CB  OG   sing N N 330 
SER CB  HB2  sing N N 331 
SER CB  HB3  sing N N 332 
SER OG  HG   sing N N 333 
SER OXT HXT  sing N N 334 
SO4 S   O1   doub N N 335 
SO4 S   O2   doub N N 336 
SO4 S   O3   sing N N 337 
SO4 S   O4   sing N N 338 
THR N   CA   sing N N 339 
THR N   H    sing N N 340 
THR N   H2   sing N N 341 
THR CA  C    sing N N 342 
THR CA  CB   sing N N 343 
THR CA  HA   sing N N 344 
THR C   O    doub N N 345 
THR C   OXT  sing N N 346 
THR CB  OG1  sing N N 347 
THR CB  CG2  sing N N 348 
THR CB  HB   sing N N 349 
THR OG1 HG1  sing N N 350 
THR CG2 HG21 sing N N 351 
THR CG2 HG22 sing N N 352 
THR CG2 HG23 sing N N 353 
THR OXT HXT  sing N N 354 
TYR N   CA   sing N N 355 
TYR N   H    sing N N 356 
TYR N   H2   sing N N 357 
TYR CA  C    sing N N 358 
TYR CA  CB   sing N N 359 
TYR CA  HA   sing N N 360 
TYR C   O    doub N N 361 
TYR C   OXT  sing N N 362 
TYR CB  CG   sing N N 363 
TYR CB  HB2  sing N N 364 
TYR CB  HB3  sing N N 365 
TYR CG  CD1  doub Y N 366 
TYR CG  CD2  sing Y N 367 
TYR CD1 CE1  sing Y N 368 
TYR CD1 HD1  sing N N 369 
TYR CD2 CE2  doub Y N 370 
TYR CD2 HD2  sing N N 371 
TYR CE1 CZ   doub Y N 372 
TYR CE1 HE1  sing N N 373 
TYR CE2 CZ   sing Y N 374 
TYR CE2 HE2  sing N N 375 
TYR CZ  OH   sing N N 376 
TYR OH  HH   sing N N 377 
TYR OXT HXT  sing N N 378 
VAL N   CA   sing N N 379 
VAL N   H    sing N N 380 
VAL N   H2   sing N N 381 
VAL CA  C    sing N N 382 
VAL CA  CB   sing N N 383 
VAL CA  HA   sing N N 384 
VAL C   O    doub N N 385 
VAL C   OXT  sing N N 386 
VAL CB  CG1  sing N N 387 
VAL CB  CG2  sing N N 388 
VAL CB  HB   sing N N 389 
VAL CG1 HG11 sing N N 390 
VAL CG1 HG12 sing N N 391 
VAL CG1 HG13 sing N N 392 
VAL CG2 HG21 sing N N 393 
VAL CG2 HG22 sing N N 394 
VAL CG2 HG23 sing N N 395 
VAL OXT HXT  sing N N 396 
# 
loop_
_pdbx_audit_support.funding_organization 
_pdbx_audit_support.country 
_pdbx_audit_support.grant_number 
_pdbx_audit_support.ordinal 
'Cancer Research UK' 'United Kingdom' C57659/A27310 1 
'Cancer Research UK' 'United Kingdom' C1362/A20263  2 
'Cancer Research UK' 'United Kingdom' C2215/A21421  3 
# 
_pdbx_initial_refinement_model.id               1 
_pdbx_initial_refinement_model.entity_id_list   ? 
_pdbx_initial_refinement_model.type             'experimental model' 
_pdbx_initial_refinement_model.source_name      PDB 
_pdbx_initial_refinement_model.accession_code   3DAI 
_pdbx_initial_refinement_model.details          ? 
# 
_atom_sites.entry_id                    7Z9S 
_atom_sites.Cartn_transf_matrix[1][1]   ? 
_atom_sites.Cartn_transf_matrix[1][2]   ? 
_atom_sites.Cartn_transf_matrix[1][3]   ? 
_atom_sites.Cartn_transf_matrix[2][1]   ? 
_atom_sites.Cartn_transf_matrix[2][2]   ? 
_atom_sites.Cartn_transf_matrix[2][3]   ? 
_atom_sites.Cartn_transf_matrix[3][1]   ? 
_atom_sites.Cartn_transf_matrix[3][2]   ? 
_atom_sites.Cartn_transf_matrix[3][3]   ? 
_atom_sites.Cartn_transf_vector[1]      ? 
_atom_sites.Cartn_transf_vector[2]      ? 
_atom_sites.Cartn_transf_vector[3]      ? 
_atom_sites.fract_transf_matrix[1][1]   -0.00808451 
_atom_sites.fract_transf_matrix[1][2]   0.00701768 
_atom_sites.fract_transf_matrix[1][3]   0.00985082 
_atom_sites.fract_transf_matrix[2][1]   -0.00639268 
_atom_sites.fract_transf_matrix[2][2]   -0.00740243 
_atom_sites.fract_transf_matrix[2][3]   0.01076949 
_atom_sites.fract_transf_matrix[3][1]   0.00590130 
_atom_sites.fract_transf_matrix[3][2]   0.00095746 
_atom_sites.fract_transf_matrix[3][3]   0.00416108 
_atom_sites.fract_transf_vector[1]      0.138915 
_atom_sites.fract_transf_vector[2]      0.599515 
_atom_sites.fract_transf_vector[3]      0.027375 
_atom_sites.solution_primary            ? 
_atom_sites.solution_secondary          ? 
_atom_sites.solution_hydrogens          ? 
_atom_sites.special_details             ? 
# 
loop_
_atom_type.symbol 
_atom_type.pdbx_scat_Z 
_atom_type.pdbx_N_electrons 
_atom_type.scat_Cromer_Mann_a1 
_atom_type.scat_Cromer_Mann_b1 
_atom_type.scat_Cromer_Mann_a2 
_atom_type.scat_Cromer_Mann_b2 
_atom_type.scat_Cromer_Mann_a3 
_atom_type.scat_Cromer_Mann_b3 
_atom_type.scat_Cromer_Mann_a4 
_atom_type.scat_Cromer_Mann_b4 
_atom_type.scat_Cromer_Mann_c 
C  6  6  2.310  20.844 1.020 10.208 1.589 0.569  0.865 51.651 0.216   
CL 17 17 11.460 0.010  7.196 1.166  6.255 18.519 1.645 47.778 -9.366  
N  7  7  12.222 0.006  3.135 9.893  2.014 28.997 1.167 0.583  -11.538 
O  8  8  3.049  13.277 2.287 5.701  1.546 0.324  0.867 32.909 0.251   
S  16 16 6.905  1.468  5.203 22.215 1.438 0.254  1.586 56.172 1.030   
# 
loop_
_atom_site.group_PDB 
_atom_site.id 
_atom_site.type_symbol 
_atom_site.label_atom_id 
_atom_site.label_alt_id 
_atom_site.label_comp_id 
_atom_site.label_asym_id 
_atom_site.label_entity_id 
_atom_site.label_seq_id 
_atom_site.pdbx_PDB_ins_code 
_atom_site.Cartn_x 
_atom_site.Cartn_y 
_atom_site.Cartn_z 
_atom_site.occupancy 
_atom_site.B_iso_or_equiv 
_atom_site.pdbx_formal_charge 
_atom_site.auth_seq_id 
_atom_site.auth_comp_id 
_atom_site.auth_asym_id 
_atom_site.auth_atom_id 
_atom_site.pdbx_PDB_model_num 
_atom_site.calc_flag 
ATOM   1    N  N   . SER A 1 1   ? -17.706 18.626  8.384   1.000 40.337  ? 979  SER AAA N   1 ? 
ATOM   2    C  CA  . SER A 1 1   ? -19.107 18.612  7.898   1.000 48.208  ? 979  SER AAA CA  1 ? 
ATOM   3    C  C   . SER A 1 1   ? -19.438 17.218  7.373   1.000 53.295  ? 979  SER AAA C   1 ? 
ATOM   4    O  O   . SER A 1 1   ? -18.535 16.400  7.149   1.000 41.700  ? 979  SER AAA O   1 ? 
ATOM   5    C  CB  . SER A 1 1   ? -19.267 19.622  6.808   1.000 50.031  ? 979  SER AAA CB  1 ? 
ATOM   6    O  OG  . SER A 1 1   ? -18.383 19.291  5.750   1.000 42.803  ? 979  SER AAA OG  1 ? 
ATOM   7    N  N   . MET A 1 2   ? -20.735 16.958  7.166   1.000 51.841  ? 980  MET AAA N   1 ? 
ATOM   8    C  CA  . MET A 1 2   ? -21.117 15.693  6.550   1.000 57.535  ? 980  MET AAA CA  1 ? 
ATOM   9    C  C   . MET A 1 2   ? -20.554 15.613  5.130   1.000 45.613  ? 980  MET AAA C   1 ? 
ATOM   10   O  O   . MET A 1 2   ? -20.145 14.548  4.698   1.000 44.514  ? 980  MET AAA O   1 ? 
ATOM   11   C  CB  . MET A 1 2   ? -22.630 15.414  6.570   1.000 72.401  ? 980  MET AAA CB  1 ? 
ATOM   12   C  CG  . MET A 1 2   ? -23.505 16.430  5.829   1.000 100.724 ? 980  MET AAA CG  1 ? 
ATOM   13   S  SD  . MET A 1 2   ? -24.366 15.786  4.349   1.000 138.926 ? 980  MET AAA SD  1 ? 
ATOM   14   C  CE  . MET A 1 2   ? -25.888 16.739  4.400   1.000 99.154  ? 980  MET AAA CE  1 ? 
ATOM   15   N  N   . GLN A 1 3   ? -20.473 16.722  4.403   1.000 38.369  ? 981  GLN AAA N   1 ? 
ATOM   16   C  CA  . GLN A 1 3   ? -19.953 16.584  3.058   1.000 45.117  ? 981  GLN AAA CA  1 ? 
ATOM   17   C  C   . GLN A 1 3   ? -18.459 16.190  3.101   1.000 37.422  ? 981  GLN AAA C   1 ? 
ATOM   18   O  O   . GLN A 1 3   ? -17.985 15.485  2.209   1.000 34.948  ? 981  GLN AAA O   1 ? 
ATOM   19   C  CB  . GLN A 1 3   ? -20.420 17.731  2.150   1.000 55.785  ? 981  GLN AAA CB  1 ? 
ATOM   20   C  CG  . GLN A 1 3   ? -21.799 18.316  2.465   1.000 64.696  ? 981  GLN AAA CG  1 ? 
ATOM   21   C  CD  . GLN A 1 3   ? -21.667 19.462  3.448   1.000 69.492  ? 981  GLN AAA CD  1 ? 
ATOM   22   O  OE1 . GLN A 1 3   ? -21.318 20.585  3.084   1.000 83.576  ? 981  GLN AAA OE1 1 ? 
ATOM   23   N  NE2 . GLN A 1 3   ? -21.916 19.191  4.721   1.000 63.758  ? 981  GLN AAA NE2 1 ? 
ATOM   24   N  N   . GLU A 1 4   ? -17.694 16.668  4.090   1.000 31.248  ? 982  GLU AAA N   1 ? 
ATOM   25   C  CA  . GLU A 1 4   ? -16.314 16.220  4.258   1.000 29.220  ? 982  GLU AAA CA  1 ? 
ATOM   26   C  C   . GLU A 1 4   ? -16.304 14.734  4.606   1.000 29.148  ? 982  GLU AAA C   1 ? 
ATOM   27   O  O   . GLU A 1 4   ? -15.435 13.990  4.129   1.000 25.125  ? 982  GLU AAA O   1 ? 
ATOM   28   C  CB  . GLU A 1 4   ? -15.578 17.039  5.327   1.000 30.404  ? 982  GLU AAA CB  1 ? 
ATOM   29   C  CG  . GLU A 1 4   ? -15.265 18.411  4.739   1.000 31.069  ? 982  GLU AAA CG  1 ? 
ATOM   30   C  CD  . GLU A 1 4   ? -14.759 19.387  5.796   1.000 35.842  ? 982  GLU AAA CD  1 ? 
ATOM   31   O  OE1 . GLU A 1 4   ? -14.815 19.024  6.986   1.000 37.031  ? 982  GLU AAA OE1 1 ? 
ATOM   32   O  OE2 . GLU A 1 4   ? -14.201 20.458  5.415   1.000 30.236  ? 982  GLU AAA OE2 1 ? 
ATOM   33   N  N   . GLU A 1 5   ? -17.215 14.300  5.476   1.000 29.242  ? 983  GLU AAA N   1 ? 
ATOM   34   C  CA  . GLU A 1 5   ? -17.274 12.890  5.821   1.000 28.259  ? 983  GLU AAA CA  1 ? 
ATOM   35   C  C   . GLU A 1 5   ? -17.599 12.044  4.583   1.000 31.212  ? 983  GLU AAA C   1 ? 
ATOM   36   O  O   . GLU A 1 5   ? -17.021 10.959  4.460   1.000 28.341  ? 983  GLU AAA O   1 ? 
ATOM   37   C  CB  . GLU A 1 5   ? -18.191 12.670  7.038   1.000 37.144  ? 983  GLU AAA CB  1 ? 
ATOM   38   C  CG  . GLU A 1 5   ? -17.537 13.196  8.347   1.000 48.946  ? 983  GLU AAA CG  1 ? 
ATOM   39   C  CD  . GLU A 1 5   ? -16.004 12.880  8.518   1.000 65.737  ? 983  GLU AAA CD  1 ? 
ATOM   40   O  OE1 . GLU A 1 5   ? -15.080 13.776  8.704   1.000 68.253  ? 983  GLU AAA OE1 1 ? 
ATOM   41   O  OE2 . GLU A 1 5   ? -15.723 11.609  8.407   1.000 80.111  ? 983  GLU AAA OE2 1 ? 
ATOM   42   N  N   . ASP A 1 6   ? -18.521 12.510  3.722   1.000 26.050  ? 984  ASP AAA N   1 ? 
ATOM   43   C  CA  . ASP A 1 6   ? -18.807 11.827  2.463   1.000 27.534  ? 984  ASP AAA CA  1 ? 
ATOM   44   C  C   . ASP A 1 6   ? -17.514 11.744  1.615   1.000 27.770  ? 984  ASP AAA C   1 ? 
ATOM   45   O  O   . ASP A 1 6   ? -17.331 10.733  0.900   1.000 24.004  ? 984  ASP AAA O   1 ? 
ATOM   46   C  CB  . ASP A 1 6   ? -19.890 12.500  1.607   1.000 30.234  ? 984  ASP AAA CB  1 ? 
ATOM   47   C  CG  . ASP A 1 6   ? -21.308 12.437  2.203   1.000 34.046  ? 984  ASP AAA CG  1 ? 
ATOM   48   O  OD1 . ASP A 1 6   ? -21.522 11.619  3.075   1.000 36.977  ? 984  ASP AAA OD1 1 ? 
ATOM   49   O  OD2 . ASP A 1 6   ? -22.141 13.258  1.807   1.000 48.124  ? 984  ASP AAA OD2 1 ? 
ATOM   50   N  N   . THR A 1 7   ? -16.693 12.819  1.586   1.000 24.289  ? 985  THR AAA N   1 ? 
ATOM   51   C  CA  . THR A 1 7   ? -15.464 12.849  0.790   1.000 23.362  ? 985  THR AAA CA  1 ? 
ATOM   52   C  C   . THR A 1 7   ? -14.556 11.712  1.279   1.000 23.468  ? 985  THR AAA C   1 ? 
ATOM   53   O  O   . THR A 1 7   ? -14.067 10.918  0.464   1.000 21.188  ? 985  THR AAA O   1 ? 
ATOM   54   C  CB  . THR A 1 7   ? -14.726 14.182  0.894   1.000 23.546  ? 985  THR AAA CB  1 ? 
ATOM   55   O  OG1 . THR A 1 7   ? -15.612 15.163  0.333   1.000 25.120  ? 985  THR AAA OG1 1 ? 
ATOM   56   C  CG2 . THR A 1 7   ? -13.460 14.196  0.066   1.000 23.763  ? 985  THR AAA CG2 1 ? 
ATOM   57   N  N   . PHE A 1 8   ? -14.339 11.631  2.609   1.000 22.168  ? 986  PHE AAA N   1 ? 
ATOM   58   C  CA  . PHE A 1 8   ? -13.444 10.592  3.071   1.000 23.630  ? 986  PHE AAA CA  1 ? 
ATOM   59   C  C   . PHE A 1 8   ? -14.033 9.203   2.838   1.000 22.710  ? 986  PHE AAA C   1 ? 
ATOM   60   O  O   . PHE A 1 8   ? -13.252 8.254   2.642   1.000 23.012  ? 986  PHE AAA O   1 ? 
ATOM   61   C  CB  . PHE A 1 8   ? -13.026 10.793  4.531   1.000 23.596  ? 986  PHE AAA CB  1 ? 
ATOM   62   C  CG  . PHE A 1 8   ? -12.166 12.004  4.755   1.000 24.541  ? 986  PHE AAA CG  1 ? 
ATOM   63   C  CD1 . PHE A 1 8   ? -11.035 12.296  3.984   1.000 26.200  ? 986  PHE AAA CD1 1 ? 
ATOM   64   C  CD2 . PHE A 1 8   ? -12.519 12.912  5.738   1.000 30.459  ? 986  PHE AAA CD2 1 ? 
ATOM   65   C  CE1 . PHE A 1 8   ? -10.233 13.418  4.199   1.000 28.145  ? 986  PHE AAA CE1 1 ? 
ATOM   66   C  CE2 . PHE A 1 8   ? -11.700 14.016  5.970   1.000 28.735  ? 986  PHE AAA CE2 1 ? 
ATOM   67   C  CZ  . PHE A 1 8   ? -10.598 14.297  5.200   1.000 30.215  ? 986  PHE AAA CZ  1 ? 
ATOM   68   N  N   A ARG A 1 9   ? -15.352 9.050   2.910   0.500 21.257  ? 987  ARG AAA N   1 ? 
ATOM   69   N  N   B ARG A 1 9   ? -15.368 9.047   2.870   0.500 22.563  ? 987  ARG AAA N   1 ? 
ATOM   70   C  CA  A ARG A 1 9   ? -15.894 7.731   2.653   0.500 21.924  ? 987  ARG AAA CA  1 ? 
ATOM   71   C  CA  B ARG A 1 9   ? -16.031 7.764   2.635   0.500 23.691  ? 987  ARG AAA CA  1 ? 
ATOM   72   C  C   A ARG A 1 9   ? -15.562 7.361   1.208   0.500 21.013  ? 987  ARG AAA C   1 ? 
ATOM   73   C  C   B ARG A 1 9   ? -15.774 7.325   1.190   0.500 22.570  ? 987  ARG AAA C   1 ? 
ATOM   74   O  O   A ARG A 1 9   ? -15.098 6.234   0.981   0.500 20.595  ? 987  ARG AAA O   1 ? 
ATOM   75   O  O   B ARG A 1 9   ? -15.559 6.129   0.929   0.500 21.633  ? 987  ARG AAA O   1 ? 
ATOM   76   C  CB  A ARG A 1 9   ? -17.378 7.648   2.988   0.500 23.472  ? 987  ARG AAA CB  1 ? 
ATOM   77   C  CB  B ARG A 1 9   ? -17.531 7.854   2.926   0.500 26.769  ? 987  ARG AAA CB  1 ? 
ATOM   78   C  CG  A ARG A 1 9   ? -17.836 6.202   3.031   0.500 20.916  ? 987  ARG AAA CG  1 ? 
ATOM   79   C  CG  B ARG A 1 9   ? -18.298 6.565   2.653   0.500 28.179  ? 987  ARG AAA CG  1 ? 
ATOM   80   C  CD  A ARG A 1 9   ? -19.165 6.101   3.758   0.500 24.986  ? 987  ARG AAA CD  1 ? 
ATOM   81   C  CD  B ARG A 1 9   ? -19.709 6.628   3.257   0.500 30.505  ? 987  ARG AAA CD  1 ? 
ATOM   82   N  NE  A ARG A 1 9   ? -19.735 4.783   3.534   0.500 26.370  ? 987  ARG AAA NE  1 ? 
ATOM   83   N  NE  B ARG A 1 9   ? -19.736 7.248   4.578   0.500 39.104  ? 987  ARG AAA NE  1 ? 
ATOM   84   C  CZ  A ARG A 1 9   ? -20.604 4.414   2.580   0.500 25.850  ? 987  ARG AAA CZ  1 ? 
ATOM   85   C  CZ  B ARG A 1 9   ? -20.259 8.444   4.866   0.500 32.422  ? 987  ARG AAA CZ  1 ? 
ATOM   86   N  NH1 A ARG A 1 9   ? -21.014 5.224   1.605   0.500 29.008  ? 987  ARG AAA NH1 1 ? 
ATOM   87   N  NH1 B ARG A 1 9   ? -20.812 9.193   3.924   0.500 33.739  ? 987  ARG AAA NH1 1 ? 
ATOM   88   N  NH2 A ARG A 1 9   ? -20.990 3.157   2.592   0.500 31.800  ? 987  ARG AAA NH2 1 ? 
ATOM   89   N  NH2 B ARG A 1 9   ? -20.188 8.883   6.105   0.500 33.441  ? 987  ARG AAA NH2 1 ? 
ATOM   90   N  N   . GLU A 1 10  ? -15.802 8.309   0.275   1.000 20.558  ? 988  GLU AAA N   1 ? 
ATOM   91   C  CA  . GLU A 1 10  ? -15.483 8.010   -1.138  1.000 20.777  ? 988  GLU AAA CA  1 ? 
ATOM   92   C  C   . GLU A 1 10  ? -14.010 7.607   -1.273  1.000 19.948  ? 988  GLU AAA C   1 ? 
ATOM   93   O  O   . GLU A 1 10  ? -13.686 6.626   -2.026  1.000 20.240  ? 988  GLU AAA O   1 ? 
ATOM   94   C  CB  . GLU A 1 10  ? -15.872 9.146   -2.077  1.000 20.170  ? 988  GLU AAA CB  1 ? 
ATOM   95   C  CG  . GLU A 1 10  ? -15.399 8.853   -3.498  1.000 19.043  ? 988  GLU AAA CG  1 ? 
ATOM   96   C  CD  . GLU A 1 10  ? -16.098 9.715   -4.528  1.000 24.445  ? 988  GLU AAA CD  1 ? 
ATOM   97   O  OE1 . GLU A 1 10  ? -15.722 9.590   -5.716  1.000 23.015  ? 988  GLU AAA OE1 1 ? 
ATOM   98   O  OE2 . GLU A 1 10  ? -16.962 10.599  -4.136  1.000 24.958  ? 988  GLU AAA OE2 1 ? 
ATOM   99   N  N   . LEU A 1 11  ? -13.128 8.297   -0.545  1.000 19.419  ? 989  LEU AAA N   1 ? 
ATOM   100  C  CA  . LEU A 1 11  ? -11.717 7.931   -0.578  1.000 18.955  ? 989  LEU AAA CA  1 ? 
ATOM   101  C  C   . LEU A 1 11  ? -11.520 6.476   -0.125  1.000 20.514  ? 989  LEU AAA C   1 ? 
ATOM   102  O  O   . LEU A 1 11  ? -10.812 5.687   -0.782  1.000 19.287  ? 989  LEU AAA O   1 ? 
ATOM   103  C  CB  . LEU A 1 11  ? -10.917 8.905   0.317   1.000 20.222  ? 989  LEU AAA CB  1 ? 
ATOM   104  C  CG  . LEU A 1 11  ? -9.439  8.500   0.495   1.000 20.202  ? 989  LEU AAA CG  1 ? 
ATOM   105  C  CD1 . LEU A 1 11  ? -8.683  8.603   -0.838  1.000 23.276  ? 989  LEU AAA CD1 1 ? 
ATOM   106  C  CD2 . LEU A 1 11  ? -8.731  9.334   1.597   1.000 23.940  ? 989  LEU AAA CD2 1 ? 
ATOM   107  N  N   . ARG A 1 12  ? -12.157 6.120   0.998   1.000 20.506  ? 990  ARG AAA N   1 ? 
ATOM   108  C  CA  . ARG A 1 12  ? -11.985 4.731   1.458   1.000 19.550  ? 990  ARG AAA CA  1 ? 
ATOM   109  C  C   . ARG A 1 12  ? -12.491 3.711   0.448   1.000 19.206  ? 990  ARG AAA C   1 ? 
ATOM   110  O  O   . ARG A 1 12  ? -11.848 2.654   0.267   1.000 18.743  ? 990  ARG AAA O   1 ? 
ATOM   111  C  CB  . ARG A 1 12  ? -12.692 4.528   2.813   1.000 20.204  ? 990  ARG AAA CB  1 ? 
ATOM   112  C  CG  . ARG A 1 12  ? -12.009 5.376   3.884   1.000 20.723  ? 990  ARG AAA CG  1 ? 
ATOM   113  C  CD  . ARG A 1 12  ? -12.519 5.047   5.303   1.000 22.689  ? 990  ARG AAA CD  1 ? 
ATOM   114  N  NE  . ARG A 1 12  ? -13.984 5.244   5.457   1.000 22.800  ? 990  ARG AAA NE  1 ? 
ATOM   115  C  CZ  . ARG A 1 12  ? -14.513 6.400   5.912   1.000 24.524  ? 990  ARG AAA CZ  1 ? 
ATOM   116  N  NH1 . ARG A 1 12  ? -13.739 7.447   6.163   1.000 23.354  ? 990  ARG AAA NH1 1 ? 
ATOM   117  N  NH2 . ARG A 1 12  ? -15.832 6.499   6.062   1.000 26.914  ? 990  ARG AAA NH2 1 ? 
ATOM   118  N  N   . ILE A 1 13  ? -13.665 3.976   -0.153  1.000 19.329  ? 991  ILE AAA N   1 ? 
ATOM   119  C  CA  . ILE A 1 13  ? -14.193 3.096   -1.202  1.000 19.420  ? 991  ILE AAA CA  1 ? 
ATOM   120  C  C   . ILE A 1 13  ? -13.143 2.946   -2.323  1.000 18.212  ? 991  ILE AAA C   1 ? 
ATOM   121  O  O   . ILE A 1 13  ? -12.857 1.799   -2.751  1.000 18.419  ? 991  ILE AAA O   1 ? 
ATOM   122  C  CB  . ILE A 1 13  ? -15.552 3.574   -1.711  1.000 21.106  ? 991  ILE AAA CB  1 ? 
ATOM   123  C  CG1 . ILE A 1 13  ? -16.547 3.417   -0.546  1.000 26.331  ? 991  ILE AAA CG1 1 ? 
ATOM   124  C  CG2 . ILE A 1 13  ? -15.982 2.698   -2.873  1.000 22.947  ? 991  ILE AAA CG2 1 ? 
ATOM   125  C  CD1 . ILE A 1 13  ? -17.846 4.139   -0.786  1.000 26.071  ? 991  ILE AAA CD1 1 ? 
ATOM   126  N  N   . PHE A 1 14  ? -12.651 4.065   -2.818  1.000 17.609  ? 992  PHE AAA N   1 ? 
ATOM   127  C  CA  . PHE A 1 14  ? -11.634 4.023   -3.871  1.000 19.267  ? 992  PHE AAA CA  1 ? 
ATOM   128  C  C   . PHE A 1 14  ? -10.411 3.211   -3.429  1.000 18.806  ? 992  PHE AAA C   1 ? 
ATOM   129  O  O   . PHE A 1 14  ? -9.949  2.322   -4.202  1.000 18.316  ? 992  PHE AAA O   1 ? 
ATOM   130  C  CB  . PHE A 1 14  ? -11.278 5.462   -4.249  1.000 19.916  ? 992  PHE AAA CB  1 ? 
ATOM   131  C  CG  . PHE A 1 14  ? -10.149 5.544   -5.249  1.000 21.154  ? 992  PHE AAA CG  1 ? 
ATOM   132  C  CD1 . PHE A 1 14  ? -10.347 5.173   -6.585  1.000 23.847  ? 992  PHE AAA CD1 1 ? 
ATOM   133  C  CD2 . PHE A 1 14  ? -8.918  5.974   -4.792  1.000 21.803  ? 992  PHE AAA CD2 1 ? 
ATOM   134  C  CE1 . PHE A 1 14  ? -9.260  5.259   -7.487  1.000 22.943  ? 992  PHE AAA CE1 1 ? 
ATOM   135  C  CE2 . PHE A 1 14  ? -7.840  6.073   -5.683  1.000 25.647  ? 992  PHE AAA CE2 1 ? 
ATOM   136  C  CZ  . PHE A 1 14  ? -8.051  5.728   -7.003  1.000 21.985  ? 992  PHE AAA CZ  1 ? 
ATOM   137  N  N   . LEU A 1 15  ? -9.859  3.520   -2.238  1.000 19.146  ? 993  LEU AAA N   1 ? 
ATOM   138  C  CA  . LEU A 1 15  ? -8.676  2.776   -1.777  1.000 18.701  ? 993  LEU AAA CA  1 ? 
ATOM   139  C  C   . LEU A 1 15  ? -8.936  1.276   -1.598  1.000 18.427  ? 993  LEU AAA C   1 ? 
ATOM   140  O  O   . LEU A 1 15  ? -8.047  0.463   -1.888  1.000 19.018  ? 993  LEU AAA O   1 ? 
ATOM   141  C  CB  . LEU A 1 15  ? -8.122  3.398   -0.480  1.000 19.505  ? 993  LEU AAA CB  1 ? 
ATOM   142  C  CG  . LEU A 1 15  ? -7.668  4.852   -0.635  1.000 19.612  ? 993  LEU AAA CG  1 ? 
ATOM   143  C  CD1 . LEU A 1 15  ? -7.133  5.334   0.719   1.000 21.462  ? 993  LEU AAA CD1 1 ? 
ATOM   144  C  CD2 . LEU A 1 15  ? -6.567  4.987   -1.725  1.000 21.193  ? 993  LEU AAA CD2 1 ? 
ATOM   145  N  N   . ARG A 1 16  ? -10.095 0.860   -1.075  1.000 18.551  ? 994  ARG AAA N   1 ? 
ATOM   146  C  CA  . ARG A 1 16  ? -10.411 -0.544  -0.912  1.000 18.348  ? 994  ARG AAA CA  1 ? 
ATOM   147  C  C   . ARG A 1 16  ? -10.395 -1.221  -2.274  1.000 20.732  ? 994  ARG AAA C   1 ? 
ATOM   148  O  O   . ARG A 1 16  ? -9.904  -2.366  -2.423  1.000 21.645  ? 994  ARG AAA O   1 ? 
ATOM   149  C  CB  . ARG A 1 16  ? -11.768 -0.864  -0.267  1.000 20.680  ? 994  ARG AAA CB  1 ? 
ATOM   150  C  CG  . ARG A 1 16  ? -11.821 -0.510  1.203   1.000 26.170  ? 994  ARG AAA CG  1 ? 
ATOM   151  C  CD  . ARG A 1 16  ? -13.082 -1.174  1.772   1.000 22.874  ? 994  ARG AAA CD  1 ? 
ATOM   152  N  NE  . ARG A 1 16  ? -13.271 -0.425  2.994   1.000 25.468  ? 994  ARG AAA NE  1 ? 
ATOM   153  C  CZ  . ARG A 1 16  ? -13.948 0.695   3.186   1.000 25.479  ? 994  ARG AAA CZ  1 ? 
ATOM   154  N  NH1 . ARG A 1 16  ? -14.709 1.207   2.225   1.000 23.385  ? 994  ARG AAA NH1 1 ? 
ATOM   155  N  NH2 . ARG A 1 16  ? -13.907 1.324   4.365   1.000 29.130  ? 994  ARG AAA NH2 1 ? 
ATOM   156  N  N   . ASN A 1 17  ? -10.961 -0.550  -3.296  1.000 18.093  ? 995  ASN AAA N   1 ? 
ATOM   157  C  CA  . ASN A 1 17  ? -11.047 -1.141  -4.631  1.000 19.154  ? 995  ASN AAA CA  1 ? 
ATOM   158  C  C   . ASN A 1 17  ? -9.648  -1.310  -5.250  1.000 19.724  ? 995  ASN AAA C   1 ? 
ATOM   159  O  O   . ASN A 1 17  ? -9.354  -2.443  -5.730  1.000 19.105  ? 995  ASN AAA O   1 ? 
ATOM   160  C  CB  . ASN A 1 17  ? -11.980 -0.303  -5.494  1.000 19.225  ? 995  ASN AAA CB  1 ? 
ATOM   161  C  CG  . ASN A 1 17  ? -11.975 -0.840  -6.906  1.000 23.758  ? 995  ASN AAA CG  1 ? 
ATOM   162  O  OD1 . ASN A 1 17  ? -11.238 -0.365  -7.669  1.000 23.021  ? 995  ASN AAA OD1 1 ? 
ATOM   163  N  ND2 . ASN A 1 17  ? -12.743 -1.873  -7.207  1.000 27.828  ? 995  ASN AAA ND2 1 ? 
ATOM   164  N  N   . VAL A 1 18  ? -8.783  -0.274  -5.162  1.000 18.430  ? 996  VAL AAA N   1 ? 
ATOM   165  C  CA  . VAL A 1 18  ? -7.405  -0.385  -5.679  1.000 18.153  ? 996  VAL AAA CA  1 ? 
ATOM   166  C  C   . VAL A 1 18  ? -6.720  -1.543  -4.917  1.000 18.652  ? 996  VAL AAA C   1 ? 
ATOM   167  O  O   . VAL A 1 18  ? -6.083  -2.417  -5.523  1.000 19.486  ? 996  VAL AAA O   1 ? 
ATOM   168  C  CB  . VAL A 1 18  ? -6.591  0.891   -5.479  1.000 18.624  ? 996  VAL AAA CB  1 ? 
ATOM   169  C  CG1 . VAL A 1 18  ? -5.104  0.726   -5.898  1.000 19.719  ? 996  VAL AAA CG1 1 ? 
ATOM   170  C  CG2 . VAL A 1 18  ? -7.313  1.977   -6.294  1.000 19.629  ? 996  VAL AAA CG2 1 ? 
ATOM   171  N  N   . THR A 1 19  ? -6.880  -1.600  -3.582  1.000 18.862  ? 997  THR AAA N   1 ? 
ATOM   172  C  CA  . THR A 1 19  ? -6.106  -2.583  -2.793  1.000 18.414  ? 997  THR AAA CA  1 ? 
ATOM   173  C  C   . THR A 1 19  ? -6.613  -3.995  -3.108  1.000 20.131  ? 997  THR AAA C   1 ? 
ATOM   174  O  O   . THR A 1 19  ? -5.778  -4.913  -3.216  1.000 20.253  ? 997  THR AAA O   1 ? 
ATOM   175  C  CB  . THR A 1 19  ? -6.296  -2.317  -1.295  1.000 19.411  ? 997  THR AAA CB  1 ? 
ATOM   176  O  OG1 . THR A 1 19  ? -5.918  -0.972  -1.062  1.000 18.903  ? 997  THR AAA OG1 1 ? 
ATOM   177  C  CG2 . THR A 1 19  ? -5.396  -3.196  -0.436  1.000 21.137  ? 997  THR AAA CG2 1 ? 
ATOM   178  N  N   . HIS A 1 20  ? -7.930  -4.178  -3.300  1.000 18.651  ? 998  HIS AAA N   1 ? 
ATOM   179  C  CA  . HIS A 1 20  ? -8.436  -5.490  -3.690  1.000 20.804  ? 998  HIS AAA CA  1 ? 
ATOM   180  C  C   . HIS A 1 20  ? -7.862  -5.930  -5.033  1.000 21.218  ? 998  HIS AAA C   1 ? 
ATOM   181  O  O   . HIS A 1 20  ? -7.498  -7.103  -5.178  1.000 21.988  ? 998  HIS AAA O   1 ? 
ATOM   182  C  CB  . HIS A 1 20  ? -9.960  -5.421  -3.846  1.000 23.501  ? 998  HIS AAA CB  1 ? 
ATOM   183  C  CG  . HIS A 1 20  ? -10.587 -6.718  -4.219  1.000 26.277  ? 998  HIS AAA CG  1 ? 
ATOM   184  N  ND1 . HIS A 1 20  ? -11.219 -6.958  -5.457  1.000 33.492  ? 998  HIS AAA ND1 1 ? 
ATOM   185  C  CD2 . HIS A 1 20  ? -10.721 -7.868  -3.492  1.000 24.448  ? 998  HIS AAA CD2 1 ? 
ATOM   186  C  CE1 . HIS A 1 20  ? -11.674 -8.202  -5.484  1.000 30.248  ? 998  HIS AAA CE1 1 ? 
ATOM   187  N  NE2 . HIS A 1 20  ? -11.363 -8.787  -4.291  1.000 32.256  ? 998  HIS AAA NE2 1 ? 
ATOM   188  N  N   . ARG A 1 21  ? -7.777  -5.011  -6.007  1.000 19.823  ? 999  ARG AAA N   1 ? 
ATOM   189  C  CA  . ARG A 1 21  ? -7.250  -5.404  -7.317  1.000 19.310  ? 999  ARG AAA CA  1 ? 
ATOM   190  C  C   . ARG A 1 21  ? -5.779  -5.845  -7.186  1.000 21.216  ? 999  ARG AAA C   1 ? 
ATOM   191  O  O   . ARG A 1 21  ? -5.317  -6.721  -7.953  1.000 23.636  ? 999  ARG AAA O   1 ? 
ATOM   192  C  CB  . ARG A 1 21  ? -7.467  -4.270  -8.302  1.000 19.474  ? 999  ARG AAA CB  1 ? 
ATOM   193  C  CG  . ARG A 1 21  ? -8.944  -4.209  -8.708  1.000 22.247  ? 999  ARG AAA CG  1 ? 
ATOM   194  C  CD  . ARG A 1 21  ? -9.388  -2.771  -9.041  1.000 22.760  ? 999  ARG AAA CD  1 ? 
ATOM   195  N  NE  . ARG A 1 21  ? -8.769  -2.401  -10.275 1.000 22.902  ? 999  ARG AAA NE  1 ? 
ATOM   196  C  CZ  . ARG A 1 21  ? -8.805  -1.134  -10.729 1.000 18.964  ? 999  ARG AAA CZ  1 ? 
ATOM   197  N  NH1 . ARG A 1 21  ? -9.467  -0.169  -10.062 1.000 19.416  ? 999  ARG AAA NH1 1 ? 
ATOM   198  N  NH2 . ARG A 1 21  ? -8.208  -0.847  -11.856 1.000 21.391  ? 999  ARG AAA NH2 1 ? 
ATOM   199  N  N   . LEU A 1 22  ? -5.015  -5.215  -6.292  1.000 19.578  ? 1000 LEU AAA N   1 ? 
ATOM   200  C  CA  . LEU A 1 22  ? -3.611  -5.600  -6.129  1.000 19.480  ? 1000 LEU AAA CA  1 ? 
ATOM   201  C  C   . LEU A 1 22  ? -3.601  -6.967  -5.435  1.000 22.047  ? 1000 LEU AAA C   1 ? 
ATOM   202  O  O   . LEU A 1 22  ? -2.844  -7.864  -5.835  1.000 22.271  ? 1000 LEU AAA O   1 ? 
ATOM   203  C  CB  . LEU A 1 22  ? -2.859  -4.582  -5.272  1.000 19.932  ? 1000 LEU AAA CB  1 ? 
ATOM   204  C  CG  . LEU A 1 22  ? -2.804  -3.188  -5.876  1.000 19.820  ? 1000 LEU AAA CG  1 ? 
ATOM   205  C  CD1 . LEU A 1 22  ? -2.139  -2.247  -4.871  1.000 21.102  ? 1000 LEU AAA CD1 1 ? 
ATOM   206  C  CD2 . LEU A 1 22  ? -1.949  -3.226  -7.148  1.000 21.612  ? 1000 LEU AAA CD2 1 ? 
ATOM   207  N  N   . ALA A 1 23  ? -4.453  -7.151  -4.413  1.000 20.457  ? 1001 ALA AAA N   1 ? 
ATOM   208  C  CA  . ALA A 1 23  ? -4.387  -8.352  -3.582  1.000 21.490  ? 1001 ALA AAA CA  1 ? 
ATOM   209  C  C   . ALA A 1 23  ? -4.807  -9.614  -4.329  1.000 25.450  ? 1001 ALA AAA C   1 ? 
ATOM   210  O  O   . ALA A 1 23  ? -4.423  -10.723 -3.875  1.000 26.878  ? 1001 ALA AAA O   1 ? 
ATOM   211  C  CB  . ALA A 1 23  ? -5.240  -8.194  -2.336  1.000 24.194  ? 1001 ALA AAA CB  1 ? 
ATOM   212  N  N   . ILE A 1 24  ? -5.631  -9.472  -5.377  1.000 22.855  ? 1002 ILE AAA N   1 ? 
ATOM   213  C  CA  . ILE A 1 24  ? -6.075  -10.680 -6.076  1.000 24.768  ? 1002 ILE AAA CA  1 ? 
ATOM   214  C  C   . ILE A 1 24  ? -5.076  -11.041 -7.178  1.000 27.879  ? 1002 ILE AAA C   1 ? 
ATOM   215  O  O   . ILE A 1 24  ? -5.282  -12.026 -7.895  1.000 32.624  ? 1002 ILE AAA O   1 ? 
ATOM   216  C  CB  . ILE A 1 24  ? -7.507  -10.586 -6.629  1.000 25.112  ? 1002 ILE AAA CB  1 ? 
ATOM   217  C  CG1 . ILE A 1 24  ? -7.597  -9.529  -7.737  1.000 23.835  ? 1002 ILE AAA CG1 1 ? 
ATOM   218  C  CG2 . ILE A 1 24  ? -8.487  -10.342 -5.501  1.000 24.786  ? 1002 ILE AAA CG2 1 ? 
ATOM   219  C  CD1 . ILE A 1 24  ? -9.007  -9.321  -8.322  1.000 30.456  ? 1002 ILE AAA CD1 1 ? 
ATOM   220  N  N   . ASP A 1 25  ? -4.083  -10.205 -7.465  1.000 23.639  ? 1003 ASP AAA N   1 ? 
ATOM   221  C  CA  . ASP A 1 25  ? -3.134  -10.460 -8.540  1.000 24.109  ? 1003 ASP AAA CA  1 ? 
ATOM   222  C  C   . ASP A 1 25  ? -2.138  -11.507 -8.020  1.000 27.059  ? 1003 ASP AAA C   1 ? 
ATOM   223  O  O   . ASP A 1 25  ? -1.492  -11.334 -6.968  1.000 25.241  ? 1003 ASP AAA O   1 ? 
ATOM   224  C  CB  . ASP A 1 25  ? -2.450  -9.147  -8.938  1.000 24.413  ? 1003 ASP AAA CB  1 ? 
ATOM   225  C  CG  . ASP A 1 25  ? -1.566  -9.243  -10.173 1.000 26.334  ? 1003 ASP AAA CG  1 ? 
ATOM   226  O  OD1 . ASP A 1 25  ? -0.711  -10.176 -10.213 1.000 25.943  ? 1003 ASP AAA OD1 1 ? 
ATOM   227  O  OD2 . ASP A 1 25  ? -1.650  -8.337  -11.022 1.000 28.045  ? 1003 ASP AAA OD2 1 ? 
ATOM   228  N  N   . LYS A 1 26  ? -1.976  -12.625 -8.777  1.000 26.288  ? 1004 LYS AAA N   1 ? 
ATOM   229  C  CA  . LYS A 1 26  ? -1.113  -13.703 -8.316  1.000 31.086  ? 1004 LYS AAA CA  1 ? 
ATOM   230  C  C   . LYS A 1 26  ? 0.331   -13.285 -8.051  1.000 24.445  ? 1004 LYS AAA C   1 ? 
ATOM   231  O  O   . LYS A 1 26  ? 0.959   -13.870 -7.158  1.000 26.870  ? 1004 LYS AAA O   1 ? 
ATOM   232  C  CB  . LYS A 1 26  ? -1.192  -14.905 -9.273  1.000 33.039  ? 1004 LYS AAA CB  1 ? 
ATOM   233  C  CG  . LYS A 1 26  ? -2.177  -15.911 -8.702  1.000 52.347  ? 1004 LYS AAA CG  1 ? 
ATOM   234  C  CD  . LYS A 1 26  ? -2.984  -16.754 -9.661  1.000 68.575  ? 1004 LYS AAA CD  1 ? 
ATOM   235  C  CE  . LYS A 1 26  ? -4.116  -17.427 -8.906  1.000 69.718  ? 1004 LYS AAA CE  1 ? 
ATOM   236  N  NZ  . LYS A 1 26  ? -4.807  -18.451 -9.724  1.000 98.760  ? 1004 LYS AAA NZ  1 ? 
ATOM   237  N  N   . ARG A 1 27  ? 0.842   -12.288 -8.784  1.000 24.892  ? 1005 ARG AAA N   1 ? 
ATOM   238  C  CA  . ARG A 1 27  ? 2.232   -11.895 -8.604  1.000 24.550  ? 1005 ARG AAA CA  1 ? 
ATOM   239  C  C   . ARG A 1 27  ? 2.449   -11.325 -7.209  1.000 25.781  ? 1005 ARG AAA C   1 ? 
ATOM   240  O  O   . ARG A 1 27  ? 3.568   -11.288 -6.725  1.000 25.709  ? 1005 ARG AAA O   1 ? 
ATOM   241  C  CB  . ARG A 1 27  ? 2.586   -10.739 -9.524  1.000 25.368  ? 1005 ARG AAA CB  1 ? 
ATOM   242  C  CG  . ARG A 1 27  ? 2.544   -11.155 -10.989 1.000 28.377  ? 1005 ARG AAA CG  1 ? 
ATOM   243  C  CD  . ARG A 1 27  ? 2.831   -9.955  -11.863 1.000 26.278  ? 1005 ARG AAA CD  1 ? 
ATOM   244  N  NE  . ARG A 1 27  ? 1.673   -9.047  -11.888 1.000 25.812  ? 1005 ARG AAA NE  1 ? 
ATOM   245  C  CZ  . ARG A 1 27  ? 1.666   -7.830  -12.435 1.000 27.479  ? 1005 ARG AAA CZ  1 ? 
ATOM   246  N  NH1 . ARG A 1 27  ? 2.754   -7.310  -13.003 1.000 29.899  ? 1005 ARG AAA NH1 1 ? 
ATOM   247  N  NH2 . ARG A 1 27  ? 0.562   -7.094  -12.399 1.000 28.832  ? 1005 ARG AAA NH2 1 ? 
ATOM   248  N  N   . PHE A 1 28  ? 1.368   -10.828 -6.593  1.000 24.072  ? 1006 PHE AAA N   1 ? 
ATOM   249  C  CA  . PHE A 1 28  ? 1.496   -10.049 -5.355  1.000 22.912  ? 1006 PHE AAA CA  1 ? 
ATOM   250  C  C   . PHE A 1 28  ? 1.073   -10.831 -4.118  1.000 27.025  ? 1006 PHE AAA C   1 ? 
ATOM   251  O  O   . PHE A 1 28  ? 0.970   -10.299 -3.015  1.000 25.496  ? 1006 PHE AAA O   1 ? 
ATOM   252  C  CB  . PHE A 1 28  ? 0.723   -8.722  -5.446  1.000 21.490  ? 1006 PHE AAA CB  1 ? 
ATOM   253  C  CG  . PHE A 1 28  ? 1.074   -7.908  -6.658  1.000 21.982  ? 1006 PHE AAA CG  1 ? 
ATOM   254  C  CD1 . PHE A 1 28  ? 2.381   -7.874  -7.198  1.000 21.267  ? 1006 PHE AAA CD1 1 ? 
ATOM   255  C  CD2 . PHE A 1 28  ? 0.078   -7.177  -7.303  1.000 20.493  ? 1006 PHE AAA CD2 1 ? 
ATOM   256  C  CE1 . PHE A 1 28  ? 2.674   -7.127  -8.330  1.000 21.468  ? 1006 PHE AAA CE1 1 ? 
ATOM   257  C  CE2 . PHE A 1 28  ? 0.375   -6.438  -8.432  1.000 22.173  ? 1006 PHE AAA CE2 1 ? 
ATOM   258  C  CZ  . PHE A 1 28  ? 1.658   -6.414  -8.970  1.000 22.859  ? 1006 PHE AAA CZ  1 ? 
ATOM   259  N  N   . ARG A 1 29  ? 0.918   -12.151 -4.244  1.000 25.496  ? 1007 ARG AAA N   1 ? 
ATOM   260  C  CA  . ARG A 1 29  ? 0.517   -12.968 -3.100  1.000 26.678  ? 1007 ARG AAA CA  1 ? 
ATOM   261  C  C   . ARG A 1 29  ? 1.436   -12.803 -1.894  1.000 23.845  ? 1007 ARG AAA C   1 ? 
ATOM   262  O  O   . ARG A 1 29  ? 0.920   -12.796 -0.780  1.000 28.031  ? 1007 ARG AAA O   1 ? 
ATOM   263  C  CB  . ARG A 1 29  ? 0.512   -14.437 -3.536  1.000 29.398  ? 1007 ARG AAA CB  1 ? 
ATOM   264  C  CG  . ARG A 1 29  ? -0.142  -15.344 -2.520  1.000 36.276  ? 1007 ARG AAA CG  1 ? 
ATOM   265  C  CD  . ARG A 1 29  ? -0.072  -16.813 -2.957  1.000 49.898  ? 1007 ARG AAA CD  1 ? 
ATOM   266  N  NE  . ARG A 1 29  ? -0.784  -17.542 -1.906  1.000 70.860  ? 1007 ARG AAA NE  1 ? 
ATOM   267  C  CZ  . ARG A 1 29  ? -2.111  -17.743 -1.846  1.000 80.991  ? 1007 ARG AAA CZ  1 ? 
ATOM   268  N  NH1 . ARG A 1 29  ? -2.909  -17.317 -2.813  1.000 79.821  ? 1007 ARG AAA NH1 1 ? 
ATOM   269  N  NH2 . ARG A 1 29  ? -2.635  -18.383 -0.812  1.000 81.662  ? 1007 ARG AAA NH2 1 ? 
ATOM   270  N  N   . VAL A 1 30  ? 2.749   -12.646 -2.113  1.000 26.163  ? 1008 VAL AAA N   1 ? 
ATOM   271  C  CA  . VAL A 1 30  ? 3.712   -12.564 -1.033  1.000 30.438  ? 1008 VAL AAA CA  1 ? 
ATOM   272  C  C   . VAL A 1 30  ? 3.459   -11.299 -0.209  1.000 29.443  ? 1008 VAL AAA C   1 ? 
ATOM   273  O  O   . VAL A 1 30  ? 3.858   -11.230 0.959   1.000 31.592  ? 1008 VAL AAA O   1 ? 
ATOM   274  C  CB  . VAL A 1 30  ? 5.151   -12.616 -1.576  1.000 32.516  ? 1008 VAL AAA CB  1 ? 
ATOM   275  C  CG1 . VAL A 1 30  ? 5.505   -11.488 -2.514  1.000 33.118  ? 1008 VAL AAA CG1 1 ? 
ATOM   276  C  CG2 . VAL A 1 30  ? 6.189   -12.741 -0.478  1.000 40.906  ? 1008 VAL AAA CG2 1 ? 
ATOM   277  N  N   . PHE A 1 31  ? 2.728   -10.339 -0.793  1.000 25.916  ? 1009 PHE AAA N   1 ? 
ATOM   278  C  CA  . PHE A 1 31  ? 2.535   -9.048  -0.133  1.000 25.386  ? 1009 PHE AAA CA  1 ? 
ATOM   279  C  C   . PHE A 1 31  ? 1.162   -8.979  0.522   1.000 25.746  ? 1009 PHE AAA C   1 ? 
ATOM   280  O  O   . PHE A 1 31  ? 0.820   -7.923  1.057   1.000 25.175  ? 1009 PHE AAA O   1 ? 
ATOM   281  C  CB  . PHE A 1 31  ? 2.718   -7.889  -1.131  1.000 22.125  ? 1009 PHE AAA CB  1 ? 
ATOM   282  C  CG  . PHE A 1 31  ? 4.046   -7.936  -1.857  1.000 23.475  ? 1009 PHE AAA CG  1 ? 
ATOM   283  C  CD1 . PHE A 1 31  ? 5.251   -7.901  -1.162  1.000 22.595  ? 1009 PHE AAA CD1 1 ? 
ATOM   284  C  CD2 . PHE A 1 31  ? 4.094   -8.033  -3.249  1.000 27.742  ? 1009 PHE AAA CD2 1 ? 
ATOM   285  C  CE1 . PHE A 1 31  ? 6.466   -7.965  -1.841  1.000 26.476  ? 1009 PHE AAA CE1 1 ? 
ATOM   286  C  CE2 . PHE A 1 31  ? 5.314   -8.050  -3.937  1.000 28.496  ? 1009 PHE AAA CE2 1 ? 
ATOM   287  C  CZ  . PHE A 1 31  ? 6.504   -8.051  -3.240  1.000 29.966  ? 1009 PHE AAA CZ  1 ? 
ATOM   288  N  N   . THR A 1 32  ? 0.403   -10.072 0.515   1.000 25.281  ? 1010 THR AAA N   1 ? 
ATOM   289  C  CA  . THR A 1 32  ? -0.968  -10.014 0.988   1.000 26.673  ? 1010 THR AAA CA  1 ? 
ATOM   290  C  C   . THR A 1 32  ? -1.091  -10.234 2.500   1.000 32.318  ? 1010 THR AAA C   1 ? 
ATOM   291  O  O   . THR A 1 32  ? -2.134  -9.941  3.062   1.000 33.078  ? 1010 THR AAA O   1 ? 
ATOM   292  C  CB  . THR A 1 32  ? -1.899  -10.991 0.280   1.000 30.553  ? 1010 THR AAA CB  1 ? 
ATOM   293  O  OG1 . THR A 1 32  ? -1.458  -12.347 0.443   1.000 28.668  ? 1010 THR AAA OG1 1 ? 
ATOM   294  C  CG2 . THR A 1 32  ? -2.052  -10.643 -1.184  1.000 26.192  ? 1010 THR AAA CG2 1 ? 
ATOM   295  N  N   . LYS A 1 33  ? -0.057  -10.769 3.135   1.000 30.927  ? 1011 LYS AAA N   1 ? 
ATOM   296  C  CA  . LYS A 1 33  ? -0.185  -11.100 4.545   1.000 33.501  ? 1011 LYS AAA CA  1 ? 
ATOM   297  C  C   . LYS A 1 33  ? 1.122   -10.710 5.210   1.000 32.236  ? 1011 LYS AAA C   1 ? 
ATOM   298  O  O   . LYS A 1 33  ? 2.165   -10.651 4.560   1.000 31.725  ? 1011 LYS AAA O   1 ? 
ATOM   299  C  CB  . LYS A 1 33  ? -0.349  -12.621 4.677   1.000 37.525  ? 1011 LYS AAA CB  1 ? 
ATOM   300  C  CG  . LYS A 1 33  ? -1.771  -13.111 4.424   1.000 51.582  ? 1011 LYS AAA CG  1 ? 
ATOM   301  C  CD  . LYS A 1 33  ? -2.039  -14.595 4.755   1.000 69.721  ? 1011 LYS AAA CD  1 ? 
ATOM   302  C  CE  . LYS A 1 33  ? -3.503  -15.005 4.654   1.000 77.675  ? 1011 LYS AAA CE  1 ? 
ATOM   303  N  NZ  . LYS A 1 33  ? -4.440  -13.891 4.964   1.000 89.667  ? 1011 LYS AAA NZ  1 ? 
ATOM   304  N  N   . PRO A 1 34  ? 1.113   -10.447 6.543   1.000 37.695  ? 1012 PRO AAA N   1 ? 
ATOM   305  C  CA  . PRO A 1 34  ? 2.356   -10.148 7.250   1.000 39.032  ? 1012 PRO AAA CA  1 ? 
ATOM   306  C  C   . PRO A 1 34  ? 3.220   -11.406 7.151   1.000 41.827  ? 1012 PRO AAA C   1 ? 
ATOM   307  O  O   . PRO A 1 34  ? 2.687   -12.501 7.024   1.000 45.720  ? 1012 PRO AAA O   1 ? 
ATOM   308  C  CB  . PRO A 1 34  ? 1.929   -9.847  8.701   1.000 39.060  ? 1012 PRO AAA CB  1 ? 
ATOM   309  C  CG  . PRO A 1 34  ? 0.414   -9.876  8.731   1.000 39.478  ? 1012 PRO AAA CG  1 ? 
ATOM   310  C  CD  . PRO A 1 34  ? -0.071  -10.446 7.405   1.000 36.820  ? 1012 PRO AAA CD  1 ? 
ATOM   311  N  N   . VAL A 1 35  ? 4.545   -11.232 7.169   1.000 47.348  ? 1013 VAL AAA N   1 ? 
ATOM   312  C  CA  . VAL A 1 35  ? 5.517   -12.318 7.164   1.000 50.746  ? 1013 VAL AAA CA  1 ? 
ATOM   313  C  C   . VAL A 1 35  ? 5.379   -13.118 8.461   1.000 62.888  ? 1013 VAL AAA C   1 ? 
ATOM   314  O  O   . VAL A 1 35  ? 5.287   -12.543 9.550   1.000 64.760  ? 1013 VAL AAA O   1 ? 
ATOM   315  C  CB  . VAL A 1 35  ? 6.958   -11.785 7.029   1.000 50.593  ? 1013 VAL AAA CB  1 ? 
ATOM   316  C  CG1 . VAL A 1 35  ? 7.965   -12.923 7.018   1.000 52.028  ? 1013 VAL AAA CG1 1 ? 
ATOM   317  C  CG2 . VAL A 1 35  ? 7.157   -10.938 5.789   1.000 50.284  ? 1013 VAL AAA CG2 1 ? 
ATOM   318  N  N   . ASP A 1 36  ? 5.425   -14.450 8.337   1.000 69.488  ? 1014 ASP AAA N   1 ? 
ATOM   319  C  CA  . ASP A 1 36  ? 5.320   -15.346 9.483   1.000 82.046  ? 1014 ASP AAA CA  1 ? 
ATOM   320  C  C   . ASP A 1 36  ? 6.680   -15.489 10.184  1.000 83.271  ? 1014 ASP AAA C   1 ? 
ATOM   321  O  O   . ASP A 1 36  ? 7.651   -15.977 9.586   1.000 72.546  ? 1014 ASP AAA O   1 ? 
ATOM   322  C  CB  . ASP A 1 36  ? 4.639   -16.660 9.078   1.000 87.522  ? 1014 ASP AAA CB  1 ? 
ATOM   323  C  CG  . ASP A 1 36  ? 4.525   -17.663 10.212  1.000 94.156  ? 1014 ASP AAA CG  1 ? 
ATOM   324  O  OD1 . ASP A 1 36  ? 4.132   -17.251 11.332  1.000 86.805  ? 1014 ASP AAA OD1 1 ? 
ATOM   325  O  OD2 . ASP A 1 36  ? 4.850   -18.843 9.969   1.000 99.691  ? 1014 ASP AAA OD2 1 ? 
ATOM   326  N  N   . PRO A 1 37  ? 6.790   -15.083 11.480  1.000 83.128  ? 1015 PRO AAA N   1 ? 
ATOM   327  C  CA  . PRO A 1 37  ? 8.067   -15.110 12.206  1.000 91.338  ? 1015 PRO AAA CA  1 ? 
ATOM   328  C  C   . PRO A 1 37  ? 8.700   -16.503 12.282  1.000 99.167  ? 1015 PRO AAA C   1 ? 
ATOM   329  O  O   . PRO A 1 37  ? 9.913   -16.627 12.455  1.000 97.434  ? 1015 PRO AAA O   1 ? 
ATOM   330  C  CB  . PRO A 1 37  ? 7.729   -14.564 13.604  1.000 85.630  ? 1015 PRO AAA CB  1 ? 
ATOM   331  C  CG  . PRO A 1 37  ? 6.224   -14.743 13.730  1.000 81.802  ? 1015 PRO AAA CG  1 ? 
ATOM   332  C  CD  . PRO A 1 37  ? 5.681   -14.597 12.323  1.000 74.696  ? 1015 PRO AAA CD  1 ? 
ATOM   333  N  N   . ASP A 1 38  ? 7.858   -17.538 12.141  1.000 102.269 ? 1016 ASP AAA N   1 ? 
ATOM   334  C  CA  . ASP A 1 38  ? 8.301   -18.920 12.058  1.000 96.387  ? 1016 ASP AAA CA  1 ? 
ATOM   335  C  C   . ASP A 1 38  ? 9.149   -19.084 10.802  1.000 92.066  ? 1016 ASP AAA C   1 ? 
ATOM   336  O  O   . ASP A 1 38  ? 10.362  -19.229 10.909  1.000 93.164  ? 1016 ASP AAA O   1 ? 
ATOM   337  C  CB  . ASP A 1 38  ? 7.138   -19.900 12.219  1.000 94.252  ? 1016 ASP AAA CB  1 ? 
ATOM   338  C  CG  . ASP A 1 38  ? 6.328   -19.652 13.484  1.000 96.691  ? 1016 ASP AAA CG  1 ? 
ATOM   339  O  OD1 . ASP A 1 38  ? 6.850   -18.981 14.412  1.000 82.308  ? 1016 ASP AAA OD1 1 ? 
ATOM   340  O  OD2 . ASP A 1 38  ? 5.176   -20.121 13.532  1.000 96.318  ? 1016 ASP AAA OD2 1 ? 
ATOM   341  N  N   . GLU A 1 39  ? 8.533   -18.983 9.621   1.000 87.468  ? 1017 GLU AAA N   1 ? 
ATOM   342  C  CA  . GLU A 1 39  ? 9.337   -18.982 8.409   1.000 93.967  ? 1017 GLU AAA CA  1 ? 
ATOM   343  C  C   . GLU A 1 39  ? 10.565  -18.093 8.602   1.000 89.995  ? 1017 GLU AAA C   1 ? 
ATOM   344  O  O   . GLU A 1 39  ? 11.689  -18.560 8.412   1.000 80.665  ? 1017 GLU AAA O   1 ? 
ATOM   345  C  CB  . GLU A 1 39  ? 8.546   -18.520 7.183   1.000 105.800 ? 1017 GLU AAA CB  1 ? 
ATOM   346  C  CG  . GLU A 1 39  ? 8.019   -19.658 6.335   1.000 103.611 ? 1017 GLU AAA CG  1 ? 
ATOM   347  C  CD  . GLU A 1 39  ? 6.798   -20.324 6.940   1.000 107.529 ? 1017 GLU AAA CD  1 ? 
ATOM   348  O  OE1 . GLU A 1 39  ? 5.832   -19.602 7.270   1.000 109.697 ? 1017 GLU AAA OE1 1 ? 
ATOM   349  O  OE2 . GLU A 1 39  ? 6.830   -21.557 7.100   1.000 111.940 ? 1017 GLU AAA OE2 1 ? 
ATOM   350  N  N   . VAL A 1 40  ? 10.339  -16.823 8.985   1.000 81.474  ? 1018 VAL AAA N   1 ? 
ATOM   351  C  CA  . VAL A 1 40  ? 11.372  -15.800 8.891   1.000 82.345  ? 1018 VAL AAA CA  1 ? 
ATOM   352  C  C   . VAL A 1 40  ? 11.504  -15.059 10.226  1.000 89.905  ? 1018 VAL AAA C   1 ? 
ATOM   353  O  O   . VAL A 1 40  ? 10.914  -13.994 10.405  1.000 82.418  ? 1018 VAL AAA O   1 ? 
ATOM   354  C  CB  . VAL A 1 40  ? 11.128  -14.828 7.714   1.000 77.198  ? 1018 VAL AAA CB  1 ? 
ATOM   355  C  CG1 . VAL A 1 40  ? 12.401  -14.111 7.306   1.000 72.505  ? 1018 VAL AAA CG1 1 ? 
ATOM   356  C  CG2 . VAL A 1 40  ? 10.509  -15.500 6.491   1.000 75.957  ? 1018 VAL AAA CG2 1 ? 
ATOM   357  N  N   . PRO A 1 41  ? 12.319  -15.564 11.189  1.000 93.220  ? 1019 PRO AAA N   1 ? 
ATOM   358  C  CA  . PRO A 1 41  ? 12.339  -15.013 12.547  1.000 82.661  ? 1019 PRO AAA CA  1 ? 
ATOM   359  C  C   . PRO A 1 41  ? 13.149  -13.721 12.621  1.000 71.306  ? 1019 PRO AAA C   1 ? 
ATOM   360  O  O   . PRO A 1 41  ? 12.976  -12.911 13.529  1.000 75.062  ? 1019 PRO AAA O   1 ? 
ATOM   361  C  CB  . PRO A 1 41  ? 12.996  -16.133 13.370  1.000 87.290  ? 1019 PRO AAA CB  1 ? 
ATOM   362  C  CG  . PRO A 1 41  ? 13.921  -16.833 12.384  1.000 87.025  ? 1019 PRO AAA CG  1 ? 
ATOM   363  C  CD  . PRO A 1 41  ? 13.289  -16.661 11.015  1.000 88.478  ? 1019 PRO AAA CD  1 ? 
ATOM   364  N  N   . ASP A 1 42  ? 14.031  -13.519 11.643  1.000 61.281  ? 1020 ASP AAA N   1 ? 
ATOM   365  C  CA  . ASP A 1 42  ? 14.786  -12.281 11.630  1.000 59.610  ? 1020 ASP AAA CA  1 ? 
ATOM   366  C  C   . ASP A 1 42  ? 14.025  -11.194 10.861  1.000 52.044  ? 1020 ASP AAA C   1 ? 
ATOM   367  O  O   . ASP A 1 42  ? 14.585  -10.115 10.655  1.000 48.901  ? 1020 ASP AAA O   1 ? 
ATOM   368  C  CB  . ASP A 1 42  ? 16.187  -12.487 11.047  1.000 66.272  ? 1020 ASP AAA CB  1 ? 
ATOM   369  C  CG  . ASP A 1 42  ? 16.117  -12.931 9.596   1.000 74.300  ? 1020 ASP AAA CG  1 ? 
ATOM   370  O  OD1 . ASP A 1 42  ? 15.496  -14.000 9.342   1.000 74.324  ? 1020 ASP AAA OD1 1 ? 
ATOM   371  O  OD2 . ASP A 1 42  ? 16.612  -12.171 8.731   1.000 63.912  ? 1020 ASP AAA OD2 1 ? 
ATOM   372  N  N   . TYR A 1 43  ? 12.789  -11.471 10.393  1.000 48.701  ? 1021 TYR AAA N   1 ? 
ATOM   373  C  CA  . TYR A 1 43  ? 12.152  -10.416 9.604   1.000 42.592  ? 1021 TYR AAA CA  1 ? 
ATOM   374  C  C   . TYR A 1 43  ? 11.952  -9.187  10.491  1.000 45.912  ? 1021 TYR AAA C   1 ? 
ATOM   375  O  O   . TYR A 1 43  ? 12.413  -8.090  10.145  1.000 40.578  ? 1021 TYR AAA O   1 ? 
ATOM   376  C  CB  . TYR A 1 43  ? 10.844  -10.851 8.929   1.000 41.650  ? 1021 TYR AAA CB  1 ? 
ATOM   377  C  CG  . TYR A 1 43  ? 10.330  -9.842  7.927   1.000 35.387  ? 1021 TYR AAA CG  1 ? 
ATOM   378  C  CD1 . TYR A 1 43  ? 10.872  -9.769  6.649   1.000 35.332  ? 1021 TYR AAA CD1 1 ? 
ATOM   379  C  CD2 . TYR A 1 43  ? 9.368   -8.906  8.273   1.000 36.004  ? 1021 TYR AAA CD2 1 ? 
ATOM   380  C  CE1 . TYR A 1 43  ? 10.427  -8.853  5.691   1.000 31.544  ? 1021 TYR AAA CE1 1 ? 
ATOM   381  C  CE2 . TYR A 1 43  ? 8.916   -7.978  7.337   1.000 32.276  ? 1021 TYR AAA CE2 1 ? 
ATOM   382  C  CZ  . TYR A 1 43  ? 9.441   -7.957  6.050   1.000 32.831  ? 1021 TYR AAA CZ  1 ? 
ATOM   383  O  OH  . TYR A 1 43  ? 9.059   -7.019  5.143   1.000 30.654  ? 1021 TYR AAA OH  1 ? 
ATOM   384  N  N   . VAL A 1 44  ? 11.320  -9.431  11.653  1.000 46.444  ? 1022 VAL AAA N   1 ? 
ATOM   385  C  CA  . VAL A 1 44  ? 10.766  -8.386  12.502  1.000 54.647  ? 1022 VAL AAA CA  1 ? 
ATOM   386  C  C   . VAL A 1 44  ? 11.911  -7.586  13.123  1.000 57.286  ? 1022 VAL AAA C   1 ? 
ATOM   387  O  O   . VAL A 1 44  ? 11.694  -6.479  13.616  1.000 56.091  ? 1022 VAL AAA O   1 ? 
ATOM   388  C  CB  . VAL A 1 44  ? 9.749   -8.949  13.528  1.000 62.368  ? 1022 VAL AAA CB  1 ? 
ATOM   389  C  CG1 . VAL A 1 44  ? 10.354  -9.239  14.901  1.000 59.974  ? 1022 VAL AAA CG1 1 ? 
ATOM   390  C  CG2 . VAL A 1 44  ? 8.474   -8.114  13.626  1.000 58.805  ? 1022 VAL AAA CG2 1 ? 
ATOM   391  N  N   . THR A 1 45  ? 13.132  -8.124  13.024  1.000 56.191  ? 1023 THR AAA N   1 ? 
ATOM   392  C  CA  . THR A 1 45  ? 14.323  -7.457  13.530  1.000 59.191  ? 1023 THR AAA CA  1 ? 
ATOM   393  C  C   . THR A 1 45  ? 14.975  -6.575  12.462  1.000 53.243  ? 1023 THR AAA C   1 ? 
ATOM   394  O  O   . THR A 1 45  ? 15.536  -5.533  12.794  1.000 53.909  ? 1023 THR AAA O   1 ? 
ATOM   395  C  CB  . THR A 1 45  ? 15.263  -8.437  14.257  1.000 62.893  ? 1023 THR AAA CB  1 ? 
ATOM   396  O  OG1 . THR A 1 45  ? 16.238  -8.992  13.367  1.000 71.759  ? 1023 THR AAA OG1 1 ? 
ATOM   397  C  CG2 . THR A 1 45  ? 14.529  -9.544  14.985  1.000 61.742  ? 1023 THR AAA CG2 1 ? 
ATOM   398  N  N   . VAL A 1 46  ? 14.920  -6.988  11.186  1.000 44.048  ? 1024 VAL AAA N   1 ? 
ATOM   399  C  CA  . VAL A 1 46  ? 15.522  -6.212  10.104  1.000 41.551  ? 1024 VAL AAA CA  1 ? 
ATOM   400  C  C   . VAL A 1 46  ? 14.560  -5.100  9.651   1.000 35.852  ? 1024 VAL AAA C   1 ? 
ATOM   401  O  O   . VAL A 1 46  ? 14.970  -3.995  9.252   1.000 41.576  ? 1024 VAL AAA O   1 ? 
ATOM   402  C  CB  . VAL A 1 46  ? 15.868  -7.100  8.891   1.000 44.407  ? 1024 VAL AAA CB  1 ? 
ATOM   403  C  CG1 . VAL A 1 46  ? 16.435  -6.291  7.715   1.000 41.751  ? 1024 VAL AAA CG1 1 ? 
ATOM   404  C  CG2 . VAL A 1 46  ? 16.780  -8.267  9.273   1.000 47.491  ? 1024 VAL AAA CG2 1 ? 
ATOM   405  N  N   . ILE A 1 47  ? 13.280  -5.477  9.533   1.000 33.089  ? 1025 ILE AAA N   1 ? 
ATOM   406  C  CA  . ILE A 1 47  ? 12.325  -4.530  8.978   1.000 29.560  ? 1025 ILE AAA CA  1 ? 
ATOM   407  C  C   . ILE A 1 47  ? 11.544  -3.924  10.147  1.000 28.986  ? 1025 ILE AAA C   1 ? 
ATOM   408  O  O   . ILE A 1 47  ? 10.771  -4.617  10.825  1.000 33.932  ? 1025 ILE AAA O   1 ? 
ATOM   409  C  CB  . ILE A 1 47  ? 11.427  -5.262  7.933   1.000 31.028  ? 1025 ILE AAA CB  1 ? 
ATOM   410  C  CG1 . ILE A 1 47  ? 12.233  -5.725  6.701   1.000 29.240  ? 1025 ILE AAA CG1 1 ? 
ATOM   411  C  CG2 . ILE A 1 47  ? 10.239  -4.394  7.508   1.000 27.095  ? 1025 ILE AAA CG2 1 ? 
ATOM   412  C  CD1 . ILE A 1 47  ? 12.994  -4.640  5.981   1.000 27.979  ? 1025 ILE AAA CD1 1 ? 
ATOM   413  N  N   . LYS A 1 48  ? 11.745  -2.626  10.328  1.000 32.942  ? 1026 LYS AAA N   1 ? 
ATOM   414  C  CA  . LYS A 1 48  ? 11.230  -1.927  11.499  1.000 31.903  ? 1026 LYS AAA CA  1 ? 
ATOM   415  C  C   . LYS A 1 48  ? 9.755   -1.565  11.348  1.000 37.798  ? 1026 LYS AAA C   1 ? 
ATOM   416  O  O   . LYS A 1 48  ? 9.079   -1.451  12.379  1.000 34.866  ? 1026 LYS AAA O   1 ? 
ATOM   417  C  CB  . LYS A 1 48  ? 12.050  -0.650  11.712  1.000 37.660  ? 1026 LYS AAA CB  1 ? 
ATOM   418  C  CG  . LYS A 1 48  ? 13.522  -0.940  11.969  1.000 40.258  ? 1026 LYS AAA CG  1 ? 
ATOM   419  C  CD  . LYS A 1 48  ? 13.685  -1.848  13.171  1.000 40.720  ? 1026 LYS AAA CD  1 ? 
ATOM   420  C  CE  . LYS A 1 48  ? 15.123  -2.271  13.388  1.000 43.928  ? 1026 LYS AAA CE  1 ? 
ATOM   421  N  NZ  . LYS A 1 48  ? 15.194  -3.385  14.365  1.000 44.105  ? 1026 LYS AAA NZ  1 ? 
ATOM   422  N  N   A GLN A 1 49  ? 9.272   -1.310  10.116  0.500 32.929  ? 1027 GLN AAA N   1 ? 
ATOM   423  N  N   B GLN A 1 49  ? 9.279   -1.422  10.092  0.500 28.213  ? 1027 GLN AAA N   1 ? 
ATOM   424  C  CA  A GLN A 1 49  ? 7.836   -1.132  9.981   0.500 35.165  ? 1027 GLN AAA CA  1 ? 
ATOM   425  C  CA  B GLN A 1 49  ? 7.883   -1.082  9.886   0.500 30.369  ? 1027 GLN AAA CA  1 ? 
ATOM   426  C  C   A GLN A 1 49  ? 7.323   -2.025  8.863   0.500 32.959  ? 1027 GLN AAA C   1 ? 
ATOM   427  C  C   B GLN A 1 49  ? 7.284   -2.019  8.844   0.500 29.486  ? 1027 GLN AAA C   1 ? 
ATOM   428  O  O   A GLN A 1 49  ? 7.246   -1.611  7.707   0.500 33.151  ? 1027 GLN AAA O   1 ? 
ATOM   429  O  O   B GLN A 1 49  ? 7.068   -1.626  7.700   0.500 28.526  ? 1027 GLN AAA O   1 ? 
ATOM   430  C  CB  A GLN A 1 49  ? 7.341   0.313   9.896   0.500 38.515  ? 1027 GLN AAA CB  1 ? 
ATOM   431  C  CB  B GLN A 1 49  ? 7.640   0.383   9.515   0.500 28.835  ? 1027 GLN AAA CB  1 ? 
ATOM   432  C  CG  A GLN A 1 49  ? 8.281   1.297   9.231   0.500 36.650  ? 1027 GLN AAA CG  1 ? 
ATOM   433  C  CG  B GLN A 1 49  ? 6.187   0.742   9.803   0.500 24.120  ? 1027 GLN AAA CG  1 ? 
ATOM   434  C  CD  A GLN A 1 49  ? 7.559   2.608   9.048   0.500 30.620  ? 1027 GLN AAA CD  1 ? 
ATOM   435  C  CD  B GLN A 1 49  ? 5.703   2.161   9.671   0.500 25.664  ? 1027 GLN AAA CD  1 ? 
ATOM   436  O  OE1 A GLN A 1 49  ? 8.111   3.563   8.513   0.500 33.517  ? 1027 GLN AAA OE1 1 ? 
ATOM   437  O  OE1 B GLN A 1 49  ? 4.518   2.403   9.901   0.500 26.820  ? 1027 GLN AAA OE1 1 ? 
ATOM   438  N  NE2 A GLN A 1 49  ? 6.314   2.659   9.499   0.500 35.124  ? 1027 GLN AAA NE2 1 ? 
ATOM   439  N  NE2 B GLN A 1 49  ? 6.587   3.073   9.280   0.500 28.263  ? 1027 GLN AAA NE2 1 ? 
ATOM   440  N  N   . PRO A 1 50  ? 6.950   -3.264  9.231   1.000 29.137  ? 1028 PRO AAA N   1 ? 
ATOM   441  C  CA  . PRO A 1 50  ? 6.379   -4.210  8.279   1.000 26.967  ? 1028 PRO AAA CA  1 ? 
ATOM   442  C  C   . PRO A 1 50  ? 5.060   -3.645  7.743   1.000 28.145  ? 1028 PRO AAA C   1 ? 
ATOM   443  O  O   . PRO A 1 50  ? 4.324   -2.934  8.431   1.000 27.894  ? 1028 PRO AAA O   1 ? 
ATOM   444  C  CB  . PRO A 1 50  ? 6.022   -5.451  9.122   1.000 30.405  ? 1028 PRO AAA CB  1 ? 
ATOM   445  C  CG  . PRO A 1 50  ? 6.766   -5.276  10.455  1.000 34.346  ? 1028 PRO AAA CG  1 ? 
ATOM   446  C  CD  . PRO A 1 50  ? 7.092   -3.812  10.587  1.000 31.628  ? 1028 PRO AAA CD  1 ? 
ATOM   447  N  N   . MET A 1 51  ? 4.769   -3.967  6.476   1.000 24.922  ? 1029 MET AAA N   1 ? 
ATOM   448  C  CA  . MET A 1 51  ? 3.510   -3.521  5.903   1.000 24.471  ? 1029 MET AAA CA  1 ? 
ATOM   449  C  C   . MET A 1 51  ? 3.104   -4.538  4.830   1.000 24.646  ? 1029 MET AAA C   1 ? 
ATOM   450  O  O   . MET A 1 51  ? 3.980   -5.161  4.240   1.000 26.317  ? 1029 MET AAA O   1 ? 
ATOM   451  C  CB  . MET A 1 51  ? 3.701   -2.133  5.288   1.000 23.785  ? 1029 MET AAA CB  1 ? 
ATOM   452  C  CG  . MET A 1 51  ? 2.349   -1.475  4.799   1.000 26.439  ? 1029 MET AAA CG  1 ? 
ATOM   453  S  SD  . MET A 1 51  ? 1.003   -1.433  6.030   1.000 27.767  ? 1029 MET AAA SD  1 ? 
ATOM   454  C  CE  . MET A 1 51  ? 1.788   -0.462  7.342   1.000 29.441  ? 1029 MET AAA CE  1 ? 
ATOM   455  N  N   . ASP A 1 52  ? 1.804   -4.770  4.681   1.000 25.312  ? 1030 ASP AAA N   1 ? 
ATOM   456  C  CA  . ASP A 1 52  ? 1.302   -5.715  3.702   1.000 25.477  ? 1030 ASP AAA CA  1 ? 
ATOM   457  C  C   . ASP A 1 52  ? -0.098  -5.243  3.343   1.000 26.913  ? 1030 ASP AAA C   1 ? 
ATOM   458  O  O   . ASP A 1 52  ? -0.664  -4.354  4.012   1.000 24.489  ? 1030 ASP AAA O   1 ? 
ATOM   459  C  CB  . ASP A 1 52  ? 1.285   -7.150  4.281   1.000 26.241  ? 1030 ASP AAA CB  1 ? 
ATOM   460  C  CG  . ASP A 1 52  ? 0.295   -7.199  5.429   1.000 30.266  ? 1030 ASP AAA CG  1 ? 
ATOM   461  O  OD1 . ASP A 1 52  ? 0.652   -6.770  6.560   1.000 37.022  ? 1030 ASP AAA OD1 1 ? 
ATOM   462  O  OD2 . ASP A 1 52  ? -0.834  -7.499  5.189   1.000 30.742  ? 1030 ASP AAA OD2 1 ? 
ATOM   463  N  N   . LEU A 1 53  ? -0.672  -5.891  2.322   1.000 23.051  ? 1031 LEU AAA N   1 ? 
ATOM   464  C  CA  . LEU A 1 53  ? -1.964  -5.432  1.840   1.000 22.191  ? 1031 LEU AAA CA  1 ? 
ATOM   465  C  C   . LEU A 1 53  ? -3.115  -5.717  2.794   1.000 24.149  ? 1031 LEU AAA C   1 ? 
ATOM   466  O  O   . LEU A 1 53  ? -4.116  -4.984  2.767   1.000 23.965  ? 1031 LEU AAA O   1 ? 
ATOM   467  C  CB  . LEU A 1 53  ? -2.255  -5.988  0.437   1.000 21.828  ? 1031 LEU AAA CB  1 ? 
ATOM   468  C  CG  . LEU A 1 53  ? -1.209  -5.628  -0.626  1.000 23.364  ? 1031 LEU AAA CG  1 ? 
ATOM   469  C  CD1 . LEU A 1 53  ? -1.462  -6.498  -1.901  1.000 24.089  ? 1031 LEU AAA CD1 1 ? 
ATOM   470  C  CD2 . LEU A 1 53  ? -1.307  -4.136  -0.974  1.000 23.521  ? 1031 LEU AAA CD2 1 ? 
ATOM   471  N  N   . SER A 1 54  ? -3.032  -6.779  3.627   1.000 23.791  ? 1032 SER AAA N   1 ? 
ATOM   472  C  CA  . SER A 1 54  ? -4.130  -6.962  4.572   1.000 25.521  ? 1032 SER AAA CA  1 ? 
ATOM   473  C  C   . SER A 1 54  ? -4.076  -5.868  5.654   1.000 25.720  ? 1032 SER AAA C   1 ? 
ATOM   474  O  O   . SER A 1 54  ? -5.136  -5.392  6.119   1.000 26.763  ? 1032 SER AAA O   1 ? 
ATOM   475  C  CB  . SER A 1 54  ? -4.124  -8.380  5.117   1.000 32.295  ? 1032 SER AAA CB  1 ? 
ATOM   476  O  OG  . SER A 1 54  ? -2.990  -8.482  5.949   1.000 47.741  ? 1032 SER AAA OG  1 ? 
ATOM   477  N  N   . SER A 1 55  ? -2.855  -5.444  6.022   1.000 24.508  ? 1033 SER AAA N   1 ? 
ATOM   478  C  CA  . SER A 1 55  ? -2.736  -4.351  6.985   1.000 25.887  ? 1033 SER AAA CA  1 ? 
ATOM   479  C  C   . SER A 1 55  ? -3.261  -3.059  6.371   1.000 23.869  ? 1033 SER AAA C   1 ? 
ATOM   480  O  O   . SER A 1 55  ? -3.884  -2.259  7.073   1.000 23.875  ? 1033 SER AAA O   1 ? 
ATOM   481  C  CB  . SER A 1 55  ? -1.341  -4.156  7.427   1.000 28.312  ? 1033 SER AAA CB  1 ? 
ATOM   482  O  OG  . SER A 1 55  ? -1.007  -5.308  8.189   1.000 34.384  ? 1033 SER AAA OG  1 ? 
ATOM   483  N  N   . VAL A 1 56  ? -2.980  -2.871  5.073   1.000 22.109  ? 1034 VAL AAA N   1 ? 
ATOM   484  C  CA  . VAL A 1 56  ? -3.488  -1.662  4.407   1.000 22.359  ? 1034 VAL AAA CA  1 ? 
ATOM   485  C  C   . VAL A 1 56  ? -5.008  -1.644  4.445   1.000 22.314  ? 1034 VAL AAA C   1 ? 
ATOM   486  O  O   . VAL A 1 56  ? -5.604  -0.577  4.712   1.000 22.441  ? 1034 VAL AAA O   1 ? 
ATOM   487  C  CB  . VAL A 1 56  ? -2.926  -1.593  2.956   1.000 20.972  ? 1034 VAL AAA CB  1 ? 
ATOM   488  C  CG1 . VAL A 1 56  ? -3.679  -0.554  2.128   1.000 22.743  ? 1034 VAL AAA CG1 1 ? 
ATOM   489  C  CG2 . VAL A 1 56  ? -1.448  -1.264  2.957   1.000 20.413  ? 1034 VAL AAA CG2 1 ? 
ATOM   490  N  N   . ILE A 1 57  ? -5.706  -2.758  4.186   1.000 21.150  ? 1035 ILE AAA N   1 ? 
ATOM   491  C  CA  . ILE A 1 57  ? -7.164  -2.770  4.264   1.000 21.784  ? 1035 ILE AAA CA  1 ? 
ATOM   492  C  C   . ILE A 1 57  ? -7.621  -2.395  5.687   1.000 23.315  ? 1035 ILE AAA C   1 ? 
ATOM   493  O  O   . ILE A 1 57  ? -8.572  -1.622  5.859   1.000 23.716  ? 1035 ILE AAA O   1 ? 
ATOM   494  C  CB  . ILE A 1 57  ? -7.716  -4.146  3.871   1.000 25.818  ? 1035 ILE AAA CB  1 ? 
ATOM   495  C  CG1 . ILE A 1 57  ? -7.468  -4.415  2.382   1.000 27.615  ? 1035 ILE AAA CG1 1 ? 
ATOM   496  C  CG2 . ILE A 1 57  ? -9.200  -4.224  4.246   1.000 27.254  ? 1035 ILE AAA CG2 1 ? 
ATOM   497  C  CD1 . ILE A 1 57  ? -8.320  -3.523  1.533   1.000 34.938  ? 1035 ILE AAA CD1 1 ? 
ATOM   498  N  N   . SER A 1 58  ? -6.938  -2.992  6.677   1.000 25.142  ? 1036 SER AAA N   1 ? 
ATOM   499  C  CA  . SER A 1 58  ? -7.308  -2.674  8.061   1.000 22.598  ? 1036 SER AAA CA  1 ? 
ATOM   500  C  C   . SER A 1 58  ? -7.153  -1.177  8.315   1.000 25.163  ? 1036 SER AAA C   1 ? 
ATOM   501  O  O   . SER A 1 58  ? -8.018  -0.570  8.971   1.000 24.885  ? 1036 SER AAA O   1 ? 
ATOM   502  C  CB  . SER A 1 58  ? -6.371  -3.413  9.038   1.000 27.463  ? 1036 SER AAA CB  1 ? 
ATOM   503  O  OG  . SER A 1 58  ? -6.686  -4.794  9.001   1.000 31.298  ? 1036 SER AAA OG  1 ? 
ATOM   504  N  N   . LYS A 1 59  ? -6.065  -0.572  7.836   1.000 23.736  ? 1037 LYS AAA N   1 ? 
ATOM   505  C  CA  . LYS A 1 59  ? -5.869  0.864   8.021   1.000 24.212  ? 1037 LYS AAA CA  1 ? 
ATOM   506  C  C   . LYS A 1 59  ? -6.915  1.729   7.294   1.000 23.945  ? 1037 LYS AAA C   1 ? 
ATOM   507  O  O   . LYS A 1 59  ? -7.367  2.756   7.806   1.000 23.523  ? 1037 LYS AAA O   1 ? 
ATOM   508  C  CB  . LYS A 1 59  ? -4.460  1.301   7.617   1.000 23.338  ? 1037 LYS AAA CB  1 ? 
ATOM   509  C  CG  . LYS A 1 59  ? -3.391  0.749   8.579   1.000 23.471  ? 1037 LYS AAA CG  1 ? 
ATOM   510  C  CD  . LYS A 1 59  ? -1.999  1.200   8.213   1.000 22.368  ? 1037 LYS AAA CD  1 ? 
ATOM   511  C  CE  . LYS A 1 59  ? -1.792  2.688   8.345   1.000 25.280  ? 1037 LYS AAA CE  1 ? 
ATOM   512  N  NZ  . LYS A 1 59  ? -0.368  3.064   8.317   1.000 26.076  ? 1037 LYS AAA NZ  1 ? 
ATOM   513  N  N   . ILE A 1 60  ? -7.297  1.316   6.073   1.000 22.882  ? 1038 ILE AAA N   1 ? 
ATOM   514  C  CA  . ILE A 1 60  ? -8.377  2.047   5.408   1.000 22.210  ? 1038 ILE AAA CA  1 ? 
ATOM   515  C  C   . ILE A 1 60  ? -9.608  2.074   6.327   1.000 21.423  ? 1038 ILE AAA C   1 ? 
ATOM   516  O  O   . ILE A 1 60  ? -10.205 3.150   6.554   1.000 21.995  ? 1038 ILE AAA O   1 ? 
ATOM   517  C  CB  . ILE A 1 60  ? -8.735  1.350   4.069   1.000 20.601  ? 1038 ILE AAA CB  1 ? 
ATOM   518  C  CG1 . ILE A 1 60  ? -7.578  1.475   3.094   1.000 20.233  ? 1038 ILE AAA CG1 1 ? 
ATOM   519  C  CG2 . ILE A 1 60  ? -10.000 2.020   3.472   1.000 22.429  ? 1038 ILE AAA CG2 1 ? 
ATOM   520  C  CD1 . ILE A 1 60  ? -7.764  0.561   1.839   1.000 23.116  ? 1038 ILE AAA CD1 1 ? 
ATOM   521  N  N   . ASP A 1 61  ? -9.994  0.898   6.828   1.000 21.515  ? 1039 ASP AAA N   1 ? 
ATOM   522  C  CA  . ASP A 1 61  ? -11.183 0.741   7.636   1.000 23.233  ? 1039 ASP AAA CA  1 ? 
ATOM   523  C  C   . ASP A 1 61  ? -11.070 1.499   8.958   1.000 27.028  ? 1039 ASP AAA C   1 ? 
ATOM   524  O  O   . ASP A 1 61  ? -12.107 1.890   9.498   1.000 27.897  ? 1039 ASP AAA O   1 ? 
ATOM   525  C  CB  . ASP A 1 61  ? -11.486 -0.728  7.876   1.000 24.485  ? 1039 ASP AAA CB  1 ? 
ATOM   526  C  CG  . ASP A 1 61  ? -11.931 -1.446  6.586   1.000 32.155  ? 1039 ASP AAA CG  1 ? 
ATOM   527  O  OD1 . ASP A 1 61  ? -12.264 -0.756  5.595   1.000 30.632  ? 1039 ASP AAA OD1 1 ? 
ATOM   528  O  OD2 . ASP A 1 61  ? -11.985 -2.713  6.568   1.000 29.083  ? 1039 ASP AAA OD2 1 ? 
ATOM   529  N  N   . LEU A 1 62  ? -9.852  1.691   9.473   1.000 24.658  ? 1040 LEU AAA N   1 ? 
ATOM   530  C  CA  . LEU A 1 62  ? -9.653  2.460   10.698  1.000 24.114  ? 1040 LEU AAA CA  1 ? 
ATOM   531  C  C   . LEU A 1 62  ? -9.559  3.956   10.407  1.000 24.861  ? 1040 LEU AAA C   1 ? 
ATOM   532  O  O   . LEU A 1 62  ? -9.204  4.749   11.290  1.000 27.896  ? 1040 LEU AAA O   1 ? 
ATOM   533  C  CB  . LEU A 1 62  ? -8.361  1.997   11.392  1.000 21.745  ? 1040 LEU AAA CB  1 ? 
ATOM   534  C  CG  . LEU A 1 62  ? -8.447  0.596   11.987  1.000 24.102  ? 1040 LEU AAA CG  1 ? 
ATOM   535  C  CD1 . LEU A 1 62  ? -7.063  0.113   12.400  1.000 26.316  ? 1040 LEU AAA CD1 1 ? 
ATOM   536  C  CD2 . LEU A 1 62  ? -9.331  0.589   13.245  1.000 28.477  ? 1040 LEU AAA CD2 1 ? 
ATOM   537  N  N   . HIS A 1 63  ? -9.789  4.395   9.164   1.000 23.686  ? 1041 HIS AAA N   1 ? 
ATOM   538  C  CA  . HIS A 1 63  ? -9.732  5.793   8.805   1.000 21.632  ? 1041 HIS AAA CA  1 ? 
ATOM   539  C  C   . HIS A 1 63  ? -8.352  6.393   9.023   1.000 23.555  ? 1041 HIS AAA C   1 ? 
ATOM   540  O  O   . HIS A 1 63  ? -8.184  7.597   9.268   1.000 28.358  ? 1041 HIS AAA O   1 ? 
ATOM   541  C  CB  . HIS A 1 63  ? -10.822 6.657   9.541   1.000 22.759  ? 1041 HIS AAA CB  1 ? 
ATOM   542  C  CG  . HIS A 1 63  ? -12.201 6.191   9.331   1.000 25.299  ? 1041 HIS AAA CG  1 ? 
ATOM   543  N  ND1 . HIS A 1 63  ? -13.266 7.004   9.653   1.000 29.158  ? 1041 HIS AAA ND1 1 ? 
ATOM   544  C  CD2 . HIS A 1 63  ? -12.734 5.050   8.843   1.000 25.180  ? 1041 HIS AAA CD2 1 ? 
ATOM   545  C  CE1 . HIS A 1 63  ? -14.363 6.332   9.425   1.000 27.154  ? 1041 HIS AAA CE1 1 ? 
ATOM   546  N  NE2 . HIS A 1 63  ? -14.093 5.146   8.946   1.000 30.389  ? 1041 HIS AAA NE2 1 ? 
ATOM   547  N  N   . LYS A 1 64  ? -7.322  5.591   8.761   1.000 23.745  ? 1042 LYS AAA N   1 ? 
ATOM   548  C  CA  . LYS A 1 64  ? -5.979  6.096   8.879   1.000 22.301  ? 1042 LYS AAA CA  1 ? 
ATOM   549  C  C   . LYS A 1 64  ? -5.484  6.853   7.660   1.000 23.187  ? 1042 LYS AAA C   1 ? 
ATOM   550  O  O   . LYS A 1 64  ? -4.487  7.553   7.789   1.000 25.713  ? 1042 LYS AAA O   1 ? 
ATOM   551  C  CB  . LYS A 1 64  ? -5.014  4.955   9.167   1.000 23.521  ? 1042 LYS AAA CB  1 ? 
ATOM   552  C  CG  . LYS A 1 64  ? -5.327  4.107   10.394  1.000 28.114  ? 1042 LYS AAA CG  1 ? 
ATOM   553  C  CD  . LYS A 1 64  ? -4.956  4.766   11.664  1.000 35.585  ? 1042 LYS AAA CD  1 ? 
ATOM   554  C  CE  . LYS A 1 64  ? -4.884  3.736   12.794  1.000 34.649  ? 1042 LYS AAA CE  1 ? 
ATOM   555  N  NZ  . LYS A 1 64  ? -4.131  4.338   13.916  1.000 49.497  ? 1042 LYS AAA NZ  1 ? 
ATOM   556  N  N   . TYR A 1 65  ? -6.144  6.686   6.494   1.000 22.156  ? 1043 TYR AAA N   1 ? 
ATOM   557  C  CA  . TYR A 1 65  ? -5.756  7.409   5.309   1.000 22.214  ? 1043 TYR AAA CA  1 ? 
ATOM   558  C  C   . TYR A 1 65  ? -6.777  8.490   4.998   1.000 23.025  ? 1043 TYR AAA C   1 ? 
ATOM   559  O  O   . TYR A 1 65  ? -7.966  8.185   4.817   1.000 26.711  ? 1043 TYR AAA O   1 ? 
ATOM   560  C  CB  . TYR A 1 65  ? -5.600  6.481   4.089   1.000 21.190  ? 1043 TYR AAA CB  1 ? 
ATOM   561  C  CG  . TYR A 1 65  ? -4.685  5.281   4.281   1.000 20.658  ? 1043 TYR AAA CG  1 ? 
ATOM   562  C  CD1 . TYR A 1 65  ? -3.315  5.434   4.538   1.000 22.932  ? 1043 TYR AAA CD1 1 ? 
ATOM   563  C  CD2 . TYR A 1 65  ? -5.222  3.997   4.192   1.000 21.675  ? 1043 TYR AAA CD2 1 ? 
ATOM   564  C  CE1 . TYR A 1 65  ? -2.494  4.305   4.680   1.000 22.982  ? 1043 TYR AAA CE1 1 ? 
ATOM   565  C  CE2 . TYR A 1 65  ? -4.410  2.868   4.317   1.000 22.956  ? 1043 TYR AAA CE2 1 ? 
ATOM   566  C  CZ  . TYR A 1 65  ? -3.065  3.033   4.595   1.000 23.972  ? 1043 TYR AAA CZ  1 ? 
ATOM   567  O  OH  . TYR A 1 65  ? -2.316  1.892   4.743   1.000 23.659  ? 1043 TYR AAA OH  1 ? 
ATOM   568  N  N   . LEU A 1 66  ? -6.279  9.723   5.044   1.000 24.421  ? 1044 LEU AAA N   1 ? 
ATOM   569  C  CA  . LEU A 1 66  ? -7.153  10.837  4.666   1.000 24.857  ? 1044 LEU AAA CA  1 ? 
ATOM   570  C  C   . LEU A 1 66  ? -6.782  11.367  3.279   1.000 25.926  ? 1044 LEU AAA C   1 ? 
ATOM   571  O  O   . LEU A 1 66  ? -7.460  12.256  2.753   1.000 24.254  ? 1044 LEU AAA O   1 ? 
ATOM   572  C  CB  . LEU A 1 66  ? -6.994  11.975  5.681   1.000 26.213  ? 1044 LEU AAA CB  1 ? 
ATOM   573  C  CG  . LEU A 1 66  ? -7.378  11.684  7.114   1.000 32.148  ? 1044 LEU AAA CG  1 ? 
ATOM   574  C  CD1 . LEU A 1 66  ? -7.489  13.046  7.812   1.000 34.417  ? 1044 LEU AAA CD1 1 ? 
ATOM   575  C  CD2 . LEU A 1 66  ? -8.675  10.940  7.237   1.000 31.203  ? 1044 LEU AAA CD2 1 ? 
ATOM   576  N  N   . THR A 1 67  ? -5.721  10.833  2.634   1.000 23.913  ? 1045 THR AAA N   1 ? 
ATOM   577  C  CA  . THR A 1 67  ? -5.396  11.267  1.288   1.000 21.405  ? 1045 THR AAA CA  1 ? 
ATOM   578  C  C   . THR A 1 67  ? -4.803  10.081  0.532   1.000 24.158  ? 1045 THR AAA C   1 ? 
ATOM   579  O  O   . THR A 1 67  ? -4.391  9.126   1.184   1.000 22.393  ? 1045 THR AAA O   1 ? 
ATOM   580  C  CB  . THR A 1 67  ? -4.316  12.341  1.233   1.000 23.648  ? 1045 THR AAA CB  1 ? 
ATOM   581  O  OG1 . THR A 1 67  ? -3.065  11.879  1.763   1.000 24.823  ? 1045 THR AAA OG1 1 ? 
ATOM   582  C  CG2 . THR A 1 67  ? -4.703  13.587  2.003   1.000 27.050  ? 1045 THR AAA CG2 1 ? 
ATOM   583  N  N   . VAL A 1 68  ? -4.808  10.163  -0.800  1.000 21.371  ? 1046 VAL AAA N   1 ? 
ATOM   584  C  CA  . VAL A 1 68  ? -4.179  9.070   -1.571  1.000 21.537  ? 1046 VAL AAA CA  1 ? 
ATOM   585  C  C   . VAL A 1 68  ? -2.687  9.089   -1.332  1.000 24.413  ? 1046 VAL AAA C   1 ? 
ATOM   586  O  O   . VAL A 1 68  ? -2.044  8.026   -1.346  1.000 23.873  ? 1046 VAL AAA O   1 ? 
ATOM   587  C  CB  . VAL A 1 68  ? -4.562  9.066   -3.064  1.000 23.165  ? 1046 VAL AAA CB  1 ? 
ATOM   588  C  CG1 . VAL A 1 68  ? -3.937  7.862   -3.804  1.000 24.552  ? 1046 VAL AAA CG1 1 ? 
ATOM   589  C  CG2 . VAL A 1 68  ? -6.096  8.939   -3.179  1.000 26.310  ? 1046 VAL AAA CG2 1 ? 
ATOM   590  N  N   . LYS A 1 69  ? -2.098  10.270  -1.153  1.000 24.780  ? 1047 LYS AAA N   1 ? 
ATOM   591  C  CA  . LYS A 1 69  ? -0.677  10.349  -0.830  1.000 24.416  ? 1047 LYS AAA CA  1 ? 
ATOM   592  C  C   . LYS A 1 69  ? -0.304  9.518   0.401   1.000 27.086  ? 1047 LYS AAA C   1 ? 
ATOM   593  O  O   . LYS A 1 69  ? 0.701   8.789   0.379   1.000 28.413  ? 1047 LYS AAA O   1 ? 
ATOM   594  C  CB  . LYS A 1 69  ? -0.303  11.838  -0.740  1.000 29.321  ? 1047 LYS AAA CB  1 ? 
ATOM   595  C  CG  . LYS A 1 69  ? 1.145   12.100  -0.412  1.000 39.316  ? 1047 LYS AAA CG  1 ? 
ATOM   596  C  CD  . LYS A 1 69  ? 1.468   13.568  -0.712  1.000 45.646  ? 1047 LYS AAA CD  1 ? 
ATOM   597  C  CE  . LYS A 1 69  ? 0.725   13.984  -1.973  1.000 58.182  ? 1047 LYS AAA CE  1 ? 
ATOM   598  N  NZ  . LYS A 1 69  ? 1.497   14.909  -2.839  1.000 77.319  ? 1047 LYS AAA NZ  1 ? 
ATOM   599  N  N   . ASP A 1 70  ? -1.122  9.575   1.462   1.000 23.813  ? 1048 ASP AAA N   1 ? 
ATOM   600  C  CA  . ASP A 1 70  ? -0.841  8.811   2.663   1.000 25.644  ? 1048 ASP AAA CA  1 ? 
ATOM   601  C  C   . ASP A 1 70  ? -0.932  7.305   2.373   1.000 27.275  ? 1048 ASP AAA C   1 ? 
ATOM   602  O  O   . ASP A 1 70  ? -0.153  6.521   2.921   1.000 26.533  ? 1048 ASP AAA O   1 ? 
ATOM   603  C  CB  . ASP A 1 70  ? -1.715  9.293   3.809   1.000 30.390  ? 1048 ASP AAA CB  1 ? 
ATOM   604  C  CG  . ASP A 1 70  ? -1.194  10.635  4.350   1.000 34.249  ? 1048 ASP AAA CG  1 ? 
ATOM   605  O  OD1 . ASP A 1 70  ? -0.094  11.102  3.938   1.000 39.075  ? 1048 ASP AAA OD1 1 ? 
ATOM   606  O  OD2 . ASP A 1 70  ? -1.868  11.183  5.153   1.000 41.020  ? 1048 ASP AAA OD2 1 ? 
ATOM   607  N  N   . TYR A 1 71  ? -1.921  6.890   1.568   1.000 22.554  ? 1049 TYR AAA N   1 ? 
ATOM   608  C  CA  . TYR A 1 71  ? -1.996  5.474   1.215   1.000 21.642  ? 1049 TYR AAA CA  1 ? 
ATOM   609  C  C   . TYR A 1 71  ? -0.763  5.061   0.410   1.000 22.685  ? 1049 TYR AAA C   1 ? 
ATOM   610  O  O   . TYR A 1 71  ? -0.208  3.949   0.626   1.000 23.087  ? 1049 TYR AAA O   1 ? 
ATOM   611  C  CB  . TYR A 1 71  ? -3.225  5.359   0.311   1.000 20.736  ? 1049 TYR AAA CB  1 ? 
ATOM   612  C  CG  . TYR A 1 71  ? -3.399  4.049   -0.406  1.000 19.659  ? 1049 TYR AAA CG  1 ? 
ATOM   613  C  CD1 . TYR A 1 71  ? -3.991  2.949   0.212   1.000 18.690  ? 1049 TYR AAA CD1 1 ? 
ATOM   614  C  CD2 . TYR A 1 71  ? -2.990  3.946   -1.744  1.000 20.409  ? 1049 TYR AAA CD2 1 ? 
ATOM   615  C  CE1 . TYR A 1 71  ? -4.227  1.738   -0.472  1.000 19.677  ? 1049 TYR AAA CE1 1 ? 
ATOM   616  C  CE2 . TYR A 1 71  ? -3.210  2.733   -2.422  1.000 20.058  ? 1049 TYR AAA CE2 1 ? 
ATOM   617  C  CZ  . TYR A 1 71  ? -3.784  1.645   -1.783  1.000 19.793  ? 1049 TYR AAA CZ  1 ? 
ATOM   618  O  OH  . TYR A 1 71  ? -4.004  0.483   -2.514  1.000 19.592  ? 1049 TYR AAA OH  1 ? 
ATOM   619  N  N   . LEU A 1 72  ? -0.361  5.897   -0.539  1.000 22.469  ? 1050 LEU AAA N   1 ? 
ATOM   620  C  CA  . LEU A 1 72  ? 0.801   5.545   -1.360  1.000 22.385  ? 1050 LEU AAA CA  1 ? 
ATOM   621  C  C   . LEU A 1 72  ? 2.081   5.408   -0.525  1.000 26.837  ? 1050 LEU AAA C   1 ? 
ATOM   622  O  O   . LEU A 1 72  ? 2.995   4.653   -0.926  1.000 25.678  ? 1050 LEU AAA O   1 ? 
ATOM   623  C  CB  . LEU A 1 72  ? 0.992   6.455   -2.579  1.000 22.641  ? 1050 LEU AAA CB  1 ? 
ATOM   624  C  CG  . LEU A 1 72  ? -0.087  6.270   -3.650  1.000 24.048  ? 1050 LEU AAA CG  1 ? 
ATOM   625  C  CD1 . LEU A 1 72  ? 0.070   7.360   -4.686  1.000 26.080  ? 1050 LEU AAA CD1 1 ? 
ATOM   626  C  CD2 . LEU A 1 72  ? 0.006   4.911   -4.372  1.000 25.725  ? 1050 LEU AAA CD2 1 ? 
ATOM   627  N  N   . ARG A 1 73  ? 2.170   6.120   0.597   1.000 25.779  ? 1051 ARG AAA N   1 ? 
ATOM   628  C  CA  . ARG A 1 73  ? 3.343   5.951   1.453   1.000 27.119  ? 1051 ARG AAA CA  1 ? 
ATOM   629  C  C   . ARG A 1 73  ? 3.435   4.495   1.909   1.000 22.849  ? 1051 ARG AAA C   1 ? 
ATOM   630  O  O   . ARG A 1 73  ? 4.565   4.000   2.048   1.000 24.821  ? 1051 ARG AAA O   1 ? 
ATOM   631  C  CB  . ARG A 1 73  ? 3.267   6.880   2.678   1.000 31.246  ? 1051 ARG AAA CB  1 ? 
ATOM   632  C  CG  . ARG A 1 73  ? 3.705   8.305   2.394   1.000 44.048  ? 1051 ARG AAA CG  1 ? 
ATOM   633  C  CD  . ARG A 1 73  ? 3.752   9.060   3.735   1.000 54.520  ? 1051 ARG AAA CD  1 ? 
ATOM   634  N  NE  . ARG A 1 73  ? 3.035   10.333  3.680   1.000 67.972  ? 1051 ARG AAA NE  1 ? 
ATOM   635  C  CZ  . ARG A 1 73  ? 3.388   11.380  2.922   1.000 79.709  ? 1051 ARG AAA CZ  1 ? 
ATOM   636  N  NH1 . ARG A 1 73  ? 2.650   12.483  2.928   1.000 80.802  ? 1051 ARG AAA NH1 1 ? 
ATOM   637  N  NH2 . ARG A 1 73  ? 4.466   11.309  2.151   1.000 73.191  ? 1051 ARG AAA NH2 1 ? 
ATOM   638  N  N   . ASP A 1 74  ? 2.288   3.873   2.196   1.000 22.246  ? 1052 ASP AAA N   1 ? 
ATOM   639  C  CA  . ASP A 1 74  ? 2.251   2.508   2.696   1.000 21.184  ? 1052 ASP AAA CA  1 ? 
ATOM   640  C  C   . ASP A 1 74  ? 2.580   1.564   1.505   1.000 21.031  ? 1052 ASP AAA C   1 ? 
ATOM   641  O  O   . ASP A 1 74  ? 3.214   0.499   1.720   1.000 22.226  ? 1052 ASP AAA O   1 ? 
ATOM   642  C  CB  . ASP A 1 74  ? 0.977   2.163   3.466   1.000 22.638  ? 1052 ASP AAA CB  1 ? 
ATOM   643  C  CG  . ASP A 1 74  ? 1.084   2.573   4.953   1.000 23.169  ? 1052 ASP AAA CG  1 ? 
ATOM   644  O  OD1 . ASP A 1 74  ? 2.267   2.847   5.401   1.000 26.637  ? 1052 ASP AAA OD1 1 ? 
ATOM   645  O  OD2 . ASP A 1 74  ? 0.064   2.499   5.667   1.000 25.445  ? 1052 ASP AAA OD2 1 ? 
ATOM   646  N  N   . ILE A 1 75  ? 2.022   1.834   0.315   1.000 20.478  ? 1053 ILE AAA N   1 ? 
ATOM   647  C  CA  . ILE A 1 75  ? 2.384   0.988   -0.835  1.000 20.767  ? 1053 ILE AAA CA  1 ? 
ATOM   648  C  C   . ILE A 1 75  ? 3.889   1.088   -1.020  1.000 21.827  ? 1053 ILE AAA C   1 ? 
ATOM   649  O  O   . ILE A 1 75  ? 4.576   0.076   -1.255  1.000 23.423  ? 1053 ILE AAA O   1 ? 
ATOM   650  C  CB  . ILE A 1 75  ? 1.623   1.418   -2.107  1.000 21.315  ? 1053 ILE AAA CB  1 ? 
ATOM   651  C  CG1 . ILE A 1 75  ? 0.107   1.264   -1.954  1.000 23.501  ? 1053 ILE AAA CG1 1 ? 
ATOM   652  C  CG2 . ILE A 1 75  ? 2.134   0.661   -3.360  1.000 22.225  ? 1053 ILE AAA CG2 1 ? 
ATOM   653  C  CD1 . ILE A 1 75  ? -0.396  -0.138  -1.561  1.000 22.825  ? 1053 ILE AAA CD1 1 ? 
ATOM   654  N  N   . ASP A 1 76  ? 4.443   2.313   -1.023  1.000 21.791  ? 1054 ASP AAA N   1 ? 
ATOM   655  C  CA  . ASP A 1 76  ? 5.879   2.488   -1.159  1.000 23.145  ? 1054 ASP AAA CA  1 ? 
ATOM   656  C  C   . ASP A 1 76  ? 6.632   1.706   -0.068  1.000 24.453  ? 1054 ASP AAA C   1 ? 
ATOM   657  O  O   . ASP A 1 76  ? 7.730   1.187   -0.371  1.000 24.719  ? 1054 ASP AAA O   1 ? 
ATOM   658  C  CB  . ASP A 1 76  ? 6.268   3.975   -1.087  1.000 24.447  ? 1054 ASP AAA CB  1 ? 
ATOM   659  C  CG  . ASP A 1 76  ? 5.850   4.726   -2.341  1.000 28.639  ? 1054 ASP AAA CG  1 ? 
ATOM   660  O  OD1 . ASP A 1 76  ? 5.903   4.140   -3.395  1.000 35.182  ? 1054 ASP AAA OD1 1 ? 
ATOM   661  O  OD2 . ASP A 1 76  ? 5.701   5.929   -2.232  1.000 35.882  ? 1054 ASP AAA OD2 1 ? 
ATOM   662  N  N   . LEU A 1 77  ? 6.103   1.581   1.172   1.000 22.846  ? 1055 LEU AAA N   1 ? 
ATOM   663  C  CA  . LEU A 1 77  ? 6.790   0.927   2.268   1.000 23.031  ? 1055 LEU AAA CA  1 ? 
ATOM   664  C  C   . LEU A 1 77  ? 6.768   -0.584  2.003   1.000 24.407  ? 1055 LEU AAA C   1 ? 
ATOM   665  O  O   . LEU A 1 77  ? 7.751   -1.293  2.281   1.000 25.538  ? 1055 LEU AAA O   1 ? 
ATOM   666  C  CB  . LEU A 1 77  ? 5.980   1.246   3.534   1.000 25.526  ? 1055 LEU AAA CB  1 ? 
ATOM   667  C  CG  . LEU A 1 77  ? 6.581   1.319   4.929   1.000 38.146  ? 1055 LEU AAA CG  1 ? 
ATOM   668  C  CD1 . LEU A 1 77  ? 5.612   0.911   6.037   1.000 28.203  ? 1055 LEU AAA CD1 1 ? 
ATOM   669  C  CD2 . LEU A 1 77  ? 8.018   0.889   5.127   1.000 30.221  ? 1055 LEU AAA CD2 1 ? 
ATOM   670  N  N   . ILE A 1 78  ? 5.659   -1.100  1.440   1.000 23.020  ? 1056 ILE AAA N   1 ? 
ATOM   671  C  CA  . ILE A 1 78  ? 5.645   -2.534  1.110   1.000 22.938  ? 1056 ILE AAA CA  1 ? 
ATOM   672  C  C   . ILE A 1 78  ? 6.791   -2.804  0.151   1.000 23.464  ? 1056 ILE AAA C   1 ? 
ATOM   673  O  O   . ILE A 1 78  ? 7.539   -3.809  0.327   1.000 25.201  ? 1056 ILE AAA O   1 ? 
ATOM   674  C  CB  . ILE A 1 78  ? 4.271   -2.931  0.505   1.000 21.243  ? 1056 ILE AAA CB  1 ? 
ATOM   675  C  CG1 . ILE A 1 78  ? 3.119   -2.909  1.520   1.000 22.359  ? 1056 ILE AAA CG1 1 ? 
ATOM   676  C  CG2 . ILE A 1 78  ? 4.414   -4.297  -0.221  1.000 24.741  ? 1056 ILE AAA CG2 1 ? 
ATOM   677  C  CD1 . ILE A 1 78  ? 1.737   -3.203  0.935   1.000 24.709  ? 1056 ILE AAA CD1 1 ? 
ATOM   678  N  N   . CYS A 1 79  ? 6.945   -1.962  -0.855  1.000 21.905  ? 1057 CYS AAA N   1 ? 
ATOM   679  C  CA  . CYS A 1 79  ? 7.959   -2.127  -1.896  1.000 23.810  ? 1057 CYS AAA CA  1 ? 
ATOM   680  C  C   . CYS A 1 79  ? 9.363   -1.981  -1.291  1.000 26.939  ? 1057 CYS AAA C   1 ? 
ATOM   681  O  O   . CYS A 1 79  ? 10.215  -2.869  -1.458  1.000 25.068  ? 1057 CYS AAA O   1 ? 
ATOM   682  C  CB  . CYS A 1 79  ? 7.745   -1.139  -3.032  1.000 24.063  ? 1057 CYS AAA CB  1 ? 
ATOM   683  S  SG  . CYS A 1 79  ? 8.937   -1.316  -4.375  1.000 26.705  ? 1057 CYS AAA SG  1 ? 
ATOM   684  N  N   . SER A 1 80  ? 9.606   -0.861  -0.576  1.000 24.509  ? 1058 SER AAA N   1 ? 
ATOM   685  C  CA  . SER A 1 80  ? 10.961  -0.644  -0.065  1.000 24.402  ? 1058 SER AAA CA  1 ? 
ATOM   686  C  C   . SER A 1 80  ? 11.366  -1.722  0.954   1.000 25.946  ? 1058 SER AAA C   1 ? 
ATOM   687  O  O   . SER A 1 80  ? 12.552  -2.085  0.988   1.000 28.986  ? 1058 SER AAA O   1 ? 
ATOM   688  C  CB  . SER A 1 80  ? 11.080  0.812   0.508   1.000 26.348  ? 1058 SER AAA CB  1 ? 
ATOM   689  O  OG  . SER A 1 80  ? 10.212  0.919   1.610   1.000 32.153  ? 1058 SER AAA OG  1 ? 
ATOM   690  N  N   . ASN A 1 81  ? 10.447  -2.220  1.796   1.000 23.610  ? 1059 ASN AAA N   1 ? 
ATOM   691  C  CA  . ASN A 1 81  ? 10.700  -3.298  2.747   1.000 22.510  ? 1059 ASN AAA CA  1 ? 
ATOM   692  C  C   . ASN A 1 81  ? 11.209  -4.534  1.957   1.000 27.371  ? 1059 ASN AAA C   1 ? 
ATOM   693  O  O   . ASN A 1 81  ? 12.187  -5.188  2.333   1.000 26.464  ? 1059 ASN AAA O   1 ? 
ATOM   694  C  CB  . ASN A 1 81  ? 9.497   -3.702  3.601   1.000 23.711  ? 1059 ASN AAA CB  1 ? 
ATOM   695  C  CG  . ASN A 1 81  ? 9.192   -2.661  4.676   1.000 25.007  ? 1059 ASN AAA CG  1 ? 
ATOM   696  O  OD1 . ASN A 1 81  ? 10.045  -1.813  4.926   1.000 27.815  ? 1059 ASN AAA OD1 1 ? 
ATOM   697  N  ND2 . ASN A 1 81  ? 8.060   -2.846  5.323   1.000 26.043  ? 1059 ASN AAA ND2 1 ? 
ATOM   698  N  N   . ALA A 1 82  ? 10.529  -4.868  0.839   1.000 24.067  ? 1060 ALA AAA N   1 ? 
ATOM   699  C  CA  . ALA A 1 82  ? 10.946  -6.037  0.052   1.000 25.472  ? 1060 ALA AAA CA  1 ? 
ATOM   700  C  C   . ALA A 1 82  ? 12.321  -5.785  -0.564  1.000 24.880  ? 1060 ALA AAA C   1 ? 
ATOM   701  O  O   . ALA A 1 82  ? 13.125  -6.739  -0.627  1.000 27.772  ? 1060 ALA AAA O   1 ? 
ATOM   702  C  CB  . ALA A 1 82  ? 9.875   -6.277  -1.022  1.000 24.734  ? 1060 ALA AAA CB  1 ? 
ATOM   703  N  N   . LEU A 1 83  ? 12.606  -4.604  -1.095  1.000 25.975  ? 1061 LEU AAA N   1 ? 
ATOM   704  C  CA  . LEU A 1 83  ? 13.889  -4.335  -1.703  1.000 27.355  ? 1061 LEU AAA CA  1 ? 
ATOM   705  C  C   . LEU A 1 83  ? 14.986  -4.459  -0.645  1.000 34.419  ? 1061 LEU AAA C   1 ? 
ATOM   706  O  O   . LEU A 1 83  ? 16.067  -5.008  -0.910  1.000 33.161  ? 1061 LEU AAA O   1 ? 
ATOM   707  C  CB  . LEU A 1 83  ? 13.926  -2.980  -2.393  1.000 27.897  ? 1061 LEU AAA CB  1 ? 
ATOM   708  C  CG  . LEU A 1 83  ? 12.850  -2.729  -3.451  1.000 32.527  ? 1061 LEU AAA CG  1 ? 
ATOM   709  C  CD1 . LEU A 1 83  ? 13.122  -1.424  -4.163  1.000 37.064  ? 1061 LEU AAA CD1 1 ? 
ATOM   710  C  CD2 . LEU A 1 83  ? 12.728  -3.865  -4.466  1.000 32.334  ? 1061 LEU AAA CD2 1 ? 
ATOM   711  N  N   . GLU A 1 84  ? 14.686  -3.988  0.567   1.000 27.905  ? 1062 GLU AAA N   1 ? 
ATOM   712  C  CA  . GLU A 1 84  ? 15.716  -3.989  1.599   1.000 29.803  ? 1062 GLU AAA CA  1 ? 
ATOM   713  C  C   . GLU A 1 84  ? 15.946  -5.385  2.166   1.000 29.315  ? 1062 GLU AAA C   1 ? 
ATOM   714  O  O   . GLU A 1 84  ? 17.117  -5.775  2.389   1.000 33.453  ? 1062 GLU AAA O   1 ? 
ATOM   715  C  CB  . GLU A 1 84  ? 15.378  -2.855  2.586   1.000 32.436  ? 1062 GLU AAA CB  1 ? 
ATOM   716  C  CG  . GLU A 1 84  ? 16.087  -2.815  3.939   1.000 46.978  ? 1062 GLU AAA CG  1 ? 
ATOM   717  C  CD  . GLU A 1 84  ? 15.263  -1.914  4.889   1.000 57.397  ? 1062 GLU AAA CD  1 ? 
ATOM   718  O  OE1 . GLU A 1 84  ? 15.375  -2.087  6.124   1.000 53.961  ? 1062 GLU AAA OE1 1 ? 
ATOM   719  O  OE2 . GLU A 1 84  ? 14.422  -1.077  4.380   1.000 54.487  ? 1062 GLU AAA OE2 1 ? 
ATOM   720  N  N   . TYR A 1 85  ? 14.893  -6.146  2.424   1.000 27.474  ? 1063 TYR AAA N   1 ? 
ATOM   721  C  CA  . TYR A 1 85  ? 15.041  -7.438  3.040   1.000 26.274  ? 1063 TYR AAA CA  1 ? 
ATOM   722  C  C   . TYR A 1 85  ? 15.600  -8.455  2.027   1.000 30.912  ? 1063 TYR AAA C   1 ? 
ATOM   723  O  O   . TYR A 1 85  ? 16.157  -9.474  2.460   1.000 31.744  ? 1063 TYR AAA O   1 ? 
ATOM   724  C  CB  . TYR A 1 85  ? 13.734  -7.984  3.583   1.000 28.966  ? 1063 TYR AAA CB  1 ? 
ATOM   725  C  CG  . TYR A 1 85  ? 13.922  -9.205  4.452   1.000 33.736  ? 1063 TYR AAA CG  1 ? 
ATOM   726  C  CD1 . TYR A 1 85  ? 14.509  -9.074  5.710   1.000 36.997  ? 1063 TYR AAA CD1 1 ? 
ATOM   727  C  CD2 . TYR A 1 85  ? 13.547  -10.474 4.043   1.000 36.974  ? 1063 TYR AAA CD2 1 ? 
ATOM   728  C  CE1 . TYR A 1 85  ? 14.680  -10.161 6.557   1.000 37.889  ? 1063 TYR AAA CE1 1 ? 
ATOM   729  C  CE2 . TYR A 1 85  ? 13.716  -11.575 4.873   1.000 45.524  ? 1063 TYR AAA CE2 1 ? 
ATOM   730  C  CZ  . TYR A 1 85  ? 14.297  -11.415 6.122   1.000 44.552  ? 1063 TYR AAA CZ  1 ? 
ATOM   731  O  OH  . TYR A 1 85  ? 14.492  -12.480 6.944   1.000 58.332  ? 1063 TYR AAA OH  1 ? 
ATOM   732  N  N   . ASN A 1 86  ? 15.357  -8.230  0.721   1.000 28.726  ? 1064 ASN AAA N   1 ? 
ATOM   733  C  CA  . ASN A 1 86  ? 15.789  -9.253  -0.265  1.000 28.786  ? 1064 ASN AAA CA  1 ? 
ATOM   734  C  C   . ASN A 1 86  ? 16.707  -8.624  -1.290  1.000 25.887  ? 1064 ASN AAA C   1 ? 
ATOM   735  O  O   . ASN A 1 86  ? 16.311  -8.469  -2.447  1.000 28.485  ? 1064 ASN AAA O   1 ? 
ATOM   736  C  CB  . ASN A 1 86  ? 14.558  -9.897  -0.945  1.000 29.237  ? 1064 ASN AAA CB  1 ? 
ATOM   737  C  CG  . ASN A 1 86  ? 13.570  -10.466 0.038   1.000 30.477  ? 1064 ASN AAA CG  1 ? 
ATOM   738  O  OD1 . ASN A 1 86  ? 13.697  -11.582 0.532   1.000 34.160  ? 1064 ASN AAA OD1 1 ? 
ATOM   739  N  ND2 . ASN A 1 86  ? 12.556  -9.687  0.395   1.000 29.008  ? 1064 ASN AAA ND2 1 ? 
ATOM   740  N  N   . PRO A 1 87  ? 17.960  -8.176  -0.964  1.000 25.995  ? 1065 PRO AAA N   1 ? 
ATOM   741  C  CA  . PRO A 1 87  ? 18.761  -7.385  -1.899  1.000 27.127  ? 1065 PRO AAA CA  1 ? 
ATOM   742  C  C   . PRO A 1 87  ? 19.778  -8.133  -2.767  1.000 26.916  ? 1065 PRO AAA C   1 ? 
ATOM   743  O  O   . PRO A 1 87  ? 20.516  -7.470  -3.485  1.000 30.505  ? 1065 PRO AAA O   1 ? 
ATOM   744  C  CB  . PRO A 1 87  ? 19.644  -6.529  -0.960  1.000 30.142  ? 1065 PRO AAA CB  1 ? 
ATOM   745  C  CG  . PRO A 1 87  ? 19.827  -7.466  0.228   1.000 28.696  ? 1065 PRO AAA CG  1 ? 
ATOM   746  C  CD  . PRO A 1 87  ? 18.589  -8.308  0.380   1.000 31.099  ? 1065 PRO AAA CD  1 ? 
ATOM   747  N  N   . ASP A 1 88  ? 19.744  -9.466  -2.685  1.000 29.201  ? 1066 ASP AAA N   1 ? 
ATOM   748  C  CA  . ASP A 1 88  ? 20.787  -10.353 -3.232  1.000 31.167  ? 1066 ASP AAA CA  1 ? 
ATOM   749  C  C   . ASP A 1 88  ? 20.570  -10.611 -4.717  1.000 35.927  ? 1066 ASP AAA C   1 ? 
ATOM   750  O  O   . ASP A 1 88  ? 19.469  -10.342 -5.249  1.000 29.252  ? 1066 ASP AAA O   1 ? 
ATOM   751  C  CB  . ASP A 1 88  ? 20.808  -11.675 -2.466  1.000 30.903  ? 1066 ASP AAA CB  1 ? 
ATOM   752  C  CG  . ASP A 1 88  ? 21.339  -11.528 -1.040  1.000 40.584  ? 1066 ASP AAA CG  1 ? 
ATOM   753  O  OD1 . ASP A 1 88  ? 21.847  -10.405 -0.692  1.000 38.958  ? 1066 ASP AAA OD1 1 ? 
ATOM   754  O  OD2 . ASP A 1 88  ? 21.253  -12.526 -0.299  1.000 42.582  ? 1066 ASP AAA OD2 1 ? 
ATOM   755  N  N   A ARG A 1 89  ? 21.618  -11.111 -5.423  0.500 30.711  ? 1067 ARG AAA N   1 ? 
ATOM   756  N  N   B ARG A 1 89  ? 21.598  -11.212 -5.335  0.500 32.557  ? 1067 ARG AAA N   1 ? 
ATOM   757  C  CA  A ARG A 1 89  ? 21.503  -11.329 -6.869  0.500 26.989  ? 1067 ARG AAA CA  1 ? 
ATOM   758  C  CA  B ARG A 1 89  ? 21.645  -11.409 -6.772  0.500 30.433  ? 1067 ARG AAA CA  1 ? 
ATOM   759  C  C   A ARG A 1 89  ? 20.831  -12.663 -7.183  0.500 28.176  ? 1067 ARG AAA C   1 ? 
ATOM   760  C  C   B ARG A 1 89  ? 20.841  -12.641 -7.157  0.500 29.876  ? 1067 ARG AAA C   1 ? 
ATOM   761  O  O   A ARG A 1 89  ? 20.543  -12.914 -8.350  0.500 28.278  ? 1067 ARG AAA O   1 ? 
ATOM   762  O  O   B ARG A 1 89  ? 20.518  -12.820 -8.331  0.500 28.029  ? 1067 ARG AAA O   1 ? 
ATOM   763  C  CB  A ARG A 1 89  ? 22.801  -11.153 -7.688  0.500 23.812  ? 1067 ARG AAA CB  1 ? 
ATOM   764  C  CB  B ARG A 1 89  ? 23.084  -11.719 -7.178  0.500 30.163  ? 1067 ARG AAA CB  1 ? 
ATOM   765  C  CG  A ARG A 1 89  ? 23.900  -12.200 -7.492  0.500 24.510  ? 1067 ARG AAA CG  1 ? 
ATOM   766  C  CG  B ARG A 1 89  ? 23.645  -12.944 -6.470  0.500 28.284  ? 1067 ARG AAA CG  1 ? 
ATOM   767  C  CD  A ARG A 1 89  ? 23.795  -13.426 -8.398  0.500 19.404  ? 1067 ARG AAA CD  1 ? 
ATOM   768  C  CD  B ARG A 1 89  ? 24.457  -13.829 -7.418  0.500 27.423  ? 1067 ARG AAA CD  1 ? 
ATOM   769  N  NE  A ARG A 1 89  ? 23.600  -13.134 -9.798  0.500 21.552  ? 1067 ARG AAA NE  1 ? 
ATOM   770  N  NE  B ARG A 1 89  ? 23.692  -14.359 -8.554  0.500 28.692  ? 1067 ARG AAA NE  1 ? 
ATOM   771  C  CZ  A ARG A 1 89  ? 22.982  -13.984 -10.637 0.500 19.445  ? 1067 ARG AAA CZ  1 ? 
ATOM   772  C  CZ  B ARG A 1 89  ? 23.007  -15.532 -8.652  0.500 25.119  ? 1067 ARG AAA CZ  1 ? 
ATOM   773  N  NH1 A ARG A 1 89  ? 22.582  -15.140 -10.163 0.500 19.007  ? 1067 ARG AAA NH1 1 ? 
ATOM   774  N  NH1 B ARG A 1 89  ? 22.378  -15.747 -9.792  0.500 26.249  ? 1067 ARG AAA NH1 1 ? 
ATOM   775  N  NH2 A ARG A 1 89  ? 22.850  -13.696 -11.917 0.500 16.274  ? 1067 ARG AAA NH2 1 ? 
ATOM   776  N  NH2 B ARG A 1 89  ? 22.886  -16.450 -7.679  0.500 18.490  ? 1067 ARG AAA NH2 1 ? 
ATOM   777  N  N   . ASP A 1 90  ? 20.543  -13.475 -6.174  1.000 26.455  ? 1068 ASP AAA N   1 ? 
ATOM   778  C  CA  . ASP A 1 90  ? 19.978  -14.772 -6.489  1.000 31.683  ? 1068 ASP AAA CA  1 ? 
ATOM   779  C  C   . ASP A 1 90  ? 18.538  -14.677 -6.966  1.000 32.921  ? 1068 ASP AAA C   1 ? 
ATOM   780  O  O   . ASP A 1 90  ? 17.881  -13.656 -6.755  1.000 28.082  ? 1068 ASP AAA O   1 ? 
ATOM   781  C  CB  . ASP A 1 90  ? 20.011  -15.760 -5.363  1.000 33.545  ? 1068 ASP AAA CB  1 ? 
ATOM   782  C  CG  . ASP A 1 90  ? 19.187  -15.283 -4.217  1.000 42.034  ? 1068 ASP AAA CG  1 ? 
ATOM   783  O  OD1 . ASP A 1 90  ? 17.966  -15.564 -4.217  1.000 51.538  ? 1068 ASP AAA OD1 1 ? 
ATOM   784  O  OD2 . ASP A 1 90  ? 19.793  -14.606 -3.362  1.000 52.370  ? 1068 ASP AAA OD2 1 ? 
ATOM   785  N  N   . PRO A 1 91  ? 18.064  -15.674 -7.728  1.000 27.609  ? 1069 PRO AAA N   1 ? 
ATOM   786  C  CA  . PRO A 1 91  ? 16.767  -15.569 -8.371  1.000 25.498  ? 1069 PRO AAA CA  1 ? 
ATOM   787  C  C   . PRO A 1 91  ? 15.611  -15.338 -7.383  1.000 25.285  ? 1069 PRO AAA C   1 ? 
ATOM   788  O  O   . PRO A 1 91  ? 14.623  -14.697 -7.776  1.000 24.049  ? 1069 PRO AAA O   1 ? 
ATOM   789  C  CB  . PRO A 1 91  ? 16.574  -16.906 -9.116  1.000 29.444  ? 1069 PRO AAA CB  1 ? 
ATOM   790  C  CG  . PRO A 1 91  ? 17.999  -17.342 -9.367  1.000 30.484  ? 1069 PRO AAA CG  1 ? 
ATOM   791  C  CD  . PRO A 1 91  ? 18.804  -16.902 -8.173  1.000 26.000  ? 1069 PRO AAA CD  1 ? 
ATOM   792  N  N   . GLY A 1 92  ? 15.658  -15.932 -6.180  1.000 24.727  ? 1070 GLY AAA N   1 ? 
ATOM   793  C  CA  . GLY A 1 92  ? 14.527  -15.776 -5.266  1.000 26.285  ? 1070 GLY AAA CA  1 ? 
ATOM   794  C  C   . GLY A 1 92  ? 14.394  -14.310 -4.844  1.000 26.111  ? 1070 GLY AAA C   1 ? 
ATOM   795  O  O   . GLY A 1 92  ? 13.284  -13.730 -4.823  1.000 26.545  ? 1070 GLY AAA O   1 ? 
ATOM   796  N  N   . ASP A 1 93  ? 15.527  -13.672 -4.544  1.000 26.260  ? 1071 ASP AAA N   1 ? 
ATOM   797  C  CA  . ASP A 1 93  ? 15.491  -12.241 -4.183  1.000 26.284  ? 1071 ASP AAA CA  1 ? 
ATOM   798  C  C   . ASP A 1 93  ? 15.132  -11.389 -5.410  1.000 27.949  ? 1071 ASP AAA C   1 ? 
ATOM   799  O  O   . ASP A 1 93  ? 14.346  -10.418 -5.307  1.000 25.222  ? 1071 ASP AAA O   1 ? 
ATOM   800  C  CB  . ASP A 1 93  ? 16.834  -11.738 -3.614  1.000 26.982  ? 1071 ASP AAA CB  1 ? 
ATOM   801  C  CG  . ASP A 1 93  ? 17.095  -12.171 -2.170  1.000 27.659  ? 1071 ASP AAA CG  1 ? 
ATOM   802  O  OD1 . ASP A 1 93  ? 16.430  -13.106 -1.648  1.000 31.243  ? 1071 ASP AAA OD1 1 ? 
ATOM   803  O  OD2 . ASP A 1 93  ? 17.894  -11.473 -1.543  1.000 30.261  ? 1071 ASP AAA OD2 1 ? 
ATOM   804  N  N   . ARG A 1 94  ? 15.671  -11.712 -6.599  1.000 23.219  ? 1072 ARG AAA N   1 ? 
ATOM   805  C  CA  . ARG A 1 94  ? 15.367  -10.879 -7.749  1.000 23.980  ? 1072 ARG AAA CA  1 ? 
ATOM   806  C  C   . ARG A 1 94  ? 13.864  -10.966 -8.078  1.000 25.641  ? 1072 ARG AAA C   1 ? 
ATOM   807  O  O   . ARG A 1 94  ? 13.301  -9.962  -8.516  1.000 24.522  ? 1072 ARG AAA O   1 ? 
ATOM   808  C  CB  . ARG A 1 94  ? 16.249  -11.270 -8.928  1.000 26.458  ? 1072 ARG AAA CB  1 ? 
ATOM   809  C  CG  . ARG A 1 94  ? 17.639  -10.694 -8.742  1.000 29.254  ? 1072 ARG AAA CG  1 ? 
ATOM   810  C  CD  . ARG A 1 94  ? 18.503  -10.918 -9.967  1.000 36.439  ? 1072 ARG AAA CD  1 ? 
ATOM   811  N  NE  . ARG A 1 94  ? 19.771  -10.177 -9.927  1.000 44.631  ? 1072 ARG AAA NE  1 ? 
ATOM   812  C  CZ  . ARG A 1 94  ? 20.854  -10.484 -10.660 1.000 64.119  ? 1072 ARG AAA CZ  1 ? 
ATOM   813  N  NH1 . ARG A 1 94  ? 20.842  -11.533 -11.478 1.000 66.460  ? 1072 ARG AAA NH1 1 ? 
ATOM   814  N  NH2 . ARG A 1 94  ? 21.950  -9.750  -10.549 1.000 55.137  ? 1072 ARG AAA NH2 1 ? 
ATOM   815  N  N   . LEU A 1 95  ? 13.265  -12.156 -7.935  1.000 22.325  ? 1073 LEU AAA N   1 ? 
ATOM   816  C  CA  . LEU A 1 95  ? 11.840  -12.312 -8.247  1.000 21.161  ? 1073 LEU AAA CA  1 ? 
ATOM   817  C  C   . LEU A 1 95  ? 10.996  -11.466 -7.273  1.000 24.026  ? 1073 LEU AAA C   1 ? 
ATOM   818  O  O   . LEU A 1 95  ? 10.080  -10.759 -7.741  1.000 22.813  ? 1073 LEU AAA O   1 ? 
ATOM   819  C  CB  . LEU A 1 95  ? 11.426  -13.773 -8.183  1.000 22.059  ? 1073 LEU AAA CB  1 ? 
ATOM   820  C  CG  . LEU A 1 95  ? 9.932   -14.054 -8.409  1.000 20.903  ? 1073 LEU AAA CG  1 ? 
ATOM   821  C  CD1 . LEU A 1 95  ? 9.512   -13.632 -9.826  1.000 23.298  ? 1073 LEU AAA CD1 1 ? 
ATOM   822  C  CD2 . LEU A 1 95  ? 9.649   -15.544 -8.206  1.000 24.383  ? 1073 LEU AAA CD2 1 ? 
ATOM   823  N  N   . ILE A 1 96  ? 11.320  -11.510 -5.977  1.000 23.421  ? 1074 ILE AAA N   1 ? 
ATOM   824  C  CA  . ILE A 1 96  ? 10.555  -10.685 -5.010  1.000 22.869  ? 1074 ILE AAA CA  1 ? 
ATOM   825  C  C   . ILE A 1 96  ? 10.708  -9.203  -5.328  1.000 26.397  ? 1074 ILE AAA C   1 ? 
ATOM   826  O  O   . ILE A 1 96  ? 9.705   -8.427  -5.240  1.000 23.509  ? 1074 ILE AAA O   1 ? 
ATOM   827  C  CB  . ILE A 1 96  ? 10.951  -11.009 -3.550  1.000 24.111  ? 1074 ILE AAA CB  1 ? 
ATOM   828  C  CG1 . ILE A 1 96  ? 10.550  -12.426 -3.168  1.000 28.682  ? 1074 ILE AAA CG1 1 ? 
ATOM   829  C  CG2 . ILE A 1 96  ? 10.179  -10.025 -2.658  1.000 27.074  ? 1074 ILE AAA CG2 1 ? 
ATOM   830  C  CD1 . ILE A 1 96  ? 11.313  -13.022 -1.943  1.000 35.349  ? 1074 ILE AAA CD1 1 ? 
ATOM   831  N  N   . ARG A 1 97  ? 11.945  -8.764  -5.612  1.000 24.017  ? 1075 ARG AAA N   1 ? 
ATOM   832  C  CA  . ARG A 1 97  ? 12.131  -7.341  -5.932  1.000 24.568  ? 1075 ARG AAA CA  1 ? 
ATOM   833  C  C   . ARG A 1 97  ? 11.303  -6.962  -7.158  1.000 24.906  ? 1075 ARG AAA C   1 ? 
ATOM   834  O  O   . ARG A 1 97  ? 10.732  -5.855  -7.230  1.000 24.320  ? 1075 ARG AAA O   1 ? 
ATOM   835  C  CB  . ARG A 1 97  ? 13.607  -6.981  -6.100  1.000 26.134  ? 1075 ARG AAA CB  1 ? 
ATOM   836  C  CG  . ARG A 1 97  ? 14.383  -7.176  -4.795  1.000 24.428  ? 1075 ARG AAA CG  1 ? 
ATOM   837  C  CD  . ARG A 1 97  ? 15.637  -6.306  -4.841  1.000 29.779  ? 1075 ARG AAA CD  1 ? 
ATOM   838  N  NE  . ARG A 1 97  ? 16.548  -6.539  -5.954  1.000 32.750  ? 1075 ARG AAA NE  1 ? 
ATOM   839  C  CZ  . ARG A 1 97  ? 17.439  -7.551  -6.020  1.000 30.951  ? 1075 ARG AAA CZ  1 ? 
ATOM   840  N  NH1 . ARG A 1 97  ? 17.471  -8.451  -5.065  1.000 29.449  ? 1075 ARG AAA NH1 1 ? 
ATOM   841  N  NH2 . ARG A 1 97  ? 18.242  -7.667  -7.071  1.000 34.382  ? 1075 ARG AAA NH2 1 ? 
ATOM   842  N  N   . HIS A 1 98  ? 11.343  -7.820  -8.224  1.000 22.434  ? 1076 HIS AAA N   1 ? 
ATOM   843  C  CA  . HIS A 1 98  ? 10.638  -7.448  -9.444  1.000 21.571  ? 1076 HIS AAA CA  1 ? 
ATOM   844  C  C   . HIS A 1 98  ? 9.129   -7.340  -9.147  1.000 21.961  ? 1076 HIS AAA C   1 ? 
ATOM   845  O  O   . HIS A 1 98  ? 8.486   -6.396  -9.671  1.000 23.100  ? 1076 HIS AAA O   1 ? 
ATOM   846  C  CB  . HIS A 1 98  ? 10.854  -8.546  -10.500 1.000 24.241  ? 1076 HIS AAA CB  1 ? 
ATOM   847  C  CG  . HIS A 1 98  ? 10.407  -8.150  -11.866 1.000 23.366  ? 1076 HIS AAA CG  1 ? 
ATOM   848  N  ND1 . HIS A 1 98  ? 9.127   -8.511  -12.366 1.000 24.338  ? 1076 HIS AAA ND1 1 ? 
ATOM   849  C  CD2 . HIS A 1 98  ? 10.992  -7.379  -12.808 1.000 25.281  ? 1076 HIS AAA CD2 1 ? 
ATOM   850  C  CE1 . HIS A 1 98  ? 9.021   -8.008  -13.589 1.000 25.645  ? 1076 HIS AAA CE1 1 ? 
ATOM   851  N  NE2 . HIS A 1 98  ? 10.130  -7.316  -13.878 1.000 26.271  ? 1076 HIS AAA NE2 1 ? 
ATOM   852  N  N   . ARG A 1 99  ? 8.616   -8.251  -8.337  1.000 22.342  ? 1077 ARG AAA N   1 ? 
ATOM   853  C  CA  . ARG A 1 99  ? 7.196   -8.259  -7.955  1.000 20.351  ? 1077 ARG AAA CA  1 ? 
ATOM   854  C  C   . ARG A 1 99  ? 6.894   -7.013  -7.103  1.000 23.132  ? 1077 ARG AAA C   1 ? 
ATOM   855  O  O   . ARG A 1 99  ? 5.830   -6.426  -7.252  1.000 22.819  ? 1077 ARG AAA O   1 ? 
ATOM   856  C  CB  . ARG A 1 99  ? 6.828   -9.540  -7.207  1.000 22.258  ? 1077 ARG AAA CB  1 ? 
ATOM   857  C  CG  . ARG A 1 99  ? 6.770   -10.741 -8.171  1.000 22.560  ? 1077 ARG AAA CG  1 ? 
ATOM   858  C  CD  . ARG A 1 99  ? 6.681   -11.994 -7.363  1.000 22.244  ? 1077 ARG AAA CD  1 ? 
ATOM   859  N  NE  . ARG A 1 99  ? 6.315   -13.149 -8.204  1.000 23.550  ? 1077 ARG AAA NE  1 ? 
ATOM   860  C  CZ  . ARG A 1 99  ? 6.192   -14.379 -7.751  1.000 25.525  ? 1077 ARG AAA CZ  1 ? 
ATOM   861  N  NH1 . ARG A 1 99  ? 6.506   -14.680 -6.503  1.000 26.058  ? 1077 ARG AAA NH1 1 ? 
ATOM   862  N  NH2 . ARG A 1 99  ? 5.834   -15.347 -8.598  1.000 29.689  ? 1077 ARG AAA NH2 1 ? 
ATOM   863  N  N   . ALA A 1 100 ? 7.810   -6.638  -6.204  1.000 21.624  ? 1078 ALA AAA N   1 ? 
ATOM   864  C  CA  . ALA A 1 100 ? 7.581   -5.438  -5.375  1.000 22.071  ? 1078 ALA AAA CA  1 ? 
ATOM   865  C  C   . ALA A 1 100 ? 7.540   -4.179  -6.232  1.000 22.205  ? 1078 ALA AAA C   1 ? 
ATOM   866  O  O   . ALA A 1 100 ? 6.656   -3.317  -5.978  1.000 24.629  ? 1078 ALA AAA O   1 ? 
ATOM   867  C  CB  . ALA A 1 100 ? 8.683   -5.318  -4.308  1.000 23.731  ? 1078 ALA AAA CB  1 ? 
ATOM   868  N  N   . CYS A 1 101 ? 8.436   -4.015  -7.209  1.000 23.635  ? 1079 CYS AAA N   1 ? 
ATOM   869  C  CA  . CYS A 1 101 ? 8.438   -2.862  -8.081  1.000 22.029  ? 1079 CYS AAA CA  1 ? 
ATOM   870  C  C   . CYS A 1 101 ? 7.159   -2.901  -8.904  1.000 22.907  ? 1079 CYS AAA C   1 ? 
ATOM   871  O  O   . CYS A 1 101 ? 6.568   -1.856  -9.198  1.000 24.029  ? 1079 CYS AAA O   1 ? 
ATOM   872  C  CB  . CYS A 1 101 ? 9.707   -2.832  -8.907  1.000 27.807  ? 1079 CYS AAA CB  1 ? 
ATOM   873  S  SG  . CYS A 1 101 ? 11.083  -2.276  -7.848  1.000 34.594  ? 1079 CYS AAA SG  1 ? 
ATOM   874  N  N   . ALA A 1 102 ? 6.735   -4.130  -9.285  1.000 22.066  ? 1080 ALA AAA N   1 ? 
ATOM   875  C  CA  . ALA A 1 102 ? 5.505   -4.218  -10.070 1.000 21.388  ? 1080 ALA AAA CA  1 ? 
ATOM   876  C  C   . ALA A 1 102 ? 4.272   -3.816  -9.258  1.000 22.741  ? 1080 ALA AAA C   1 ? 
ATOM   877  O  O   . ALA A 1 102 ? 3.350   -3.200  -9.813  1.000 23.602  ? 1080 ALA AAA O   1 ? 
ATOM   878  C  CB  . ALA A 1 102 ? 5.341   -5.603  -10.711 1.000 22.618  ? 1080 ALA AAA CB  1 ? 
ATOM   879  N  N   A LEU A 1 103 ? 4.228   -4.188  -7.976  0.500 21.351  ? 1081 LEU AAA N   1 ? 
ATOM   880  N  N   B LEU A 1 103 ? 4.254   -4.181  -7.970  0.500 22.684  ? 1081 LEU AAA N   1 ? 
ATOM   881  C  CA  A LEU A 1 103 ? 3.134   -3.767  -7.099  0.500 20.055  ? 1081 LEU AAA CA  1 ? 
ATOM   882  C  CA  B LEU A 1 103 ? 3.112   -3.839  -7.124  0.500 21.998  ? 1081 LEU AAA CA  1 ? 
ATOM   883  C  C   A LEU A 1 103 ? 3.064   -2.242  -7.117  0.500 21.452  ? 1081 LEU AAA C   1 ? 
ATOM   884  C  C   B LEU A 1 103 ? 3.032   -2.318  -6.970  0.500 22.582  ? 1081 LEU AAA C   1 ? 
ATOM   885  O  O   A LEU A 1 103 ? 2.013   -1.616  -7.354  0.500 21.022  ? 1081 LEU AAA O   1 ? 
ATOM   886  O  O   B LEU A 1 103 ? 1.901   -1.791  -7.044  0.500 20.580  ? 1081 LEU AAA O   1 ? 
ATOM   887  C  CB  A LEU A 1 103 ? 3.495   -4.219  -5.676  0.500 18.509  ? 1081 LEU AAA CB  1 ? 
ATOM   888  C  CB  B LEU A 1 103 ? 3.192   -4.560  -5.767  0.500 23.426  ? 1081 LEU AAA CB  1 ? 
ATOM   889  C  CG  A LEU A 1 103 ? 2.448   -3.841  -4.622  0.500 19.888  ? 1081 LEU AAA CG  1 ? 
ATOM   890  C  CG  B LEU A 1 103 ? 2.071   -4.154  -4.810  0.500 25.496  ? 1081 LEU AAA CG  1 ? 
ATOM   891  C  CD1 A LEU A 1 103 ? 1.100   -4.482  -4.919  0.500 18.350  ? 1081 LEU AAA CD1 1 ? 
ATOM   892  C  CD1 B LEU A 1 103 ? 1.788   -5.224  -3.782  0.500 25.887  ? 1081 LEU AAA CD1 1 ? 
ATOM   893  C  CD2 A LEU A 1 103 ? 2.915   -4.175  -3.208  0.500 17.806  ? 1081 LEU AAA CD2 1 ? 
ATOM   894  C  CD2 B LEU A 1 103 ? 2.440   -2.864  -4.122  0.500 27.692  ? 1081 LEU AAA CD2 1 ? 
ATOM   895  N  N   . ARG A 1 104 ? 4.200   -1.647  -6.779  1.000 21.701  ? 1082 ARG AAA N   1 ? 
ATOM   896  C  CA  . ARG A 1 104 ? 4.276   -0.184  -6.673  1.000 21.719  ? 1082 ARG AAA CA  1 ? 
ATOM   897  C  C   . ARG A 1 104 ? 3.844   0.466   -7.988  1.000 23.631  ? 1082 ARG AAA C   1 ? 
ATOM   898  O  O   . ARG A 1 104 ? 2.954   1.337   -8.015  1.000 22.240  ? 1082 ARG AAA O   1 ? 
ATOM   899  C  CB  . ARG A 1 104 ? 5.713   0.228   -6.295  1.000 21.927  ? 1082 ARG AAA CB  1 ? 
ATOM   900  C  CG  . ARG A 1 104 ? 5.919   1.747   -6.215  1.000 27.901  ? 1082 ARG AAA CG  1 ? 
ATOM   901  C  CD  . ARG A 1 104 ? 7.408   2.128   -6.364  1.000 38.986  ? 1082 ARG AAA CD  1 ? 
ATOM   902  N  NE  . ARG A 1 104 ? 7.895   1.684   -7.711  1.000 48.067  ? 1082 ARG AAA NE  1 ? 
ATOM   903  C  CZ  . ARG A 1 104 ? 9.130   1.240   -8.041  1.000 54.183  ? 1082 ARG AAA CZ  1 ? 
ATOM   904  N  NH1 . ARG A 1 104 ? 10.096  1.153   -7.128  1.000 61.287  ? 1082 ARG AAA NH1 1 ? 
ATOM   905  N  NH2 . ARG A 1 104 ? 9.406   0.874   -9.288  1.000 46.931  ? 1082 ARG AAA NH2 1 ? 
ATOM   906  N  N   . ASP A 1 105 ? 4.442   0.027   -9.116  1.000 22.142  ? 1083 ASP AAA N   1 ? 
ATOM   907  C  CA  . ASP A 1 105 ? 4.136   0.628   -10.414 1.000 21.486  ? 1083 ASP AAA CA  1 ? 
ATOM   908  C  C   . ASP A 1 105 ? 2.659   0.420   -10.780 1.000 20.941  ? 1083 ASP AAA C   1 ? 
ATOM   909  O  O   . ASP A 1 105 ? 2.027   1.364   -11.320 1.000 23.746  ? 1083 ASP AAA O   1 ? 
ATOM   910  C  CB  . ASP A 1 105 ? 4.977   -0.002  -11.529 1.000 24.681  ? 1083 ASP AAA CB  1 ? 
ATOM   911  C  CG  . ASP A 1 105 ? 6.456   0.394   -11.430 1.000 30.030  ? 1083 ASP AAA CG  1 ? 
ATOM   912  O  OD1 . ASP A 1 105 ? 6.801   1.341   -10.690 1.000 30.583  ? 1083 ASP AAA OD1 1 ? 
ATOM   913  O  OD2 . ASP A 1 105 ? 7.252   -0.300  -12.103 1.000 35.167  ? 1083 ASP AAA OD2 1 ? 
ATOM   914  N  N   . THR A 1 106 ? 2.096   -0.747  -10.402 1.000 19.459  ? 1084 THR AAA N   1 ? 
ATOM   915  C  CA  . THR A 1 106 ? 0.701   -1.003  -10.723 1.000 20.440  ? 1084 THR AAA CA  1 ? 
ATOM   916  C  C   . THR A 1 106 ? -0.208  -0.046  -9.909  1.000 20.372  ? 1084 THR AAA C   1 ? 
ATOM   917  O  O   . THR A 1 106 ? -1.212  0.457   -10.456 1.000 21.278  ? 1084 THR AAA O   1 ? 
ATOM   918  C  CB  . THR A 1 106 ? 0.342   -2.478  -10.484 1.000 20.721  ? 1084 THR AAA CB  1 ? 
ATOM   919  O  OG1 . THR A 1 106 ? 1.094   -3.294  -11.417 1.000 23.020  ? 1084 THR AAA OG1 1 ? 
ATOM   920  C  CG2 . THR A 1 106 ? -1.110  -2.747  -10.797 1.000 20.925  ? 1084 THR AAA CG2 1 ? 
ATOM   921  N  N   . ALA A 1 107 ? 0.065   0.078   -8.602  1.000 19.930  ? 1085 ALA AAA N   1 ? 
ATOM   922  C  CA  . ALA A 1 107 ? -0.771  0.952   -7.771  1.000 19.273  ? 1085 ALA AAA CA  1 ? 
ATOM   923  C  C   . ALA A 1 107 ? -0.698  2.368   -8.322  1.000 20.029  ? 1085 ALA AAA C   1 ? 
ATOM   924  O  O   . ALA A 1 107 ? -1.730  3.041   -8.484  1.000 21.276  ? 1085 ALA AAA O   1 ? 
ATOM   925  C  CB  . ALA A 1 107 ? -0.289  0.967   -6.316  1.000 18.984  ? 1085 ALA AAA CB  1 ? 
ATOM   926  N  N   . TYR A 1 108 ? 0.520   2.850   -8.633  1.000 20.508  ? 1086 TYR AAA N   1 ? 
ATOM   927  C  CA  . TYR A 1 108 ? 0.641   4.213   -9.148  1.000 22.264  ? 1086 TYR AAA CA  1 ? 
ATOM   928  C  C   . TYR A 1 108 ? -0.109  4.357   -10.483 1.000 21.261  ? 1086 TYR AAA C   1 ? 
ATOM   929  O  O   . TYR A 1 108 ? -0.660  5.424   -10.754 1.000 23.097  ? 1086 TYR AAA O   1 ? 
ATOM   930  C  CB  . TYR A 1 108 ? 2.118   4.641   -9.280  1.000 22.271  ? 1086 TYR AAA CB  1 ? 
ATOM   931  C  CG  . TYR A 1 108 ? 2.716   5.182   -8.001  1.000 22.469  ? 1086 TYR AAA CG  1 ? 
ATOM   932  C  CD1 . TYR A 1 108 ? 3.152   4.370   -6.972  1.000 22.846  ? 1086 TYR AAA CD1 1 ? 
ATOM   933  C  CD2 . TYR A 1 108 ? 2.739   6.555   -7.765  1.000 25.137  ? 1086 TYR AAA CD2 1 ? 
ATOM   934  C  CE1 . TYR A 1 108 ? 3.754   4.855   -5.813  1.000 24.312  ? 1086 TYR AAA CE1 1 ? 
ATOM   935  C  CE2 . TYR A 1 108 ? 3.361   7.079   -6.639  1.000 26.136  ? 1086 TYR AAA CE2 1 ? 
ATOM   936  C  CZ  . TYR A 1 108 ? 3.808   6.233   -5.631  1.000 27.741  ? 1086 TYR AAA CZ  1 ? 
ATOM   937  O  OH  . TYR A 1 108 ? 4.381   6.777   -4.520  1.000 29.072  ? 1086 TYR AAA OH  1 ? 
ATOM   938  N  N   . ALA A 1 109 ? -0.057  3.343   -11.368 1.000 20.958  ? 1087 ALA AAA N   1 ? 
ATOM   939  C  CA  . ALA A 1 109 ? -0.695  3.447   -12.674 1.000 21.368  ? 1087 ALA AAA CA  1 ? 
ATOM   940  C  C   . ALA A 1 109 ? -2.237  3.462   -12.542 1.000 23.205  ? 1087 ALA AAA C   1 ? 
ATOM   941  O  O   . ALA A 1 109 ? -2.922  4.208   -13.257 1.000 22.976  ? 1087 ALA AAA O   1 ? 
ATOM   942  C  CB  . ALA A 1 109 ? -0.250  2.303   -13.578 1.000 24.405  ? 1087 ALA AAA CB  1 ? 
ATOM   943  N  N   . ILE A 1 110 ? -2.787  2.651   -11.600 1.000 20.348  ? 1088 ILE AAA N   1 ? 
ATOM   944  C  CA  . ILE A 1 110 ? -4.229  2.652   -11.414 1.000 20.249  ? 1088 ILE AAA CA  1 ? 
ATOM   945  C  C   . ILE A 1 110 ? -4.598  4.041   -10.916 1.000 20.582  ? 1088 ILE AAA C   1 ? 
ATOM   946  O  O   . ILE A 1 110 ? -5.594  4.600   -11.351 1.000 22.508  ? 1088 ILE AAA O   1 ? 
ATOM   947  C  CB  . ILE A 1 110 ? -4.670  1.549   -10.402 1.000 19.874  ? 1088 ILE AAA CB  1 ? 
ATOM   948  C  CG1 . ILE A 1 110 ? -4.522  0.144   -11.003 1.000 21.229  ? 1088 ILE AAA CG1 1 ? 
ATOM   949  C  CG2 . ILE A 1 110 ? -6.118  1.813   -9.972  1.000 20.418  ? 1088 ILE AAA CG2 1 ? 
ATOM   950  C  CD1 . ILE A 1 110 ? -4.676  -0.999  -10.031 1.000 20.493  ? 1088 ILE AAA CD1 1 ? 
ATOM   951  N  N   . ILE A 1 111 ? -3.858  4.580   -9.951  1.000 20.290  ? 1089 ILE AAA N   1 ? 
ATOM   952  C  CA  . ILE A 1 111 ? -4.204  5.886   -9.400  1.000 20.332  ? 1089 ILE AAA CA  1 ? 
ATOM   953  C  C   . ILE A 1 111 ? -4.068  6.979   -10.470 1.000 23.223  ? 1089 ILE AAA C   1 ? 
ATOM   954  O  O   . ILE A 1 111 ? -4.933  7.878   -10.625 1.000 23.423  ? 1089 ILE AAA O   1 ? 
ATOM   955  C  CB  . ILE A 1 111 ? -3.405  6.120   -8.100  1.000 22.833  ? 1089 ILE AAA CB  1 ? 
ATOM   956  C  CG1 . ILE A 1 111 ? -4.075  5.326   -6.962  1.000 25.625  ? 1089 ILE AAA CG1 1 ? 
ATOM   957  C  CG2 . ILE A 1 111 ? -3.257  7.623   -7.789  1.000 27.793  ? 1089 ILE AAA CG2 1 ? 
ATOM   958  C  CD1 . ILE A 1 111 ? -3.096  4.927   -5.847  1.000 31.950  ? 1089 ILE AAA CD1 1 ? 
ATOM   959  N  N   . LYS A 1 112 ? -3.041  6.881   -11.320 1.000 22.752  ? 1090 LYS AAA N   1 ? 
ATOM   960  C  CA  . LYS A 1 112 ? -2.901  7.908   -12.355 1.000 24.899  ? 1090 LYS AAA CA  1 ? 
ATOM   961  C  C   . LYS A 1 112 ? -4.107  7.902   -13.294 1.000 24.804  ? 1090 LYS AAA C   1 ? 
ATOM   962  O  O   . LYS A 1 112 ? -4.564  8.980   -13.719 1.000 29.672  ? 1090 LYS AAA O   1 ? 
ATOM   963  C  CB  . LYS A 1 112 ? -1.598  7.635   -13.118 1.000 25.731  ? 1090 LYS AAA CB  1 ? 
ATOM   964  C  CG  . LYS A 1 112 ? -1.369  8.634   -14.248 1.000 33.667  ? 1090 LYS AAA CG  1 ? 
ATOM   965  C  CD  . LYS A 1 112 ? -0.185  8.296   -15.138 1.000 44.636  ? 1090 LYS AAA CD  1 ? 
ATOM   966  C  CE  . LYS A 1 112 ? 0.095   9.415   -16.130 1.000 53.125  ? 1090 LYS AAA CE  1 ? 
ATOM   967  N  NZ  . LYS A 1 112 ? 0.601   10.608  -15.414 1.000 63.180  ? 1090 LYS AAA NZ  1 ? 
ATOM   968  N  N   . GLU A 1 113 ? -4.670  6.739   -13.595 1.000 23.182  ? 1091 GLU AAA N   1 ? 
ATOM   969  C  CA  . GLU A 1 113 ? -5.748  6.599   -14.568 1.000 25.679  ? 1091 GLU AAA CA  1 ? 
ATOM   970  C  C   . GLU A 1 113 ? -7.101  6.863   -13.913 1.000 27.989  ? 1091 GLU AAA C   1 ? 
ATOM   971  O  O   . GLU A 1 113 ? -8.030  7.232   -14.630 1.000 31.824  ? 1091 GLU AAA O   1 ? 
ATOM   972  C  CB  . GLU A 1 113 ? -5.874  5.205   -15.150 1.000 30.960  ? 1091 GLU AAA CB  1 ? 
ATOM   973  C  CG  . GLU A 1 113 ? -4.873  4.931   -16.260 1.000 48.180  ? 1091 GLU AAA CG  1 ? 
ATOM   974  C  CD  . GLU A 1 113 ? -5.335  3.848   -17.234 1.000 66.608  ? 1091 GLU AAA CD  1 ? 
ATOM   975  O  OE1 . GLU A 1 113 ? -6.005  2.860   -16.794 1.000 59.806  ? 1091 GLU AAA OE1 1 ? 
ATOM   976  O  OE2 . GLU A 1 113 ? -5.036  3.989   -18.443 1.000 75.179  ? 1091 GLU AAA OE2 1 ? 
ATOM   977  N  N   . GLU A 1 114 ? -7.233  6.643   -12.585 1.000 20.705  ? 1092 GLU AAA N   1 ? 
ATOM   978  C  CA  . GLU A 1 114 ? -8.599  6.588   -12.063 1.000 19.907  ? 1092 GLU AAA CA  1 ? 
ATOM   979  C  C   . GLU A 1 114 ? -8.827  7.556   -10.883 1.000 21.568  ? 1092 GLU AAA C   1 ? 
ATOM   980  O  O   . GLU A 1 114 ? -9.972  7.708   -10.468 1.000 24.964  ? 1092 GLU AAA O   1 ? 
ATOM   981  C  CB  . GLU A 1 114 ? -8.892  5.177   -11.539 1.000 20.311  ? 1092 GLU AAA CB  1 ? 
ATOM   982  C  CG  . GLU A 1 114 ? -8.780  4.092   -12.634 1.000 20.699  ? 1092 GLU AAA CG  1 ? 
ATOM   983  C  CD  . GLU A 1 114 ? -9.039  2.670   -12.152 1.000 20.992  ? 1092 GLU AAA CD  1 ? 
ATOM   984  O  OE1 . GLU A 1 114 ? -9.761  2.437   -11.169 1.000 22.084  ? 1092 GLU AAA OE1 1 ? 
ATOM   985  O  OE2 . GLU A 1 114 ? -8.476  1.736   -12.822 1.000 22.822  ? 1092 GLU AAA OE2 1 ? 
ATOM   986  N  N   . LEU A 1 115 ? -7.806  8.173   -10.318 1.000 21.296  ? 1093 LEU AAA N   1 ? 
ATOM   987  C  CA  . LEU A 1 115 ? -8.027  9.186   -9.282  1.000 20.463  ? 1093 LEU AAA CA  1 ? 
ATOM   988  C  C   . LEU A 1 115 ? -8.142  10.550  -9.952  1.000 23.221  ? 1093 LEU AAA C   1 ? 
ATOM   989  O  O   . LEU A 1 115 ? -7.263  10.983  -10.713 1.000 24.302  ? 1093 LEU AAA O   1 ? 
ATOM   990  C  CB  . LEU A 1 115 ? -6.811  9.213   -8.353  1.000 23.069  ? 1093 LEU AAA CB  1 ? 
ATOM   991  C  CG  . LEU A 1 115 ? -6.715  10.383  -7.376  1.000 25.191  ? 1093 LEU AAA CG  1 ? 
ATOM   992  C  CD1 . LEU A 1 115 ? -7.850  10.302  -6.407  1.000 24.022  ? 1093 LEU AAA CD1 1 ? 
ATOM   993  C  CD2 . LEU A 1 115 ? -5.376  10.368  -6.658  1.000 26.757  ? 1093 LEU AAA CD2 1 ? 
ATOM   994  N  N   . ASP A 1 116 ? -9.244  11.281  -9.661  1.000 23.148  ? 1094 ASP AAA N   1 ? 
ATOM   995  C  CA  . ASP A 1 116 ? -9.337  12.656  -10.153 1.000 25.961  ? 1094 ASP AAA CA  1 ? 
ATOM   996  C  C   . ASP A 1 116 ? -8.453  13.549  -9.284  1.000 23.995  ? 1094 ASP AAA C   1 ? 
ATOM   997  O  O   . ASP A 1 116 ? -8.536  13.501  -8.053  1.000 22.968  ? 1094 ASP AAA O   1 ? 
ATOM   998  C  CB  . ASP A 1 116 ? -10.817 13.035  -10.058 1.000 24.061  ? 1094 ASP AAA CB  1 ? 
ATOM   999  C  CG  . ASP A 1 116 ? -11.079 14.389  -10.694 1.000 30.839  ? 1094 ASP AAA CG  1 ? 
ATOM   1000 O  OD1 . ASP A 1 116 ? -10.365 15.335  -10.378 1.000 33.078  ? 1094 ASP AAA OD1 1 ? 
ATOM   1001 O  OD2 . ASP A 1 116 ? -11.933 14.452  -11.572 1.000 29.501  ? 1094 ASP AAA OD2 1 ? 
ATOM   1002 N  N   . GLU A 1 117 ? -7.590  14.358  -9.914  1.000 22.638  ? 1095 GLU AAA N   1 ? 
ATOM   1003 C  CA  . GLU A 1 117 ? -6.626  15.167  -9.175  1.000 23.825  ? 1095 GLU AAA CA  1 ? 
ATOM   1004 C  C   . GLU A 1 117 ? -7.341  16.182  -8.260  1.000 21.808  ? 1095 GLU AAA C   1 ? 
ATOM   1005 O  O   . GLU A 1 117 ? -6.802  16.535  -7.215  1.000 22.344  ? 1095 GLU AAA O   1 ? 
ATOM   1006 C  CB  . GLU A 1 117 ? -5.811  16.022  -10.157 1.000 31.651  ? 1095 GLU AAA CB  1 ? 
ATOM   1007 C  CG  . GLU A 1 117 ? -4.637  15.301  -10.789 1.000 53.673  ? 1095 GLU AAA CG  1 ? 
ATOM   1008 C  CD  . GLU A 1 117 ? -4.093  16.068  -11.995 1.000 71.020  ? 1095 GLU AAA CD  1 ? 
ATOM   1009 O  OE1 . GLU A 1 117 ? -4.339  17.325  -12.099 1.000 64.579  ? 1095 GLU AAA OE1 1 ? 
ATOM   1010 O  OE2 . GLU A 1 117 ? -3.457  15.407  -12.856 1.000 84.707  ? 1095 GLU AAA OE2 1 ? 
ATOM   1011 N  N   . ASP A 1 118 ? -8.542  16.612  -8.672  1.000 25.501  ? 1096 ASP AAA N   1 ? 
ATOM   1012 C  CA  . ASP A 1 118 ? -9.269  17.594  -7.860  1.000 24.521  ? 1096 ASP AAA CA  1 ? 
ATOM   1013 C  C   . ASP A 1 118 ? -9.871  16.921  -6.635  1.000 23.442  ? 1096 ASP AAA C   1 ? 
ATOM   1014 O  O   . ASP A 1 118 ? -10.093 17.537  -5.578  1.000 22.563  ? 1096 ASP AAA O   1 ? 
ATOM   1015 C  CB  . ASP A 1 118 ? -10.376 18.273  -8.680  1.000 25.624  ? 1096 ASP AAA CB  1 ? 
ATOM   1016 C  CG  . ASP A 1 118 ? -9.786  19.300  -9.644  1.000 26.955  ? 1096 ASP AAA CG  1 ? 
ATOM   1017 O  OD1 . ASP A 1 118 ? -8.639  19.718  -9.453  1.000 30.622  ? 1096 ASP AAA OD1 1 ? 
ATOM   1018 O  OD2 . ASP A 1 118 ? -10.433 19.555  -10.622 1.000 37.458  ? 1096 ASP AAA OD2 1 ? 
ATOM   1019 N  N   . PHE A 1 119 ? -10.117 15.603  -6.727  1.000 22.077  ? 1097 PHE AAA N   1 ? 
ATOM   1020 C  CA  . PHE A 1 119 ? -10.596 14.865  -5.564  1.000 20.449  ? 1097 PHE AAA CA  1 ? 
ATOM   1021 C  C   . PHE A 1 119 ? -9.449  14.724  -4.550  1.000 21.556  ? 1097 PHE AAA C   1 ? 
ATOM   1022 O  O   . PHE A 1 119 ? -9.671  14.943  -3.349  1.000 23.407  ? 1097 PHE AAA O   1 ? 
ATOM   1023 C  CB  . PHE A 1 119 ? -11.130 13.479  -5.996  1.000 21.990  ? 1097 PHE AAA CB  1 ? 
ATOM   1024 C  CG  . PHE A 1 119 ? -11.652 12.636  -4.844  1.000 21.008  ? 1097 PHE AAA CG  1 ? 
ATOM   1025 C  CD1 . PHE A 1 119 ? -12.975 12.765  -4.364  1.000 21.068  ? 1097 PHE AAA CD1 1 ? 
ATOM   1026 C  CD2 . PHE A 1 119 ? -10.783 11.783  -4.138  1.000 21.032  ? 1097 PHE AAA CD2 1 ? 
ATOM   1027 C  CE1 . PHE A 1 119 ? -13.411 12.018  -3.272  1.000 21.161  ? 1097 PHE AAA CE1 1 ? 
ATOM   1028 C  CE2 . PHE A 1 119 ? -11.227 11.054  -3.040  1.000 20.582  ? 1097 PHE AAA CE2 1 ? 
ATOM   1029 C  CZ  . PHE A 1 119 ? -12.540 11.194  -2.590  1.000 21.798  ? 1097 PHE AAA CZ  1 ? 
ATOM   1030 N  N   . GLU A 1 120 ? -8.253  14.356  -5.055  1.000 21.231  ? 1098 GLU AAA N   1 ? 
ATOM   1031 C  CA  . GLU A 1 120 ? -7.107  14.294  -4.145  1.000 22.295  ? 1098 GLU AAA CA  1 ? 
ATOM   1032 C  C   . GLU A 1 120 ? -6.872  15.655  -3.490  1.000 24.440  ? 1098 GLU AAA C   1 ? 
ATOM   1033 O  O   . GLU A 1 120 ? -6.551  15.724  -2.301  1.000 23.607  ? 1098 GLU AAA O   1 ? 
ATOM   1034 C  CB  . GLU A 1 120 ? -5.886  13.838  -4.938  1.000 22.802  ? 1098 GLU AAA CB  1 ? 
ATOM   1035 C  CG  . GLU A 1 120 ? -4.658  13.831  -4.081  1.000 22.493  ? 1098 GLU AAA CG  1 ? 
ATOM   1036 C  CD  . GLU A 1 120 ? -4.592  12.894  -2.864  1.000 24.595  ? 1098 GLU AAA CD  1 ? 
ATOM   1037 O  OE1 . GLU A 1 120 ? -5.564  12.185  -2.556  1.000 25.424  ? 1098 GLU AAA OE1 1 ? 
ATOM   1038 O  OE2 . GLU A 1 120 ? -3.524  12.923  -2.153  1.000 30.032  ? 1098 GLU AAA OE2 1 ? 
ATOM   1039 N  N   . GLN A 1 121 ? -6.938  16.715  -4.307  1.000 23.783  ? 1099 GLN AAA N   1 ? 
ATOM   1040 C  CA  . GLN A 1 121 ? -6.657  18.044  -3.754  1.000 26.275  ? 1099 GLN AAA CA  1 ? 
ATOM   1041 C  C   . GLN A 1 121 ? -7.665  18.419  -2.664  1.000 25.247  ? 1099 GLN AAA C   1 ? 
ATOM   1042 O  O   . GLN A 1 121 ? -7.297  19.004  -1.635  1.000 25.113  ? 1099 GLN AAA O   1 ? 
ATOM   1043 C  CB  . GLN A 1 121 ? -6.668  19.032  -4.913  1.000 25.135  ? 1099 GLN AAA CB  1 ? 
ATOM   1044 C  CG  . GLN A 1 121 ? -6.296  20.465  -4.467  1.000 28.130  ? 1099 GLN AAA CG  1 ? 
ATOM   1045 C  CD  . GLN A 1 121 ? -4.892  20.488  -3.938  1.000 33.843  ? 1099 GLN AAA CD  1 ? 
ATOM   1046 O  OE1 . GLN A 1 121 ? -4.023  19.777  -4.462  1.000 35.741  ? 1099 GLN AAA OE1 1 ? 
ATOM   1047 N  NE2 . GLN A 1 121 ? -4.660  21.306  -2.919  1.000 31.886  ? 1099 GLN AAA NE2 1 ? 
ATOM   1048 N  N   . LEU A 1 122 ? -8.957  18.106  -2.887  1.000 21.605  ? 1100 LEU AAA N   1 ? 
ATOM   1049 C  CA  . LEU A 1 122 ? -9.955  18.263  -1.840  1.000 21.946  ? 1100 LEU AAA CA  1 ? 
ATOM   1050 C  C   . LEU A 1 122 ? -9.586  17.534  -0.549  1.000 25.957  ? 1100 LEU AAA C   1 ? 
ATOM   1051 O  O   . LEU A 1 122 ? -9.656  18.093  0.555   1.000 23.631  ? 1100 LEU AAA O   1 ? 
ATOM   1052 C  CB  . LEU A 1 122 ? -11.346 17.884  -2.376  1.000 21.707  ? 1100 LEU AAA CB  1 ? 
ATOM   1053 C  CG  . LEU A 1 122 ? -12.478 17.912  -1.359  1.000 21.459  ? 1100 LEU AAA CG  1 ? 
ATOM   1054 C  CD1 . LEU A 1 122 ? -12.640 19.320  -0.738  1.000 24.731  ? 1100 LEU AAA CD1 1 ? 
ATOM   1055 C  CD2 . LEU A 1 122 ? -13.783 17.455  -1.959  1.000 22.567  ? 1100 LEU AAA CD2 1 ? 
ATOM   1056 N  N   . CYS A 1 123 ? -9.219  16.238  -0.665  1.000 22.773  ? 1101 CYS AAA N   1 ? 
ATOM   1057 C  CA  . CYS A 1 123 ? -8.852  15.480  0.531   1.000 22.213  ? 1101 CYS AAA CA  1 ? 
ATOM   1058 C  C   . CYS A 1 123 ? -7.704  16.178  1.262   1.000 24.143  ? 1101 CYS AAA C   1 ? 
ATOM   1059 O  O   . CYS A 1 123 ? -7.757  16.248  2.490   1.000 25.783  ? 1101 CYS AAA O   1 ? 
ATOM   1060 C  CB  . CYS A 1 123 ? -8.421  14.062  0.145   1.000 21.489  ? 1101 CYS AAA CB  1 ? 
ATOM   1061 S  SG  . CYS A 1 123 ? -9.801  13.031  -0.405  1.000 22.931  ? 1101 CYS AAA SG  1 ? 
ATOM   1062 N  N   . GLU A 1 124 ? -6.703  16.639  0.530   1.000 23.792  ? 1102 GLU AAA N   1 ? 
ATOM   1063 C  CA  . GLU A 1 124 ? -5.513  17.266  1.076   1.000 28.155  ? 1102 GLU AAA CA  1 ? 
ATOM   1064 C  C   . GLU A 1 124 ? -5.960  18.525  1.820   1.000 30.109  ? 1102 GLU AAA C   1 ? 
ATOM   1065 O  O   . GLU A 1 124 ? -5.474  18.804  2.916   1.000 31.684  ? 1102 GLU AAA O   1 ? 
ATOM   1066 C  CB  . GLU A 1 124 ? -4.471  17.545  0.002   1.000 27.965  ? 1102 GLU AAA CB  1 ? 
ATOM   1067 C  CG  . GLU A 1 124 ? -3.751  16.243  -0.424  1.000 36.275  ? 1102 GLU AAA CG  1 ? 
ATOM   1068 C  CD  . GLU A 1 124 ? -2.642  16.278  -1.475  1.000 46.305  ? 1102 GLU AAA CD  1 ? 
ATOM   1069 O  OE1 . GLU A 1 124 ? -2.149  17.389  -1.666  1.000 47.788  ? 1102 GLU AAA OE1 1 ? 
ATOM   1070 O  OE2 . GLU A 1 124 ? -2.268  15.188  -2.140  1.000 37.574  ? 1102 GLU AAA OE2 1 ? 
ATOM   1071 N  N   . GLU A 1 125 ? -6.914  19.265  1.229   1.000 27.972  ? 1103 GLU AAA N   1 ? 
ATOM   1072 C  CA  . GLU A 1 125 ? -7.279  20.532  1.881   1.000 26.755  ? 1103 GLU AAA CA  1 ? 
ATOM   1073 C  C   . GLU A 1 125 ? -8.093  20.290  3.138   1.000 30.182  ? 1103 GLU AAA C   1 ? 
ATOM   1074 O  O   . GLU A 1 125 ? -7.885  20.997  4.122   1.000 35.050  ? 1103 GLU AAA O   1 ? 
ATOM   1075 C  CB  . GLU A 1 125 ? -7.901  21.551  0.888   1.000 24.435  ? 1103 GLU AAA CB  1 ? 
ATOM   1076 C  CG  . GLU A 1 125 ? -6.886  21.976  -0.173  1.000 25.370  ? 1103 GLU AAA CG  1 ? 
ATOM   1077 C  CD  . GLU A 1 125 ? -7.307  22.972  -1.250  1.000 24.605  ? 1103 GLU AAA CD  1 ? 
ATOM   1078 O  OE1 . GLU A 1 125 ? -8.499  23.334  -1.211  1.000 27.679  ? 1103 GLU AAA OE1 1 ? 
ATOM   1079 O  OE2 . GLU A 1 125 ? -6.527  23.300  -2.172  1.000 27.578  ? 1103 GLU AAA OE2 1 ? 
ATOM   1080 N  N   . ILE A 1 126 ? -9.004  19.310  3.156   1.000 25.933  ? 1104 ILE AAA N   1 ? 
ATOM   1081 C  CA  . ILE A 1 126 ? -9.686  18.950  4.375   1.000 27.866  ? 1104 ILE AAA CA  1 ? 
ATOM   1082 C  C   . ILE A 1 126 ? -8.661  18.480  5.413   1.000 34.564  ? 1104 ILE AAA C   1 ? 
ATOM   1083 O  O   . ILE A 1 126 ? -8.720  18.902  6.563   1.000 35.399  ? 1104 ILE AAA O   1 ? 
ATOM   1084 C  CB  . ILE A 1 126 ? -10.748 17.873  4.134   1.000 26.990  ? 1104 ILE AAA CB  1 ? 
ATOM   1085 C  CG1 . ILE A 1 126 ? -11.721 18.280  3.013   1.000 26.361  ? 1104 ILE AAA CG1 1 ? 
ATOM   1086 C  CG2 . ILE A 1 126 ? -11.474 17.564  5.442   1.000 28.218  ? 1104 ILE AAA CG2 1 ? 
ATOM   1087 C  CD1 . ILE A 1 126 ? -12.605 17.148  2.538   1.000 27.148  ? 1104 ILE AAA CD1 1 ? 
ATOM   1088 N  N   . GLN A 1 127 ? -7.715  17.602  5.015   1.000 34.533  ? 1105 GLN AAA N   1 ? 
ATOM   1089 C  CA  . GLN A 1 127 ? -6.744  17.067  5.979   1.000 35.814  ? 1105 GLN AAA CA  1 ? 
ATOM   1090 C  C   . GLN A 1 127 ? -5.989  18.226  6.649   1.000 38.540  ? 1105 GLN AAA C   1 ? 
ATOM   1091 O  O   . GLN A 1 127 ? -5.856  18.267  7.879   1.000 41.036  ? 1105 GLN AAA O   1 ? 
ATOM   1092 C  CB  . GLN A 1 127 ? -5.740  16.131  5.291   1.000 31.607  ? 1105 GLN AAA CB  1 ? 
ATOM   1093 C  CG  . GLN A 1 127 ? -4.737  15.526  6.275   1.000 37.779  ? 1105 GLN AAA CG  1 ? 
ATOM   1094 C  CD  . GLN A 1 127 ? -3.676  14.761  5.515   1.000 44.711  ? 1105 GLN AAA CD  1 ? 
ATOM   1095 O  OE1 . GLN A 1 127 ? -3.104  15.250  4.538   1.000 45.732  ? 1105 GLN AAA OE1 1 ? 
ATOM   1096 N  NE2 . GLN A 1 127 ? -3.408  13.529  5.928   1.000 45.381  ? 1105 GLN AAA NE2 1 ? 
ATOM   1097 N  N   . GLU A 1 128 ? -5.521  19.162  5.824   1.000 36.796  ? 1106 GLU AAA N   1 ? 
ATOM   1098 C  CA  . GLU A 1 128 ? -4.714  20.295  6.239   1.000 40.573  ? 1106 GLU AAA CA  1 ? 
ATOM   1099 C  C   . GLU A 1 128 ? -5.508  21.202  7.181   1.000 43.674  ? 1106 GLU AAA C   1 ? 
ATOM   1100 O  O   . GLU A 1 128 ? -4.904  21.962  7.942   1.000 48.826  ? 1106 GLU AAA O   1 ? 
ATOM   1101 C  CB  . GLU A 1 128 ? -4.111  20.960  4.998   1.000 37.085  ? 1106 GLU AAA CB  1 ? 
ATOM   1102 C  CG  . GLU A 1 128 ? -3.617  22.366  5.225   1.000 60.944  ? 1106 GLU AAA CG  1 ? 
ATOM   1103 C  CD  . GLU A 1 128 ? -2.236  22.410  5.851   1.000 76.464  ? 1106 GLU AAA CD  1 ? 
ATOM   1104 O  OE1 . GLU A 1 128 ? -2.152  22.614  7.084   1.000 78.439  ? 1106 GLU AAA OE1 1 ? 
ATOM   1105 O  OE2 . GLU A 1 128 ? -1.248  22.241  5.105   1.000 93.607  ? 1106 GLU AAA OE2 1 ? 
ATOM   1106 N  N   . SER A 1 129 ? -6.842  21.111  7.147   1.000 42.990  ? 1107 SER AAA N   1 ? 
ATOM   1107 C  CA  . SER A 1 129 ? -7.719  21.996  7.910   1.000 49.669  ? 1107 SER AAA CA  1 ? 
ATOM   1108 C  C   . SER A 1 129 ? -7.940  21.450  9.313   1.000 54.476  ? 1107 SER AAA C   1 ? 
ATOM   1109 O  O   . SER A 1 129 ? -8.539  22.131  10.141  1.000 57.382  ? 1107 SER AAA O   1 ? 
ATOM   1110 C  CB  . SER A 1 129 ? -9.063  22.228  7.242   1.000 42.393  ? 1107 SER AAA CB  1 ? 
ATOM   1111 O  OG  . SER A 1 129 ? -9.960  21.139  7.519   1.000 45.176  ? 1107 SER AAA OG  1 ? 
ATOM   1112 N  N   . ARG A 1 130 ? -7.506  20.217  9.564   1.000 48.253  ? 1108 ARG AAA N   1 ? 
ATOM   1113 C  CA  . ARG A 1 130 ? -7.884  19.580  10.814  1.000 62.375  ? 1108 ARG AAA CA  1 ? 
ATOM   1114 C  C   . ARG A 1 130 ? -6.757  19.719  11.843  1.000 60.322  ? 1108 ARG AAA C   1 ? 
ATOM   1115 O  O   . ARG A 1 130 ? -5.589  19.969  11.491  1.000 57.732  ? 1108 ARG AAA O   1 ? 
ATOM   1116 C  CB  . ARG A 1 130 ? -8.348  18.142  10.581  1.000 55.605  ? 1108 ARG AAA CB  1 ? 
ATOM   1117 C  CG  . ARG A 1 130 ? -9.852  18.066  10.393  1.000 68.380  ? 1108 ARG AAA CG  1 ? 
ATOM   1118 C  CD  . ARG A 1 130 ? -10.207 16.913  9.500   1.000 58.464  ? 1108 ARG AAA CD  1 ? 
ATOM   1119 N  NE  . ARG A 1 130 ? -11.550 17.053  8.942   1.000 64.830  ? 1108 ARG AAA NE  1 ? 
ATOM   1120 C  CZ  . ARG A 1 130 ? -12.513 16.127  9.034   1.000 67.011  ? 1108 ARG AAA CZ  1 ? 
ATOM   1121 N  NH1 . ARG A 1 130 ? -13.691 16.331  8.447   1.000 51.004  ? 1108 ARG AAA NH1 1 ? 
ATOM   1122 N  NH2 . ARG A 1 130 ? -12.278 14.953  9.678   1.000 82.098  ? 1108 ARG AAA NH2 1 ? 
ATOM   1123 O  OXT . ARG A 1 130 ? -7.065  19.580  13.025  1.000 69.574  ? 1108 ARG AAA OXT 1 ? 
HETATM 1124 S  S   . SO4 B 2 .   ? -17.092 3.051   5.083   1.000 37.827  ? 1201 SO4 AAA S   1 ? 
HETATM 1125 O  O1  . SO4 B 2 .   ? -16.966 1.778   5.744   1.000 38.006  ? 1201 SO4 AAA O1  1 ? 
HETATM 1126 O  O2  . SO4 B 2 .   ? -18.166 2.926   4.081   1.000 48.749  ? 1201 SO4 AAA O2  1 ? 
HETATM 1127 O  O3  . SO4 B 2 .   ? -15.881 3.357   4.369   1.000 38.193  ? 1201 SO4 AAA O3  1 ? 
HETATM 1128 O  O4  . SO4 B 2 .   ? -17.453 4.134   5.919   1.000 32.545  ? 1201 SO4 AAA O4  1 ? 
HETATM 1129 CL CL  . CL  C 3 .   ? 5.986   -17.994 -6.838  1.000 66.036  ? 1202 CL  AAA CL  1 ? 
HETATM 1130 C  C4  . IJI D 4 .   ? 13.382  -5.115  -9.857  1.000 111.101 ? 1203 IJI AAA C4  1 ? 
HETATM 1131 C  C5  . IJI D 4 .   ? 13.835  -6.242  -10.788 1.000 95.134  ? 1203 IJI AAA C5  1 ? 
HETATM 1132 C  C6  . IJI D 4 .   ? 14.341  -7.568  -10.185 1.000 64.215  ? 1203 IJI AAA C6  1 ? 
HETATM 1133 C  C11 . IJI D 4 .   ? 13.627  -4.951  -13.482 1.000 93.927  ? 1203 IJI AAA C11 1 ? 
HETATM 1134 C  C7  . IJI D 4 .   ? 15.731  -7.457  -9.566  1.000 79.592  ? 1203 IJI AAA C7  1 ? 
HETATM 1135 C  C8  . IJI D 4 .   ? 16.943  -7.516  -10.494 1.000 88.168  ? 1203 IJI AAA C8  1 ? 
HETATM 1136 C  C9  . IJI D 4 .   ? 18.290  -5.640  -9.470  1.000 93.946  ? 1203 IJI AAA C9  1 ? 
HETATM 1137 C  C10 . IJI D 4 .   ? 14.842  -5.603  -12.905 1.000 105.785 ? 1203 IJI AAA C10 1 ? 
HETATM 1138 N  N1  . IJI D 4 .   ? 12.501  -4.298  -10.347 1.000 95.569  ? 1203 IJI AAA N1  1 ? 
HETATM 1139 N  N2  . IJI D 4 .   ? 17.910  -6.405  -10.501 1.000 98.618  ? 1203 IJI AAA N2  1 ? 
HETATM 1140 C  C3  . IJI D 4 .   ? 12.398  -2.936  -10.139 1.000 88.358  ? 1203 IJI AAA C3  1 ? 
HETATM 1141 N  N3  . IJI D 4 .   ? 19.580  -5.585  -9.170  1.000 89.032  ? 1203 IJI AAA N3  1 ? 
HETATM 1142 C  C1  . IJI D 4 .   ? 13.096  -1.130  -8.768  1.000 83.773  ? 1203 IJI AAA C1  1 ? 
HETATM 1143 C  C2  . IJI D 4 .   ? 12.425  -2.265  -8.845  1.000 71.989  ? 1203 IJI AAA C2  1 ? 
HETATM 1144 O  O1  . IJI D 4 .   ? 13.970  -4.905  -8.780  1.000 134.724 ? 1203 IJI AAA O1  1 ? 
HETATM 1145 N  N4  . IJI D 4 .   ? 17.423  -4.873  -8.814  1.000 78.154  ? 1203 IJI AAA N4  1 ? 
HETATM 1146 N  N5  . IJI D 4 .   ? 14.918  -5.697  -11.581 1.000 102.427 ? 1203 IJI AAA N5  1 ? 
HETATM 1147 O  O2  . IJI D 4 .   ? 15.707  -6.100  -13.613 1.000 109.126 ? 1203 IJI AAA O2  1 ? 
HETATM 1148 C  C1  . EDO E 5 .   ? -12.393 9.028   -5.952  1.000 21.014  ? 1204 EDO AAA C1  1 ? 
HETATM 1149 O  O1  . EDO E 5 .   ? -13.501 8.402   -6.565  1.000 24.550  ? 1204 EDO AAA O1  1 ? 
HETATM 1150 C  C2  . EDO E 5 .   ? -11.205 9.095   -6.871  1.000 30.102  ? 1204 EDO AAA C2  1 ? 
HETATM 1151 O  O2  . EDO E 5 .   ? -11.433 10.055  -7.925  1.000 28.857  ? 1204 EDO AAA O2  1 ? 
HETATM 1152 C  C1  . EDO F 5 .   ? -9.622  -8.275  -1.236  1.000 61.556  ? 1205 EDO AAA C1  1 ? 
HETATM 1153 O  O1  . EDO F 5 .   ? -9.395  -6.968  -0.744  1.000 67.352  ? 1205 EDO AAA O1  1 ? 
HETATM 1154 C  C2  . EDO F 5 .   ? -8.580  -9.257  -0.884  1.000 65.719  ? 1205 EDO AAA C2  1 ? 
HETATM 1155 O  O2  . EDO F 5 .   ? -8.966  -10.506 -1.409  1.000 69.998  ? 1205 EDO AAA O2  1 ? 
HETATM 1156 C  C1  . EDO G 5 .   ? 5.767   -1.334  13.551  1.000 45.006  ? 1206 EDO AAA C1  1 ? 
HETATM 1157 O  O1  . EDO G 5 .   ? 5.062   -2.452  13.028  1.000 53.425  ? 1206 EDO AAA O1  1 ? 
HETATM 1158 C  C2  . EDO G 5 .   ? 5.007   -0.605  14.635  1.000 48.815  ? 1206 EDO AAA C2  1 ? 
HETATM 1159 O  O2  . EDO G 5 .   ? 3.736   -1.155  15.079  1.000 49.635  ? 1206 EDO AAA O2  1 ? 
HETATM 1160 C  C1  . EDO H 5 .   ? -0.307  11.068  -6.646  1.000 68.013  ? 1207 EDO AAA C1  1 ? 
HETATM 1161 O  O1  . EDO H 5 .   ? -1.622  11.563  -6.802  1.000 60.394  ? 1207 EDO AAA O1  1 ? 
HETATM 1162 C  C2  . EDO H 5 .   ? 0.089   11.346  -5.240  1.000 69.103  ? 1207 EDO AAA C2  1 ? 
HETATM 1163 O  O2  . EDO H 5 .   ? -1.082  11.565  -4.451  1.000 53.676  ? 1207 EDO AAA O2  1 ? 
HETATM 1164 C  C1  . EDO I 5 .   ? -10.384 9.767   -13.116 1.000 51.825  ? 1208 EDO AAA C1  1 ? 
HETATM 1165 O  O1  . EDO I 5 .   ? -10.182 11.171  -13.170 1.000 62.599  ? 1208 EDO AAA O1  1 ? 
HETATM 1166 C  C2  . EDO I 5 .   ? -11.745 9.338   -12.624 1.000 40.851  ? 1208 EDO AAA C2  1 ? 
HETATM 1167 O  O2  . EDO I 5 .   ? -12.772 10.001  -13.335 1.000 49.973  ? 1208 EDO AAA O2  1 ? 
HETATM 1168 C  C1  . EDO J 5 .   ? -8.780  14.530  10.594  1.000 74.936  ? 1209 EDO AAA C1  1 ? 
HETATM 1169 O  O1  . EDO J 5 .   ? -10.036 14.123  11.110  1.000 69.903  ? 1209 EDO AAA O1  1 ? 
HETATM 1170 C  C2  . EDO J 5 .   ? -7.696  14.759  11.588  1.000 71.396  ? 1209 EDO AAA C2  1 ? 
HETATM 1171 O  O2  . EDO J 5 .   ? -6.393  14.711  11.039  1.000 74.273  ? 1209 EDO AAA O2  1 ? 
HETATM 1172 S  S   . SO4 K 2 .   ? 0.496   4.409   12.604  0.500 80.606  ? 1210 SO4 AAA S   1 ? 
HETATM 1173 O  O1  . SO4 K 2 .   ? 1.257   4.703   11.420  0.500 73.482  ? 1210 SO4 AAA O1  1 ? 
HETATM 1174 O  O2  . SO4 K 2 .   ? -0.898  4.318   12.255  0.500 82.896  ? 1210 SO4 AAA O2  1 ? 
HETATM 1175 O  O3  . SO4 K 2 .   ? 0.693   5.457   13.580  0.500 75.100  ? 1210 SO4 AAA O3  1 ? 
HETATM 1176 O  O4  . SO4 K 2 .   ? 0.936   3.159   13.163  0.500 75.736  ? 1210 SO4 AAA O4  1 ? 
HETATM 1177 O  O   . HOH L 6 .   ? -14.496 -2.249  -7.947  1.000 39.655  ? 1301 HOH AAA O   1 ? 
HETATM 1178 O  O   . HOH L 6 .   ? -14.100 10.398  8.164   1.000 60.335  ? 1302 HOH AAA O   1 ? 
HETATM 1179 O  O   . HOH L 6 .   ? 18.149  -11.037 7.992   1.000 51.523  ? 1303 HOH AAA O   1 ? 
HETATM 1180 O  O   . HOH L 6 .   ? 23.179  -9.108  -1.556  1.000 53.635  ? 1304 HOH AAA O   1 ? 
HETATM 1181 O  O   . HOH L 6 .   ? -3.757  10.273  5.956   1.000 33.000  ? 1305 HOH AAA O   1 ? 
HETATM 1182 O  O   . HOH L 6 .   ? 14.669  0.151   2.511   1.000 55.209  ? 1306 HOH AAA O   1 ? 
HETATM 1183 O  O   . HOH L 6 .   ? 5.096   7.621   -0.740  1.000 42.411  ? 1307 HOH AAA O   1 ? 
HETATM 1184 O  O   . HOH L 6 .   ? -0.174  1.958   14.833  1.000 38.964  ? 1308 HOH AAA O   1 ? 
HETATM 1185 O  O   . HOH L 6 .   ? -22.079 1.284   1.605   1.000 35.117  ? 1309 HOH AAA O   1 ? 
HETATM 1186 O  O   . HOH L 6 .   ? -1.188  -7.798  8.423   1.000 64.637  ? 1310 HOH AAA O   1 ? 
HETATM 1187 O  O   . HOH L 6 .   ? 24.511  -16.601 -5.757  1.000 45.301  ? 1311 HOH AAA O   1 ? 
HETATM 1188 O  O   . HOH L 6 .   ? -12.046 21.669  5.914   1.000 42.537  ? 1312 HOH AAA O   1 ? 
HETATM 1189 O  O   . HOH L 6 .   ? 6.076   -15.548 6.155   1.000 64.117  ? 1313 HOH AAA O   1 ? 
HETATM 1190 O  O   . HOH L 6 .   ? -7.412  23.490  4.185   1.000 38.815  ? 1314 HOH AAA O   1 ? 
HETATM 1191 O  O   . HOH L 6 .   ? 18.607  -11.947 0.859   1.000 44.521  ? 1315 HOH AAA O   1 ? 
HETATM 1192 O  O   . HOH L 6 .   ? -6.979  1.451   -14.877 1.000 39.276  ? 1316 HOH AAA O   1 ? 
HETATM 1193 O  O   . HOH L 6 .   ? 22.357  -14.780 -3.639  1.000 48.233  ? 1317 HOH AAA O   1 ? 
HETATM 1194 O  O   . HOH L 6 .   ? 4.285   -1.553  10.717  1.000 42.498  ? 1318 HOH AAA O   1 ? 
HETATM 1195 O  O   . HOH L 6 .   ? -9.899  -4.415  -0.592  1.000 44.785  ? 1319 HOH AAA O   1 ? 
HETATM 1196 O  O   . HOH L 6 .   ? -10.892 -4.036  8.546   1.000 34.875  ? 1320 HOH AAA O   1 ? 
HETATM 1197 O  O   . HOH L 6 .   ? 19.417  -4.522  2.269   1.000 44.037  ? 1321 HOH AAA O   1 ? 
HETATM 1198 O  O   . HOH L 6 .   ? -4.535  24.994  -1.923  1.000 36.964  ? 1322 HOH AAA O   1 ? 
HETATM 1199 O  O   . HOH L 6 .   ? 11.607  0.069   3.967   1.000 31.944  ? 1323 HOH AAA O   1 ? 
HETATM 1200 O  O   . HOH L 6 .   ? -5.547  -12.261 -2.056  1.000 40.685  ? 1324 HOH AAA O   1 ? 
HETATM 1201 O  O   . HOH L 6 .   ? -11.481 -4.176  -6.988  1.000 44.358  ? 1325 HOH AAA O   1 ? 
HETATM 1202 O  O   . HOH L 6 .   ? 3.053   -6.693  7.655   1.000 36.855  ? 1326 HOH AAA O   1 ? 
HETATM 1203 O  O   . HOH L 6 .   ? 9.234   -7.647  2.569   1.000 32.632  ? 1327 HOH AAA O   1 ? 
HETATM 1204 O  O   . HOH L 6 .   ? 19.101  -14.697 -0.798  1.000 53.390  ? 1328 HOH AAA O   1 ? 
HETATM 1205 O  O   . HOH L 6 .   ? 0.214   -4.658  -13.526 1.000 33.783  ? 1329 HOH AAA O   1 ? 
HETATM 1206 O  O   . HOH L 6 .   ? 7.043   4.923   2.379   1.000 29.930  ? 1330 HOH AAA O   1 ? 
HETATM 1207 O  O   . HOH L 6 .   ? 1.723   -16.365 -6.605  1.000 43.442  ? 1331 HOH AAA O   1 ? 
HETATM 1208 O  O   . HOH L 6 .   ? -6.108  -7.664  -10.333 1.000 36.198  ? 1332 HOH AAA O   1 ? 
HETATM 1209 O  O   . HOH L 6 .   ? -2.342  -12.364 -4.642  1.000 28.728  ? 1333 HOH AAA O   1 ? 
HETATM 1210 O  O   . HOH L 6 .   ? 7.158   -5.920  1.938   1.000 28.442  ? 1334 HOH AAA O   1 ? 
HETATM 1211 O  O   . HOH L 6 .   ? -4.566  -6.228  9.804   1.000 41.403  ? 1335 HOH AAA O   1 ? 
HETATM 1212 O  O   . HOH L 6 .   ? -17.351 16.502  9.985   1.000 49.585  ? 1336 HOH AAA O   1 ? 
HETATM 1213 O  O   . HOH L 6 .   ? -13.626 5.995   -7.748  1.000 21.892  ? 1337 HOH AAA O   1 ? 
HETATM 1214 O  O   . HOH L 6 .   ? -1.254  13.710  2.550   1.000 38.022  ? 1338 HOH AAA O   1 ? 
HETATM 1215 O  O   . HOH L 6 .   ? 6.864   -5.465  4.972   1.000 29.011  ? 1339 HOH AAA O   1 ? 
HETATM 1216 O  O   . HOH L 6 .   ? -15.670 11.817  -7.241  1.000 26.534  ? 1340 HOH AAA O   1 ? 
HETATM 1217 O  O   . HOH L 6 .   ? -3.455  -14.067 1.028   1.000 50.656  ? 1341 HOH AAA O   1 ? 
HETATM 1218 O  O   . HOH L 6 .   ? 14.501  -0.416  0.143   1.000 43.879  ? 1342 HOH AAA O   1 ? 
HETATM 1219 O  O   . HOH L 6 .   ? 3.419   3.356   -12.501 1.000 29.408  ? 1343 HOH AAA O   1 ? 
HETATM 1220 O  O   . HOH L 6 .   ? -20.893 7.903   1.206   0.500 48.352  ? 1344 HOH AAA O   1 ? 
HETATM 1221 O  O   . HOH L 6 .   ? 2.649   3.158   8.071   1.000 37.478  ? 1345 HOH AAA O   1 ? 
HETATM 1222 O  O   . HOH L 6 .   ? 10.327  2.071   8.022   1.000 45.420  ? 1346 HOH AAA O   1 ? 
HETATM 1223 O  O   . HOH L 6 .   ? 0.739   6.705   5.480   1.000 45.809  ? 1347 HOH AAA O   1 ? 
HETATM 1224 O  O   . HOH L 6 .   ? -3.879  8.450   10.282  1.000 49.582  ? 1348 HOH AAA O   1 ? 
HETATM 1225 O  O   . HOH L 6 .   ? -16.719 4.459   9.110   1.000 52.050  ? 1349 HOH AAA O   1 ? 
HETATM 1226 O  O   . HOH L 6 .   ? 11.125  -15.336 -4.418  1.000 48.180  ? 1350 HOH AAA O   1 ? 
HETATM 1227 O  O   . HOH L 6 .   ? 17.320  -2.905  10.094  1.000 67.374  ? 1351 HOH AAA O   1 ? 
HETATM 1228 O  O   . HOH L 6 .   ? 3.343   1.928   13.554  1.000 53.146  ? 1352 HOH AAA O   1 ? 
HETATM 1229 O  O   . HOH L 6 .   ? -11.004 2.330   -7.264  1.000 34.749  ? 1353 HOH AAA O   1 ? 
HETATM 1230 O  O   . HOH L 6 .   ? 7.474   -13.287 -4.357  1.000 42.338  ? 1354 HOH AAA O   1 ? 
HETATM 1231 O  O   . HOH L 6 .   ? 14.397  -14.549 -10.505 1.000 25.452  ? 1355 HOH AAA O   1 ? 
HETATM 1232 O  O   . HOH L 6 .   ? 19.675  -4.984  -4.310  1.000 47.842  ? 1356 HOH AAA O   1 ? 
HETATM 1233 O  O   . HOH L 6 .   ? 14.402  -8.501  -13.960 1.000 40.053  ? 1357 HOH AAA O   1 ? 
HETATM 1234 O  O   . HOH L 6 .   ? -0.400  5.821   8.378   1.000 57.232  ? 1358 HOH AAA O   1 ? 
HETATM 1235 O  O   . HOH L 6 .   ? 17.757  -4.052  -2.871  1.000 42.148  ? 1359 HOH AAA O   1 ? 
HETATM 1236 O  O   . HOH L 6 .   ? -7.884  8.030   -17.274 1.000 50.362  ? 1360 HOH AAA O   1 ? 
HETATM 1237 O  O   . HOH L 6 .   ? -15.219 8.706   -13.454 1.000 46.790  ? 1361 HOH AAA O   1 ? 
HETATM 1238 O  O   . HOH L 6 .   ? 10.073  -2.178  14.864  1.000 43.859  ? 1362 HOH AAA O   1 ? 
HETATM 1239 O  O   . HOH L 6 .   ? 16.752  -17.151 -2.289  1.000 56.272  ? 1363 HOH AAA O   1 ? 
HETATM 1240 O  O   . HOH L 6 .   ? -16.086 9.485   6.623   1.000 33.315  ? 1364 HOH AAA O   1 ? 
HETATM 1241 O  O   . HOH L 6 .   ? -14.410 -0.494  -2.501  1.000 20.236  ? 1365 HOH AAA O   1 ? 
HETATM 1242 O  O   . HOH L 6 .   ? -0.886  -11.773 -12.484 1.000 49.679  ? 1366 HOH AAA O   1 ? 
HETATM 1243 O  O   . HOH L 6 .   ? -7.421  -6.938  6.507   1.000 35.981  ? 1367 HOH AAA O   1 ? 
HETATM 1244 O  O   . HOH L 6 .   ? -6.457  20.465  -7.888  1.000 38.793  ? 1368 HOH AAA O   1 ? 
HETATM 1245 O  O   . HOH L 6 .   ? -12.291 6.216   -10.022 1.000 26.942  ? 1369 HOH AAA O   1 ? 
HETATM 1246 O  O   . HOH L 6 .   ? -7.604  14.356  -12.714 1.000 39.534  ? 1370 HOH AAA O   1 ? 
HETATM 1247 O  O   . HOH L 6 .   ? -16.430 14.986  -2.340  1.000 35.209  ? 1371 HOH AAA O   1 ? 
HETATM 1248 O  O   . HOH L 6 .   ? 6.739   -9.727  -11.544 1.000 27.634  ? 1372 HOH AAA O   1 ? 
HETATM 1249 O  O   . HOH L 6 .   ? 3.142   9.152   -0.960  1.000 36.020  ? 1373 HOH AAA O   1 ? 
HETATM 1250 O  O   . HOH L 6 .   ? 9.357   -4.785  13.247  1.000 49.625  ? 1374 HOH AAA O   1 ? 
HETATM 1251 O  O   . HOH L 6 .   ? 5.452   -8.890  8.432   1.000 57.429  ? 1375 HOH AAA O   1 ? 
HETATM 1252 O  O   . HOH L 6 .   ? -6.638  -2.897  -12.981 1.000 48.290  ? 1376 HOH AAA O   1 ? 
HETATM 1253 O  O   . HOH L 6 .   ? -4.018  16.390  -6.801  1.000 43.788  ? 1377 HOH AAA O   1 ? 
HETATM 1254 O  O   . HOH L 6 .   ? 8.726   -4.880  -12.038 1.000 35.190  ? 1378 HOH AAA O   1 ? 
HETATM 1255 O  O   . HOH L 6 .   ? 20.869  -8.186  -8.252  1.000 40.699  ? 1379 HOH AAA O   1 ? 
HETATM 1256 O  O   . HOH L 6 .   ? 9.199   3.555   1.611   1.000 34.408  ? 1380 HOH AAA O   1 ? 
HETATM 1257 O  O   . HOH L 6 .   ? 21.403  -10.189 2.090   1.000 51.594  ? 1381 HOH AAA O   1 ? 
HETATM 1258 O  O   . HOH L 6 .   ? 4.622   -7.140  2.327   1.000 27.519  ? 1382 HOH AAA O   1 ? 
HETATM 1259 O  O   . HOH L 6 .   ? 22.147  -7.865  -5.769  1.000 43.907  ? 1383 HOH AAA O   1 ? 
HETATM 1260 O  O   . HOH L 6 .   ? -3.191  17.067  -4.445  1.000 50.099  ? 1384 HOH AAA O   1 ? 
HETATM 1261 O  O   . HOH L 6 .   ? 11.910  -13.332 1.869   1.000 48.769  ? 1385 HOH AAA O   1 ? 
HETATM 1262 O  O   . HOH L 6 .   ? 3.931   -13.301 -4.757  1.000 31.118  ? 1386 HOH AAA O   1 ? 
HETATM 1263 O  O   . HOH L 6 .   ? -13.747 12.304  -11.988 1.000 39.091  ? 1387 HOH AAA O   1 ? 
HETATM 1264 O  O   . HOH L 6 .   ? 4.120   5.006   5.517   1.000 44.765  ? 1388 HOH AAA O   1 ? 
HETATM 1265 O  O   . HOH L 6 .   ? -3.528  -12.856 -11.158 1.000 38.565  ? 1389 HOH AAA O   1 ? 
HETATM 1266 O  O   . HOH L 6 .   ? -17.892 21.555  4.084   1.000 62.951  ? 1390 HOH AAA O   1 ? 
HETATM 1267 O  O   . HOH L 6 .   ? 3.543   -5.140  -14.689 1.000 46.189  ? 1391 HOH AAA O   1 ? 
HETATM 1268 O  O   . HOH L 6 .   ? 16.634  -12.294 2.266   1.000 62.074  ? 1392 HOH AAA O   1 ? 
HETATM 1269 O  O   . HOH L 6 .   ? -24.253 12.150  3.783   1.000 64.008  ? 1393 HOH AAA O   1 ? 
HETATM 1270 O  O   . HOH L 6 .   ? -4.107  12.898  8.644   1.000 56.639  ? 1394 HOH AAA O   1 ? 
HETATM 1271 O  O   . HOH L 6 .   ? -13.815 10.809  -9.376  1.000 39.152  ? 1395 HOH AAA O   1 ? 
HETATM 1272 O  O   . HOH L 6 .   ? 6.752   -3.017  -12.950 1.000 48.559  ? 1396 HOH AAA O   1 ? 
HETATM 1273 O  O   . HOH L 6 .   ? 19.261  -14.303 -10.544 1.000 29.168  ? 1397 HOH AAA O   1 ? 
HETATM 1274 O  O   . HOH L 6 .   ? -1.628  7.539   7.323   1.000 48.360  ? 1398 HOH AAA O   1 ? 
HETATM 1275 O  O   . HOH L 6 .   ? -17.441 8.548   -7.806  1.000 23.122  ? 1399 HOH AAA O   1 ? 
HETATM 1276 O  O   . HOH L 6 .   ? 0.137   8.062   -9.838  1.000 33.522  ? 1400 HOH AAA O   1 ? 
HETATM 1277 O  O   . HOH L 6 .   ? 9.017   2.305   -2.723  1.000 38.222  ? 1401 HOH AAA O   1 ? 
HETATM 1278 O  O   . HOH L 6 .   ? -8.608  5.447   5.575   1.000 22.218  ? 1402 HOH AAA O   1 ? 
HETATM 1279 O  O   . HOH L 6 .   ? 5.408   -8.372  -13.583 1.000 29.646  ? 1403 HOH AAA O   1 ? 
HETATM 1280 O  O   . HOH L 6 .   ? 10.591  -0.689  7.583   1.000 29.715  ? 1404 HOH AAA O   1 ? 
HETATM 1281 O  O   . HOH L 6 .   ? -3.914  -14.873 -1.555  1.000 57.775  ? 1405 HOH AAA O   1 ? 
HETATM 1282 O  O   . HOH L 6 .   ? 17.238  -18.323 -5.580  1.000 44.176  ? 1406 HOH AAA O   1 ? 
HETATM 1283 O  O   . HOH L 6 .   ? 4.664   -9.278  3.882   1.000 38.995  ? 1407 HOH AAA O   1 ? 
HETATM 1284 O  O   . HOH L 6 .   ? 14.407  -15.225 -1.791  1.000 53.487  ? 1408 HOH AAA O   1 ? 
HETATM 1285 O  O   . HOH L 6 .   ? -1.713  5.009   -15.811 1.000 41.969  ? 1409 HOH AAA O   1 ? 
HETATM 1286 O  O   . HOH L 6 .   ? -22.619 19.087  7.922   1.000 56.958  ? 1410 HOH AAA O   1 ? 
HETATM 1287 O  O   . HOH L 6 .   ? 7.618   5.084   -5.595  1.000 50.446  ? 1411 HOH AAA O   1 ? 
HETATM 1288 O  O   . HOH L 6 .   ? 21.928  -18.870 -9.062  1.000 51.748  ? 1412 HOH AAA O   1 ? 
HETATM 1289 O  O   . HOH L 6 .   ? -5.550  -14.547 -6.379  1.000 53.296  ? 1413 HOH AAA O   1 ? 
HETATM 1290 O  O   . HOH L 6 .   ? -10.827 7.942   6.222   1.000 26.572  ? 1414 HOH AAA O   1 ? 
HETATM 1291 O  O   . HOH L 6 .   ? -7.487  -4.444  -11.983 1.000 36.111  ? 1415 HOH AAA O   1 ? 
HETATM 1292 O  O   . HOH L 6 .   ? -3.386  -7.863  8.815   1.000 51.604  ? 1416 HOH AAA O   1 ? 
HETATM 1293 O  O   . HOH L 6 .   ? -15.550 22.515  7.087   1.000 50.685  ? 1417 HOH AAA O   1 ? 
HETATM 1294 O  O   . HOH L 6 .   ? -14.720 2.517   7.551   1.000 42.188  ? 1418 HOH AAA O   1 ? 
HETATM 1295 O  O   . HOH L 6 .   ? -7.188  10.424  -13.747 1.000 49.411  ? 1419 HOH AAA O   1 ? 
HETATM 1296 O  O   . HOH L 6 .   ? -9.598  22.434  -10.592 1.000 57.083  ? 1420 HOH AAA O   1 ? 
HETATM 1297 O  O   . HOH L 6 .   ? 18.229  -11.234 13.180  1.000 58.967  ? 1421 HOH AAA O   1 ? 
HETATM 1298 O  O   . HOH L 6 .   ? -11.763 17.396  -12.237 1.000 47.380  ? 1422 HOH AAA O   1 ? 
HETATM 1299 O  O   . HOH L 6 .   ? -9.763  -2.481  10.503  1.000 34.432  ? 1423 HOH AAA O   1 ? 
HETATM 1300 O  O   . HOH L 6 .   ? -3.173  -5.837  -10.278 1.000 35.731  ? 1424 HOH AAA O   1 ? 
HETATM 1301 O  O   . HOH L 6 .   ? 6.861   -4.648  14.079  1.000 48.247  ? 1425 HOH AAA O   1 ? 
HETATM 1302 O  O   . HOH L 6 .   ? 13.342  -1.163  8.203   1.000 38.349  ? 1426 HOH AAA O   1 ? 
HETATM 1303 O  O   . HOH L 6 .   ? -14.771 0.432   9.519   1.000 39.997  ? 1427 HOH AAA O   1 ? 
HETATM 1304 O  O   . HOH L 6 .   ? 10.138  -10.204 2.170   1.000 42.442  ? 1428 HOH AAA O   1 ? 
HETATM 1305 O  O   . HOH L 6 .   ? 3.240   9.398   -3.476  1.000 42.301  ? 1429 HOH AAA O   1 ? 
HETATM 1306 O  O   . HOH L 6 .   ? -13.009 3.324   12.049  1.000 48.491  ? 1430 HOH AAA O   1 ? 
HETATM 1307 O  O   . HOH L 6 .   ? -4.576  -9.037  1.446   1.000 39.617  ? 1431 HOH AAA O   1 ? 
HETATM 1308 O  O   . HOH L 6 .   ? 24.369  -10.909 -3.995  1.000 36.008  ? 1432 HOH AAA O   1 ? 
HETATM 1309 O  O   . HOH L 6 .   ? -17.804 21.012  10.350  1.000 62.023  ? 1433 HOH AAA O   1 ? 
HETATM 1310 O  O   . HOH L 6 .   ? -8.016  4.731   14.148  1.000 76.881  ? 1434 HOH AAA O   1 ? 
HETATM 1311 O  O   . HOH L 6 .   ? -11.392 11.810  9.492   1.000 68.582  ? 1435 HOH AAA O   1 ? 
HETATM 1312 O  O   . HOH L 6 .   ? -3.745  13.571  -7.997  1.000 44.410  ? 1436 HOH AAA O   1 ? 
HETATM 1313 O  O   . HOH L 6 .   ? -8.904  16.811  -12.763 1.000 54.098  ? 1437 HOH AAA O   1 ? 
HETATM 1314 O  O   . HOH L 6 .   ? 18.282  -9.156  4.785   1.000 56.741  ? 1438 HOH AAA O   1 ? 
HETATM 1315 O  O   . HOH L 6 .   ? -6.021  -6.958  1.106   1.000 46.423  ? 1439 HOH AAA O   1 ? 
HETATM 1316 O  O   . HOH L 6 .   ? -8.138  0.466   -17.069 1.000 48.439  ? 1440 HOH AAA O   1 ? 
HETATM 1317 O  O   . HOH L 6 .   ? -12.593 9.570   11.484  1.000 56.713  ? 1441 HOH AAA O   1 ? 
HETATM 1318 O  O   . HOH L 6 .   ? -6.923  -12.212 -10.667 1.000 64.080  ? 1442 HOH AAA O   1 ? 
HETATM 1319 O  O   . HOH L 6 .   ? 14.876  -1.070  16.607  1.000 44.257  ? 1443 HOH AAA O   1 ? 
HETATM 1320 O  O   . HOH L 6 .   ? 10.859  1.418   -3.958  1.000 51.641  ? 1444 HOH AAA O   1 ? 
HETATM 1321 O  O   . HOH L 6 .   ? 3.848   -3.020  -13.170 1.000 40.575  ? 1445 HOH AAA O   1 ? 
HETATM 1322 O  O   . HOH L 6 .   ? -2.499  2.734   -16.788 1.000 56.693  ? 1446 HOH AAA O   1 ? 
HETATM 1323 O  O   . HOH L 6 .   ? -3.285  -14.856 -5.073  1.000 46.903  ? 1447 HOH AAA O   1 ? 
HETATM 1324 O  O   . HOH L 6 .   ? -9.440  -6.229  7.648   1.000 49.267  ? 1448 HOH AAA O   1 ? 
HETATM 1325 O  O   . HOH L 6 .   ? -1.567  10.075  -9.873  1.000 50.082  ? 1449 HOH AAA O   1 ? 
HETATM 1326 O  O   . HOH L 6 .   ? 7.100   -10.504 1.976   1.000 65.931  ? 1450 HOH AAA O   1 ? 
HETATM 1327 O  O   . HOH L 6 .   ? -13.327 -3.089  -2.832  1.000 32.413  ? 1451 HOH AAA O   1 ? 
HETATM 1328 O  O   . HOH L 6 .   ? 5.245   -7.733  6.326   1.000 38.671  ? 1452 HOH AAA O   1 ? 
HETATM 1329 O  O   . HOH L 6 .   ? 3.691   -16.147 -4.905  1.000 43.933  ? 1453 HOH AAA O   1 ? 
HETATM 1330 O  O   . HOH L 6 .   ? -11.668 9.826   8.067   1.000 36.459  ? 1454 HOH AAA O   1 ? 
HETATM 1331 O  O   . HOH L 6 .   ? 2.339   -0.689  -14.276 1.000 43.352  ? 1455 HOH AAA O   1 ? 
HETATM 1332 O  O   . HOH L 6 .   ? -7.256  24.686  6.692   1.000 56.894  ? 1456 HOH AAA O   1 ? 
HETATM 1333 O  O   . HOH L 6 .   ? -12.383 5.463   12.935  1.000 63.846  ? 1457 HOH AAA O   1 ? 
HETATM 1334 O  O   . HOH L 6 .   ? 7.251   7.143   0.860   1.000 37.040  ? 1458 HOH AAA O   1 ? 
HETATM 1335 O  O   . HOH L 6 .   ? 2.057   5.559   -13.391 1.000 35.400  ? 1459 HOH AAA O   1 ? 
HETATM 1336 O  O   . HOH L 6 .   ? 2.563   -17.004 -9.151  1.000 49.040  ? 1460 HOH AAA O   1 ? 
HETATM 1337 O  O   . HOH L 6 .   ? -12.082 -1.230  11.539  1.000 34.612  ? 1461 HOH AAA O   1 ? 
HETATM 1338 O  O   . HOH L 6 .   ? 19.564  -18.971 -4.309  1.000 57.580  ? 1462 HOH AAA O   1 ? 
HETATM 1339 O  O   . HOH L 6 .   ? -5.721  -11.290 0.336   1.000 52.476  ? 1463 HOH AAA O   1 ? 
HETATM 1340 O  O   . HOH L 6 .   ? -10.325 -7.691  2.975   1.000 57.871  ? 1464 HOH AAA O   1 ? 
HETATM 1341 O  O   . HOH L 6 .   ? 1.892   7.503   -17.414 1.000 66.328  ? 1465 HOH AAA O   1 ? 
HETATM 1342 O  O   . HOH L 6 .   ? 0.747   -15.571 1.979   1.000 61.723  ? 1466 HOH AAA O   1 ? 
HETATM 1343 O  O   . HOH L 6 .   ? 3.675   1.697   -14.868 1.000 46.515  ? 1467 HOH AAA O   1 ? 
HETATM 1344 O  O   . HOH L 6 .   ? 23.569  -7.042  0.500   1.000 51.293  ? 1468 HOH AAA O   1 ? 
HETATM 1345 O  O   . HOH L 6 .   ? 6.383   -6.063  -14.231 1.000 36.061  ? 1469 HOH AAA O   1 ? 
HETATM 1346 O  O   . HOH L 6 .   ? 2.206   -5.139  -16.285 1.000 63.213  ? 1470 HOH AAA O   1 ? 
HETATM 1347 O  O   . HOH L 6 .   ? 9.991   4.414   -0.938  1.000 50.396  ? 1471 HOH AAA O   1 ? 
HETATM 1348 O  O   . HOH L 6 .   ? -11.398 -4.437  1.596   1.000 52.750  ? 1472 HOH AAA O   1 ? 
HETATM 1349 O  O   . HOH L 6 .   ? 6.805   5.426   5.223   1.000 46.643  ? 1473 HOH AAA O   1 ? 
HETATM 1350 O  O   . HOH L 6 .   ? 8.258   -15.333 -2.960  1.000 48.585  ? 1474 HOH AAA O   1 ? 
HETATM 1351 O  O   . HOH L 6 .   ? -13.489 3.355   -6.673  1.000 21.763  ? 1475 HOH AAA O   1 ? 
HETATM 1352 O  O   . HOH L 6 .   ? 12.300  -16.208 -1.799  1.000 61.781  ? 1476 HOH AAA O   1 ? 
HETATM 1353 O  O   . HOH L 6 .   ? 2.313   7.951   -11.816 1.000 41.357  ? 1477 HOH AAA O   1 ? 
HETATM 1354 O  O   . HOH L 6 .   ? -5.134  23.652  2.794   1.000 46.370  ? 1478 HOH AAA O   1 ? 
HETATM 1355 O  O   . HOH L 6 .   ? -12.339 -6.526  5.249   1.000 56.028  ? 1479 HOH AAA O   1 ? 
HETATM 1356 O  O   . HOH L 6 .   ? 3.203   -16.738 -1.777  1.000 51.123  ? 1480 HOH AAA O   1 ? 
HETATM 1357 O  O   . HOH L 6 .   ? -2.801  7.403   -17.158 1.000 54.015  ? 1481 HOH AAA O   1 ? 
HETATM 1358 O  O   . HOH L 6 .   ? 13.979  0.631   -8.295  1.000 69.825  ? 1482 HOH AAA O   1 ? 
HETATM 1359 O  O   . HOH L 6 .   ? 0.888   -14.019 -12.620 1.000 50.170  ? 1483 HOH AAA O   1 ? 
HETATM 1360 O  O   . HOH L 6 .   ? 0.160   -0.955  -14.845 1.000 50.489  ? 1484 HOH AAA O   1 ? 
HETATM 1361 O  O   . HOH L 6 .   ? 11.592  2.675   5.334   1.000 42.796  ? 1485 HOH AAA O   1 ? 
HETATM 1362 O  O   . HOH L 6 .   ? 16.898  -13.641 -11.629 1.000 30.296  ? 1486 HOH AAA O   1 ? 
HETATM 1363 O  O   . HOH L 6 .   ? -7.705  -8.152  3.702   1.000 57.085  ? 1487 HOH AAA O   1 ? 
HETATM 1364 O  O   . HOH L 6 .   ? 2.046   -10.460 12.015  1.000 65.803  ? 1488 HOH AAA O   1 ? 
HETATM 1365 O  O   . HOH L 6 .   ? 13.465  1.386   -1.895  1.000 47.306  ? 1489 HOH AAA O   1 ? 
HETATM 1366 O  O   . HOH L 6 .   ? 0.945   5.213   -15.718 1.000 41.333  ? 1490 HOH AAA O   1 ? 
HETATM 1367 O  O   . HOH L 6 .   ? -12.874 -0.136  13.695  1.000 41.091  ? 1491 HOH AAA O   1 ? 
HETATM 1368 O  O   . HOH L 6 .   ? -3.246  -2.154  -13.942 1.000 52.836  ? 1492 HOH AAA O   1 ? 
HETATM 1369 O  O   . HOH L 6 .   ? -8.833  -14.162 -4.554  1.000 63.991  ? 1493 HOH AAA O   1 ? 
HETATM 1370 O  O   . HOH L 6 .   ? -4.264  -4.389  -12.073 1.000 43.944  ? 1494 HOH AAA O   1 ? 
HETATM 1371 O  O   . HOH L 6 .   ? 2.016   2.917   -16.628 1.000 50.862  ? 1495 HOH AAA O   1 ? 
HETATM 1372 O  O   . HOH L 6 .   ? -0.003  1.141   -17.214 1.000 51.529  ? 1496 HOH AAA O   1 ? 
HETATM 1373 O  O   . HOH L 6 .   ? 8.523   -15.377 -0.261  1.000 53.827  ? 1497 HOH AAA O   1 ? 
# 
